data_8GQF
#
_entry.id   8GQF
#
_cell.length_a   50.562
_cell.length_b   82.266
_cell.length_c   97.739
_cell.angle_alpha   90.010
_cell.angle_beta   75.000
_cell.angle_gamma   89.950
#
_symmetry.space_group_name_H-M   'P 1'
#
loop_
_entity.id
_entity.type
_entity.pdbx_description
1 polymer Thiolase
2 non-polymer GLYCEROL
3 water water
#
_entity_poly.entity_id   1
_entity_poly.type   'polypeptide(L)'
_entity_poly.pdbx_seq_one_letter_code
;MGSSHHHHHHSSGLVPRGSHMSPISVVIAGYARSPFHFARKGALVDIRPDDLAAAVLKGLVEKLDLDPALLEDVVMGCAY
PEAEQGMNIARIASFRAGFPQSLGGATLNRFCGSSMSAVHYAAGQVLLGAGEAFIAAGVESMTRVPMGGFNLSPNPALLQ
DYPAVYMSMGQTAENVAERYAVSRVEQEEMAVRSHAKAVAAREAGLLREEIVAIDTPAGRVAEDGCIRPGTNLESLAQLK
PAFGGSVTAATSSPLTDGSAALLVCSEDFARRHGLVILARIKAVAVAGCAPEIMGMGPVQATRKVLQRAGLGIADIDLVE
INEAFASQSIACIRELGLDMDRINLDGGALAIGHPLGATGARITGKAAALLRRTGGRYAIATQCIAGGQGVATLLEAVEL
EHHHHHH
;
_entity_poly.pdbx_strand_id   A,B,C,D
#
loop_
_chem_comp.id
_chem_comp.type
_chem_comp.name
_chem_comp.formula
GOL non-polymer GLYCEROL 'C3 H8 O3'
#
# COMPACT_ATOMS: atom_id res chain seq x y z
N MET A 21 27.29 19.59 37.60
CA MET A 21 26.68 19.53 36.24
C MET A 21 27.13 18.24 35.51
N SER A 22 26.15 17.44 35.08
CA SER A 22 26.33 16.04 34.57
C SER A 22 25.24 15.70 33.57
N PRO A 23 25.56 14.94 32.50
CA PRO A 23 24.52 14.50 31.56
C PRO A 23 23.63 13.50 32.31
N ILE A 24 22.34 13.46 32.02
CA ILE A 24 21.45 12.36 32.48
C ILE A 24 21.88 11.13 31.70
N SER A 25 22.23 10.07 32.40
CA SER A 25 22.69 8.82 31.78
C SER A 25 21.87 7.66 32.36
N VAL A 26 21.11 6.99 31.53
CA VAL A 26 20.36 5.77 31.94
C VAL A 26 21.08 4.61 31.30
N VAL A 27 21.45 3.62 32.10
CA VAL A 27 22.28 2.47 31.68
C VAL A 27 21.55 1.17 32.04
N ILE A 28 21.92 0.11 31.33
CA ILE A 28 21.58 -1.28 31.71
C ILE A 28 22.79 -1.80 32.46
N ALA A 29 22.63 -2.15 33.72
CA ALA A 29 23.73 -2.63 34.60
C ALA A 29 23.41 -4.03 35.15
N GLY A 30 22.61 -4.80 34.43
CA GLY A 30 22.42 -6.22 34.77
C GLY A 30 21.49 -6.87 33.78
N TYR A 31 21.73 -8.14 33.47
CA TYR A 31 20.89 -8.89 32.52
C TYR A 31 20.95 -10.36 32.92
N ALA A 32 19.80 -10.89 33.28
CA ALA A 32 19.63 -12.29 33.67
C ALA A 32 18.37 -12.86 33.03
N ARG A 33 18.31 -14.18 32.91
CA ARG A 33 17.08 -14.82 32.40
C ARG A 33 17.09 -16.28 32.83
N SER A 34 15.91 -16.92 32.87
CA SER A 34 15.83 -18.39 32.92
C SER A 34 16.43 -18.95 31.63
N PRO A 35 16.75 -20.26 31.58
CA PRO A 35 16.81 -20.93 30.29
C PRO A 35 15.39 -20.81 29.70
N PHE A 36 15.28 -20.87 28.39
CA PHE A 36 13.97 -20.85 27.70
C PHE A 36 13.65 -22.28 27.26
N HIS A 37 12.44 -22.73 27.48
CA HIS A 37 12.05 -24.13 27.15
C HIS A 37 10.82 -24.13 26.24
N PHE A 38 10.69 -25.15 25.37
CA PHE A 38 9.43 -25.38 24.63
C PHE A 38 8.31 -25.48 25.65
N ALA A 39 7.20 -24.83 25.31
CA ALA A 39 5.91 -24.91 26.00
C ALA A 39 5.41 -26.35 25.82
N ARG A 40 4.73 -26.86 26.85
CA ARG A 40 4.03 -28.18 26.84
C ARG A 40 4.99 -29.39 26.89
N LYS A 41 6.14 -29.40 26.19
CA LYS A 41 7.07 -30.56 26.17
C LYS A 41 8.42 -30.22 26.80
N GLY A 42 8.61 -28.99 27.30
CA GLY A 42 9.93 -28.56 27.80
C GLY A 42 10.10 -28.72 29.30
N ALA A 43 11.26 -28.29 29.79
CA ALA A 43 11.76 -28.51 31.17
C ALA A 43 11.02 -27.62 32.20
N LEU A 44 10.30 -26.58 31.78
CA LEU A 44 9.70 -25.60 32.72
C LEU A 44 8.19 -25.75 32.85
N VAL A 45 7.58 -26.83 32.33
CA VAL A 45 6.10 -26.98 32.31
C VAL A 45 5.49 -26.97 33.72
N ASP A 46 6.23 -27.41 34.73
CA ASP A 46 5.72 -27.52 36.11
C ASP A 46 5.93 -26.23 36.91
N ILE A 47 6.58 -25.19 36.35
CA ILE A 47 6.87 -23.95 37.12
C ILE A 47 5.84 -22.86 36.78
N ARG A 48 5.17 -22.36 37.81
CA ARG A 48 4.22 -21.24 37.74
C ARG A 48 4.98 -20.04 37.20
N PRO A 49 4.40 -19.24 36.27
CA PRO A 49 5.10 -18.08 35.73
C PRO A 49 5.52 -17.09 36.83
N ASP A 50 4.72 -16.89 37.86
CA ASP A 50 5.01 -15.99 39.02
C ASP A 50 6.25 -16.54 39.75
N ASP A 51 6.31 -17.87 39.97
CA ASP A 51 7.50 -18.54 40.55
C ASP A 51 8.71 -18.40 39.62
N LEU A 52 8.52 -18.47 38.30
CA LEU A 52 9.68 -18.46 37.38
C LEU A 52 10.25 -17.03 37.35
N ALA A 53 9.34 -16.06 37.31
CA ALA A 53 9.68 -14.63 37.29
C ALA A 53 10.45 -14.33 38.58
N ALA A 54 9.94 -14.82 39.71
CA ALA A 54 10.59 -14.61 41.04
C ALA A 54 12.03 -15.14 41.00
N ALA A 55 12.22 -16.35 40.48
CA ALA A 55 13.53 -17.05 40.41
C ALA A 55 14.55 -16.14 39.71
N VAL A 56 14.14 -15.47 38.63
CA VAL A 56 15.00 -14.62 37.76
C VAL A 56 15.27 -13.29 38.45
N LEU A 57 14.23 -12.69 39.07
CA LEU A 57 14.39 -11.45 39.90
C LEU A 57 15.45 -11.71 40.96
N LYS A 58 15.31 -12.83 41.68
CA LYS A 58 16.24 -13.18 42.78
C LYS A 58 17.62 -13.45 42.15
N GLY A 59 17.68 -14.13 41.00
CA GLY A 59 18.95 -14.46 40.33
C GLY A 59 19.70 -13.23 39.92
N LEU A 60 18.97 -12.23 39.42
CA LEU A 60 19.61 -11.01 38.90
C LEU A 60 20.30 -10.32 40.06
N VAL A 61 19.57 -10.08 41.13
CA VAL A 61 20.14 -9.25 42.24
C VAL A 61 21.26 -10.05 42.94
N GLU A 62 21.18 -11.38 42.98
CA GLU A 62 22.31 -12.21 43.48
C GLU A 62 23.52 -12.14 42.55
N LYS A 63 23.38 -12.20 41.22
CA LYS A 63 24.52 -12.05 40.27
C LYS A 63 25.20 -10.69 40.53
N LEU A 64 24.43 -9.66 40.88
CA LEU A 64 24.94 -8.27 41.02
C LEU A 64 25.45 -8.03 42.44
N ASP A 65 25.16 -8.92 43.39
CA ASP A 65 25.32 -8.75 44.86
C ASP A 65 24.67 -7.41 45.26
N LEU A 66 23.46 -7.17 44.76
CA LEU A 66 22.76 -5.88 44.93
C LEU A 66 21.63 -6.07 45.94
N ASP A 67 21.53 -5.15 46.91
CA ASP A 67 20.42 -5.14 47.89
C ASP A 67 19.13 -4.74 47.18
N PRO A 68 18.09 -5.60 47.05
CA PRO A 68 16.85 -5.19 46.38
C PRO A 68 16.11 -4.01 47.04
N ALA A 69 16.41 -3.69 48.29
CA ALA A 69 15.82 -2.52 48.97
C ALA A 69 16.26 -1.25 48.24
N LEU A 70 17.32 -1.29 47.42
CA LEU A 70 17.80 -0.10 46.67
C LEU A 70 16.90 0.17 45.45
N LEU A 71 16.00 -0.77 45.11
CA LEU A 71 15.18 -0.64 43.89
C LEU A 71 13.92 0.20 44.16
N GLU A 72 13.56 1.01 43.18
CA GLU A 72 12.31 1.80 43.25
C GLU A 72 11.10 0.91 42.93
N ASP A 73 11.20 0.01 41.96
CA ASP A 73 9.99 -0.53 41.29
C ASP A 73 10.48 -1.71 40.46
N VAL A 74 9.60 -2.70 40.32
CA VAL A 74 9.69 -3.83 39.39
C VAL A 74 8.59 -3.61 38.34
N VAL A 75 8.98 -3.57 37.08
CA VAL A 75 8.04 -3.46 35.94
C VAL A 75 8.19 -4.74 35.12
N MET A 76 7.10 -5.50 35.10
CA MET A 76 7.04 -6.88 34.54
C MET A 76 6.17 -6.91 33.28
N GLY A 77 6.78 -7.29 32.16
CA GLY A 77 6.12 -7.46 30.86
C GLY A 77 5.38 -8.80 30.90
N CYS A 78 4.19 -8.87 30.34
CA CYS A 78 3.41 -10.13 30.26
C CYS A 78 2.29 -9.94 29.23
N ALA A 79 2.28 -10.76 28.16
CA ALA A 79 1.30 -10.66 27.05
C ALA A 79 -0.11 -11.08 27.52
N TYR A 80 -0.22 -12.05 28.43
CA TYR A 80 -1.53 -12.57 28.94
C TYR A 80 -1.60 -12.54 30.47
N PRO A 81 -1.82 -11.36 31.08
CA PRO A 81 -1.72 -11.19 32.52
C PRO A 81 -3.05 -11.53 33.21
N GLU A 82 -3.25 -12.84 33.24
CA GLU A 82 -4.48 -13.47 33.79
C GLU A 82 -4.10 -14.85 34.35
N ALA A 83 -4.99 -15.42 35.17
CA ALA A 83 -4.81 -16.79 35.70
C ALA A 83 -3.51 -16.80 36.50
N GLU A 84 -2.59 -17.72 36.27
CA GLU A 84 -1.30 -17.74 37.04
C GLU A 84 -0.44 -16.49 36.74
N GLN A 85 -0.71 -15.77 35.64
CA GLN A 85 -0.01 -14.48 35.29
C GLN A 85 -0.84 -13.25 35.74
N GLY A 86 -1.91 -13.44 36.49
CA GLY A 86 -2.76 -12.35 37.01
C GLY A 86 -2.30 -11.77 38.34
N MET A 87 -3.13 -10.91 38.91
CA MET A 87 -3.04 -10.30 40.26
C MET A 87 -1.78 -9.42 40.36
N ASN A 88 -1.38 -8.81 39.24
CA ASN A 88 -0.19 -7.93 39.13
C ASN A 88 1.06 -8.77 39.38
N ILE A 89 1.41 -9.60 38.41
CA ILE A 89 2.49 -10.61 38.53
C ILE A 89 3.79 -9.88 38.92
N ALA A 90 4.00 -8.63 38.51
CA ALA A 90 5.20 -7.90 38.93
C ALA A 90 5.27 -7.94 40.46
N ARG A 91 4.17 -7.59 41.16
CA ARG A 91 4.14 -7.46 42.65
C ARG A 91 4.20 -8.86 43.27
N ILE A 92 3.42 -9.80 42.74
CA ILE A 92 3.49 -11.23 43.22
C ILE A 92 4.92 -11.79 43.13
N ALA A 93 5.56 -11.69 41.98
CA ALA A 93 6.93 -12.18 41.74
C ALA A 93 7.88 -11.53 42.76
N SER A 94 7.76 -10.21 42.95
CA SER A 94 8.63 -9.42 43.85
C SER A 94 8.52 -10.00 45.28
N PHE A 95 7.30 -10.27 45.76
CA PHE A 95 7.04 -10.88 47.07
C PHE A 95 7.68 -12.26 47.12
N ARG A 96 7.43 -13.05 46.08
CA ARG A 96 7.89 -14.45 45.99
C ARG A 96 9.44 -14.48 45.96
N ALA A 97 10.11 -13.45 45.44
CA ALA A 97 11.59 -13.37 45.34
C ALA A 97 12.20 -12.98 46.68
N GLY A 98 11.33 -12.61 47.63
CA GLY A 98 11.68 -12.14 48.98
C GLY A 98 12.08 -10.69 48.99
N PHE A 99 11.67 -9.88 48.01
CA PHE A 99 12.07 -8.44 47.95
C PHE A 99 11.22 -7.68 48.94
N PRO A 100 11.75 -6.55 49.45
CA PRO A 100 11.05 -5.71 50.39
C PRO A 100 9.72 -5.14 49.86
N GLN A 101 8.79 -4.88 50.79
CA GLN A 101 7.46 -4.35 50.41
C GLN A 101 7.59 -2.90 49.95
N SER A 102 8.70 -2.22 50.23
CA SER A 102 8.91 -0.81 49.84
C SER A 102 8.97 -0.63 48.30
N LEU A 103 9.33 -1.67 47.53
CA LEU A 103 9.35 -1.57 46.04
C LEU A 103 7.93 -1.32 45.51
N GLY A 104 7.81 -0.60 44.40
CA GLY A 104 6.61 -0.68 43.55
C GLY A 104 6.67 -1.94 42.72
N GLY A 105 5.53 -2.29 42.14
CA GLY A 105 5.41 -3.37 41.16
C GLY A 105 4.28 -3.06 40.23
N ALA A 106 4.52 -3.18 38.92
CA ALA A 106 3.47 -3.03 37.89
C ALA A 106 3.74 -3.96 36.71
N THR A 107 2.65 -4.36 36.08
CA THR A 107 2.62 -5.31 34.96
C THR A 107 2.21 -4.59 33.67
N LEU A 108 2.93 -4.81 32.59
CA LEU A 108 2.74 -4.03 31.35
C LEU A 108 2.53 -5.02 30.23
N ASN A 109 1.48 -4.80 29.45
CA ASN A 109 1.11 -5.62 28.28
C ASN A 109 1.23 -4.72 27.06
N ARG A 110 2.26 -4.99 26.27
CA ARG A 110 2.32 -4.56 24.84
C ARG A 110 2.68 -5.83 24.06
N PHE A 111 1.92 -6.91 24.33
CA PHE A 111 2.11 -8.30 23.82
C PHE A 111 3.60 -8.64 23.73
N CYS A 112 4.11 -8.91 22.50
CA CYS A 112 5.45 -9.45 22.21
C CYS A 112 6.55 -8.45 22.69
N GLY A 113 6.25 -7.17 22.71
CA GLY A 113 7.21 -6.13 23.13
C GLY A 113 7.04 -5.70 24.59
N SER A 114 6.21 -6.38 25.39
CA SER A 114 5.87 -5.88 26.75
C SER A 114 7.13 -5.48 27.54
N SER A 115 8.13 -6.37 27.64
CA SER A 115 9.23 -6.14 28.60
C SER A 115 10.26 -5.18 27.98
N MET A 116 10.18 -4.90 26.66
CA MET A 116 10.95 -3.77 26.10
C MET A 116 10.27 -2.48 26.49
N SER A 117 8.95 -2.44 26.49
CA SER A 117 8.25 -1.24 27.01
C SER A 117 8.52 -1.08 28.53
N ALA A 118 8.70 -2.15 29.31
CA ALA A 118 9.14 -2.02 30.74
C ALA A 118 10.46 -1.27 30.87
N VAL A 119 11.40 -1.53 29.98
CA VAL A 119 12.72 -0.81 29.94
C VAL A 119 12.45 0.68 29.67
N HIS A 120 11.61 1.00 28.71
CA HIS A 120 11.29 2.39 28.33
C HIS A 120 10.64 3.07 29.52
N TYR A 121 9.72 2.39 30.19
CA TYR A 121 9.05 2.96 31.39
C TYR A 121 10.06 3.34 32.48
N ALA A 122 10.95 2.40 32.82
CA ALA A 122 11.95 2.58 33.90
C ALA A 122 12.90 3.72 33.48
N ALA A 123 13.31 3.77 32.19
CA ALA A 123 14.20 4.82 31.67
C ALA A 123 13.53 6.20 31.86
N GLY A 124 12.25 6.30 31.55
CA GLY A 124 11.47 7.54 31.72
C GLY A 124 11.48 7.99 33.18
N GLN A 125 11.27 7.07 34.12
CA GLN A 125 11.24 7.34 35.60
C GLN A 125 12.61 7.85 36.06
N VAL A 126 13.72 7.33 35.53
CA VAL A 126 15.06 7.81 35.90
C VAL A 126 15.17 9.29 35.50
N LEU A 127 14.81 9.65 34.26
CA LEU A 127 14.76 11.06 33.81
C LEU A 127 13.83 11.95 34.64
N LEU A 128 12.71 11.44 35.10
CA LEU A 128 11.73 12.21 35.92
C LEU A 128 12.27 12.46 37.33
N GLY A 129 13.45 11.92 37.65
CA GLY A 129 14.01 11.95 39.01
C GLY A 129 13.16 11.16 39.97
N ALA A 130 12.43 10.15 39.48
CA ALA A 130 11.46 9.38 40.31
C ALA A 130 12.09 8.00 40.61
N GLY A 131 13.25 8.00 41.26
CA GLY A 131 14.04 6.79 41.53
C GLY A 131 15.24 6.63 40.61
N GLU A 132 16.24 5.91 41.10
CA GLU A 132 17.55 5.75 40.42
C GLU A 132 17.71 4.34 39.89
N ALA A 133 16.96 3.34 40.35
CA ALA A 133 17.22 1.93 39.95
C ALA A 133 15.91 1.16 39.88
N PHE A 134 15.76 0.34 38.85
CA PHE A 134 14.51 -0.38 38.53
C PHE A 134 14.87 -1.76 38.03
N ILE A 135 13.95 -2.70 38.17
CA ILE A 135 14.04 -3.94 37.36
C ILE A 135 12.96 -3.83 36.29
N ALA A 136 13.41 -4.02 35.06
CA ALA A 136 12.53 -4.17 33.87
C ALA A 136 12.65 -5.62 33.47
N ALA A 137 11.58 -6.36 33.63
CA ALA A 137 11.59 -7.82 33.44
C ALA A 137 10.36 -8.20 32.62
N GLY A 138 10.33 -9.46 32.21
CA GLY A 138 9.13 -10.05 31.61
C GLY A 138 9.05 -11.52 31.88
N VAL A 139 7.87 -12.08 31.69
CA VAL A 139 7.64 -13.54 31.88
C VAL A 139 6.55 -13.96 30.90
N GLU A 140 6.69 -15.18 30.44
CA GLU A 140 5.56 -15.90 29.79
C GLU A 140 5.72 -17.39 30.10
N SER A 141 4.71 -17.99 30.68
CA SER A 141 4.48 -19.46 30.69
C SER A 141 3.42 -19.77 29.64
N MET A 142 3.84 -19.97 28.41
CA MET A 142 2.97 -20.30 27.26
C MET A 142 2.44 -21.74 27.43
N THR A 143 3.05 -22.53 28.33
CA THR A 143 2.44 -23.79 28.83
C THR A 143 1.19 -23.48 29.66
N ARG A 144 1.30 -22.63 30.68
CA ARG A 144 0.29 -22.57 31.76
C ARG A 144 -0.74 -21.46 31.50
N VAL A 145 -0.49 -20.52 30.60
CA VAL A 145 -1.51 -19.52 30.15
C VAL A 145 -1.43 -19.54 28.64
N PRO A 146 -2.42 -20.11 27.95
CA PRO A 146 -2.28 -20.32 26.51
C PRO A 146 -2.36 -18.97 25.78
N MET A 147 -1.55 -18.81 24.75
CA MET A 147 -1.64 -17.62 23.86
C MET A 147 -3.12 -17.39 23.56
N GLY A 148 -3.66 -16.21 23.90
CA GLY A 148 -5.06 -15.79 23.65
C GLY A 148 -5.81 -15.61 24.95
N GLY A 149 -5.27 -16.21 26.01
CA GLY A 149 -5.82 -16.22 27.36
C GLY A 149 -7.01 -17.16 27.43
N PHE A 150 -7.79 -17.04 28.48
CA PHE A 150 -9.07 -17.76 28.70
C PHE A 150 -10.18 -16.78 28.29
N ASN A 151 -11.30 -17.23 27.78
CA ASN A 151 -12.45 -16.31 27.61
C ASN A 151 -12.16 -15.24 26.53
N LEU A 152 -11.47 -15.61 25.45
CA LEU A 152 -11.18 -14.69 24.33
C LEU A 152 -12.50 -14.02 23.92
N SER A 153 -12.58 -12.70 23.95
CA SER A 153 -13.82 -11.94 23.66
C SER A 153 -13.55 -10.82 22.67
N PRO A 154 -13.43 -11.11 21.35
CA PRO A 154 -13.11 -10.08 20.37
C PRO A 154 -14.25 -9.07 20.30
N ASN A 155 -13.90 -7.81 20.01
CA ASN A 155 -14.87 -6.69 19.89
C ASN A 155 -15.75 -7.00 18.69
N PRO A 156 -17.08 -7.19 18.85
CA PRO A 156 -17.92 -7.58 17.70
C PRO A 156 -17.91 -6.57 16.55
N ALA A 157 -17.92 -5.28 16.89
CA ALA A 157 -17.88 -4.17 15.91
C ALA A 157 -16.56 -4.23 15.12
N LEU A 158 -15.42 -4.49 15.76
CA LEU A 158 -14.11 -4.55 15.05
C LEU A 158 -13.99 -5.83 14.22
N LEU A 159 -14.55 -6.96 14.67
CA LEU A 159 -14.57 -8.22 13.88
C LEU A 159 -15.22 -7.96 12.53
N GLN A 160 -16.30 -7.16 12.48
CA GLN A 160 -17.03 -6.86 11.21
C GLN A 160 -16.36 -5.71 10.46
N ASP A 161 -16.03 -4.60 11.12
CA ASP A 161 -15.52 -3.34 10.49
C ASP A 161 -14.02 -3.40 10.20
N TYR A 162 -13.22 -4.12 11.00
CA TYR A 162 -11.72 -4.09 10.94
C TYR A 162 -11.15 -5.45 11.35
N PRO A 163 -11.49 -6.53 10.62
CA PRO A 163 -11.12 -7.90 10.99
C PRO A 163 -9.62 -8.21 11.14
N ALA A 164 -8.77 -7.47 10.42
CA ALA A 164 -7.30 -7.55 10.51
C ALA A 164 -6.84 -7.30 11.95
N VAL A 165 -7.60 -6.57 12.77
CA VAL A 165 -7.26 -6.34 14.20
C VAL A 165 -7.01 -7.71 14.85
N TYR A 166 -7.82 -8.71 14.50
CA TYR A 166 -7.79 -10.04 15.14
C TYR A 166 -7.25 -11.12 14.19
N MET A 167 -6.46 -10.73 13.18
CA MET A 167 -5.85 -11.67 12.22
C MET A 167 -4.90 -12.61 12.98
N SER A 168 -4.75 -13.85 12.53
CA SER A 168 -3.77 -14.75 13.18
C SER A 168 -2.35 -14.23 12.91
N MET A 169 -1.41 -14.48 13.82
CA MET A 169 0.00 -14.07 13.63
C MET A 169 0.57 -14.78 12.39
N GLY A 170 0.21 -16.04 12.13
CA GLY A 170 0.74 -16.82 11.00
C GLY A 170 0.29 -16.23 9.69
N GLN A 171 -0.95 -15.73 9.62
CA GLN A 171 -1.45 -15.07 8.39
C GLN A 171 -0.64 -13.77 8.22
N THR A 172 -0.33 -13.02 9.28
CA THR A 172 0.50 -11.79 9.09
C THR A 172 1.85 -12.21 8.50
N ALA A 173 2.39 -13.35 8.90
CA ALA A 173 3.72 -13.84 8.44
C ALA A 173 3.66 -14.17 6.95
N GLU A 174 2.56 -14.80 6.51
CA GLU A 174 2.35 -15.10 5.05
C GLU A 174 2.22 -13.81 4.24
N ASN A 175 1.54 -12.81 4.78
CA ASN A 175 1.30 -11.48 4.15
C ASN A 175 2.65 -10.83 3.91
N VAL A 176 3.56 -10.92 4.89
CA VAL A 176 4.89 -10.31 4.77
C VAL A 176 5.73 -11.11 3.75
N ALA A 177 5.73 -12.45 3.82
CA ALA A 177 6.46 -13.33 2.87
C ALA A 177 6.06 -12.95 1.43
N GLU A 178 4.77 -12.69 1.20
CA GLU A 178 4.23 -12.35 -0.15
C GLU A 178 4.67 -10.94 -0.55
N ARG A 179 4.37 -9.98 0.32
CA ARG A 179 4.44 -8.53 0.01
C ARG A 179 5.90 -8.07 -0.01
N TYR A 180 6.77 -8.71 0.78
CA TYR A 180 8.22 -8.41 0.83
C TYR A 180 9.09 -9.48 0.13
N ALA A 181 8.47 -10.47 -0.52
CA ALA A 181 9.17 -11.46 -1.39
C ALA A 181 10.27 -12.22 -0.60
N VAL A 182 9.86 -12.94 0.44
CA VAL A 182 10.76 -13.80 1.26
C VAL A 182 10.31 -15.25 1.02
N SER A 183 11.04 -15.95 0.15
CA SER A 183 10.76 -17.35 -0.22
C SER A 183 10.85 -18.25 1.01
N ARG A 184 10.21 -19.42 0.93
CA ARG A 184 10.37 -20.47 1.95
C ARG A 184 11.85 -20.80 2.14
N VAL A 185 12.65 -20.92 1.08
CA VAL A 185 14.09 -21.28 1.19
C VAL A 185 14.85 -20.18 1.94
N GLU A 186 14.54 -18.91 1.67
CA GLU A 186 15.19 -17.75 2.35
C GLU A 186 14.85 -17.79 3.84
N GLN A 187 13.61 -18.16 4.18
CA GLN A 187 13.16 -18.29 5.60
C GLN A 187 13.93 -19.46 6.23
N GLU A 188 14.08 -20.56 5.49
CA GLU A 188 14.76 -21.77 6.00
C GLU A 188 16.25 -21.50 6.24
N GLU A 189 16.95 -20.76 5.37
CA GLU A 189 18.35 -20.30 5.56
C GLU A 189 18.48 -19.50 6.87
N MET A 190 17.52 -18.63 7.17
CA MET A 190 17.58 -17.92 8.48
C MET A 190 17.44 -18.93 9.63
N ALA A 191 16.55 -19.93 9.51
CA ALA A 191 16.40 -20.94 10.56
C ALA A 191 17.73 -21.68 10.74
N VAL A 192 18.41 -22.09 9.66
CA VAL A 192 19.69 -22.84 9.75
C VAL A 192 20.70 -21.95 10.49
N ARG A 193 20.78 -20.67 10.12
CA ARG A 193 21.79 -19.73 10.63
C ARG A 193 21.47 -19.46 12.11
N SER A 194 20.19 -19.36 12.48
CA SER A 194 19.83 -18.94 13.87
C SER A 194 20.20 -20.07 14.85
N HIS A 195 19.96 -21.30 14.46
CA HIS A 195 20.34 -22.50 15.26
C HIS A 195 21.86 -22.64 15.33
N ALA A 196 22.58 -22.52 14.21
CA ALA A 196 24.06 -22.64 14.15
C ALA A 196 24.71 -21.56 15.05
N LYS A 197 24.15 -20.36 15.07
CA LYS A 197 24.69 -19.24 15.91
C LYS A 197 24.42 -19.50 17.40
N ALA A 198 23.27 -20.07 17.76
CA ALA A 198 22.90 -20.37 19.17
C ALA A 198 23.81 -21.49 19.67
N VAL A 199 23.99 -22.53 18.84
CA VAL A 199 24.86 -23.70 19.17
C VAL A 199 26.25 -23.15 19.44
N ALA A 200 26.79 -22.32 18.56
CA ALA A 200 28.17 -21.78 18.69
C ALA A 200 28.30 -20.98 19.99
N ALA A 201 27.32 -20.12 20.27
CA ALA A 201 27.23 -19.36 21.56
C ALA A 201 27.20 -20.30 22.76
N ARG A 202 26.26 -21.23 22.81
CA ARG A 202 26.07 -22.15 23.94
C ARG A 202 27.36 -22.94 24.22
N GLU A 203 27.94 -23.52 23.17
CA GLU A 203 29.13 -24.41 23.26
C GLU A 203 30.38 -23.59 23.65
N ALA A 204 30.43 -22.28 23.41
CA ALA A 204 31.56 -21.46 23.87
C ALA A 204 31.29 -20.91 25.29
N GLY A 205 30.21 -21.32 25.97
CA GLY A 205 29.89 -20.83 27.34
C GLY A 205 29.34 -19.42 27.35
N LEU A 206 28.87 -18.94 26.21
CA LEU A 206 28.56 -17.48 26.00
C LEU A 206 27.11 -17.18 26.35
N LEU A 207 26.30 -18.21 26.64
CA LEU A 207 24.95 -18.03 27.24
C LEU A 207 24.97 -18.25 28.76
N ARG A 208 26.08 -18.72 29.34
CA ARG A 208 26.09 -19.14 30.75
C ARG A 208 25.85 -17.95 31.70
N GLU A 209 26.59 -16.88 31.51
CA GLU A 209 26.59 -15.72 32.47
C GLU A 209 25.16 -15.16 32.59
N GLU A 210 24.42 -15.06 31.49
CA GLU A 210 23.07 -14.44 31.49
C GLU A 210 22.03 -15.38 32.16
N ILE A 211 22.34 -16.67 32.33
CA ILE A 211 21.30 -17.66 32.76
C ILE A 211 21.29 -17.82 34.27
N VAL A 212 20.07 -17.82 34.82
CA VAL A 212 19.73 -18.20 36.20
C VAL A 212 19.15 -19.62 36.13
N ALA A 213 19.77 -20.61 36.76
CA ALA A 213 19.22 -21.97 36.69
C ALA A 213 18.01 -22.04 37.60
N ILE A 214 17.08 -22.89 37.20
CA ILE A 214 15.74 -23.02 37.81
C ILE A 214 15.60 -24.43 38.38
N ASP A 215 15.19 -24.52 39.64
CA ASP A 215 14.91 -25.81 40.31
C ASP A 215 13.51 -26.25 39.86
N THR A 216 13.38 -27.50 39.48
CA THR A 216 12.09 -28.07 39.06
C THR A 216 11.94 -29.44 39.71
N PRO A 217 10.71 -29.98 39.76
CA PRO A 217 10.47 -31.33 40.27
C PRO A 217 11.46 -32.36 39.68
N ALA A 218 11.75 -32.27 38.38
CA ALA A 218 12.63 -33.19 37.65
C ALA A 218 14.12 -32.88 37.88
N GLY A 219 14.45 -31.76 38.53
CA GLY A 219 15.85 -31.33 38.80
C GLY A 219 16.16 -29.93 38.30
N ARG A 220 17.42 -29.54 38.38
CA ARG A 220 17.94 -28.19 38.07
C ARG A 220 18.01 -28.02 36.55
N VAL A 221 17.36 -26.99 36.02
CA VAL A 221 17.39 -26.66 34.57
C VAL A 221 18.31 -25.45 34.39
N ALA A 222 19.39 -25.62 33.62
CA ALA A 222 20.51 -24.66 33.49
C ALA A 222 20.80 -24.31 32.04
N GLU A 223 20.26 -25.05 31.09
CA GLU A 223 20.58 -24.86 29.65
C GLU A 223 19.28 -24.66 28.85
N ASP A 224 19.33 -23.81 27.84
CA ASP A 224 18.25 -23.56 26.84
C ASP A 224 17.81 -24.89 26.19
N GLY A 225 16.50 -25.04 25.90
CA GLY A 225 15.85 -26.28 25.44
C GLY A 225 15.38 -26.18 24.01
N CYS A 226 15.44 -25.01 23.36
CA CYS A 226 14.75 -24.83 22.03
C CYS A 226 15.73 -24.95 20.86
N ILE A 227 17.03 -25.01 21.14
CA ILE A 227 18.10 -25.02 20.13
C ILE A 227 18.11 -26.43 19.55
N ARG A 228 18.13 -26.55 18.23
CA ARG A 228 18.11 -27.86 17.52
C ARG A 228 19.37 -27.95 16.65
N PRO A 229 20.50 -28.43 17.20
CA PRO A 229 21.75 -28.40 16.45
C PRO A 229 21.65 -29.27 15.19
N GLY A 230 22.30 -28.87 14.12
CA GLY A 230 22.23 -29.61 12.84
C GLY A 230 20.93 -29.33 12.10
N THR A 231 20.12 -28.36 12.54
CA THR A 231 19.01 -27.83 11.70
C THR A 231 19.56 -27.55 10.30
N ASN A 232 18.95 -28.07 9.24
CA ASN A 232 19.59 -28.08 7.90
C ASN A 232 18.49 -27.92 6.83
N LEU A 233 18.84 -27.41 5.65
CA LEU A 233 17.85 -27.06 4.60
C LEU A 233 17.05 -28.30 4.16
N GLU A 234 17.69 -29.47 4.04
CA GLU A 234 17.00 -30.68 3.54
C GLU A 234 15.89 -31.11 4.50
N SER A 235 16.15 -31.17 5.80
CA SER A 235 15.10 -31.58 6.77
C SER A 235 14.01 -30.51 6.84
N LEU A 236 14.37 -29.23 6.79
CA LEU A 236 13.35 -28.15 6.87
C LEU A 236 12.41 -28.22 5.65
N ALA A 237 12.93 -28.56 4.47
CA ALA A 237 12.15 -28.57 3.22
C ALA A 237 11.05 -29.65 3.26
N GLN A 238 11.14 -30.63 4.20
CA GLN A 238 10.16 -31.77 4.35
C GLN A 238 8.98 -31.41 5.25
N LEU A 239 9.05 -30.33 6.03
CA LEU A 239 8.00 -29.95 7.01
C LEU A 239 6.74 -29.50 6.27
N LYS A 240 5.57 -29.69 6.87
CA LYS A 240 4.28 -29.22 6.32
C LYS A 240 4.22 -27.71 6.52
N PRO A 241 3.69 -26.96 5.53
CA PRO A 241 3.30 -25.56 5.73
C PRO A 241 2.45 -25.43 6.99
N ALA A 242 2.62 -24.36 7.78
CA ALA A 242 1.84 -24.15 9.02
C ALA A 242 0.59 -23.33 8.71
N PHE A 243 0.62 -22.42 7.75
CA PHE A 243 -0.51 -21.46 7.54
C PHE A 243 -0.89 -21.39 6.06
N GLY A 244 -0.85 -22.55 5.39
CA GLY A 244 -1.28 -22.73 3.99
C GLY A 244 -0.45 -21.94 3.01
N GLY A 245 0.84 -21.78 3.29
CA GLY A 245 1.76 -20.91 2.52
C GLY A 245 3.20 -21.38 2.62
N SER A 246 4.14 -20.43 2.83
CA SER A 246 5.61 -20.64 2.85
C SER A 246 6.14 -20.92 4.26
N VAL A 247 5.48 -20.37 5.28
CA VAL A 247 5.92 -20.46 6.70
C VAL A 247 5.66 -21.89 7.24
N THR A 248 6.58 -22.38 8.08
CA THR A 248 6.51 -23.69 8.79
C THR A 248 6.72 -23.47 10.29
N ALA A 249 6.43 -24.48 11.09
CA ALA A 249 6.79 -24.50 12.53
C ALA A 249 8.28 -24.11 12.69
N ALA A 250 9.16 -24.47 11.78
CA ALA A 250 10.62 -24.24 11.98
C ALA A 250 11.02 -22.79 11.62
N THR A 251 10.18 -22.03 10.91
CA THR A 251 10.47 -20.64 10.46
C THR A 251 9.56 -19.67 11.23
N SER A 252 9.03 -20.14 12.35
CA SER A 252 8.16 -19.46 13.34
C SER A 252 8.81 -19.67 14.70
N SER A 253 8.78 -18.68 15.60
CA SER A 253 9.34 -18.92 16.95
C SER A 253 8.46 -19.97 17.60
N PRO A 254 9.02 -20.84 18.45
CA PRO A 254 8.24 -21.86 19.17
C PRO A 254 7.41 -21.26 20.32
N LEU A 255 6.36 -21.96 20.73
CA LEU A 255 5.69 -21.70 22.03
C LEU A 255 6.73 -21.94 23.11
N THR A 256 6.96 -20.97 24.00
CA THR A 256 8.13 -20.98 24.90
C THR A 256 7.73 -20.57 26.32
N ASP A 257 8.37 -21.17 27.33
CA ASP A 257 8.30 -20.69 28.73
C ASP A 257 9.63 -20.01 29.08
N GLY A 258 9.59 -18.87 29.77
CA GLY A 258 10.85 -18.21 30.20
C GLY A 258 10.58 -16.85 30.81
N SER A 259 11.59 -16.29 31.47
CA SER A 259 11.53 -14.96 32.10
C SER A 259 12.92 -14.32 31.94
N ALA A 260 12.94 -13.02 31.77
CA ALA A 260 14.19 -12.25 31.69
C ALA A 260 14.00 -10.95 32.50
N ALA A 261 15.11 -10.42 33.02
CA ALA A 261 15.09 -9.22 33.88
C ALA A 261 16.37 -8.41 33.63
N LEU A 262 16.20 -7.09 33.65
CA LEU A 262 17.30 -6.13 33.43
C LEU A 262 17.34 -5.21 34.65
N LEU A 263 18.54 -4.75 35.01
CA LEU A 263 18.66 -3.64 35.98
C LEU A 263 18.83 -2.36 35.17
N VAL A 264 17.85 -1.46 35.27
CA VAL A 264 17.84 -0.16 34.54
C VAL A 264 18.06 0.90 35.62
N CYS A 265 19.08 1.76 35.49
CA CYS A 265 19.44 2.63 36.61
C CYS A 265 20.24 3.79 36.06
N SER A 266 20.42 4.80 36.90
CA SER A 266 21.26 5.96 36.52
C SER A 266 22.70 5.45 36.42
N GLU A 267 23.52 6.03 35.55
CA GLU A 267 24.98 5.75 35.53
C GLU A 267 25.56 5.95 36.94
N ASP A 268 25.20 7.03 37.60
CA ASP A 268 25.65 7.36 38.98
C ASP A 268 25.38 6.18 39.91
N PHE A 269 24.16 5.64 39.91
CA PHE A 269 23.79 4.50 40.78
C PHE A 269 24.70 3.28 40.52
N ALA A 270 24.91 2.91 39.25
CA ALA A 270 25.78 1.77 38.84
C ALA A 270 27.22 1.98 39.38
N ARG A 271 27.79 3.18 39.15
CA ARG A 271 29.18 3.53 39.61
C ARG A 271 29.23 3.38 41.14
N ARG A 272 28.28 3.99 41.85
CA ARG A 272 28.15 4.00 43.32
C ARG A 272 28.16 2.58 43.87
N HIS A 273 27.52 1.60 43.20
CA HIS A 273 27.37 0.22 43.71
C HIS A 273 28.33 -0.77 43.05
N GLY A 274 29.34 -0.29 42.32
CA GLY A 274 30.39 -1.13 41.71
C GLY A 274 29.80 -2.08 40.69
N LEU A 275 28.74 -1.65 39.99
CA LEU A 275 28.11 -2.50 38.95
C LEU A 275 28.80 -2.29 37.60
N VAL A 276 29.07 -3.40 36.90
CA VAL A 276 29.52 -3.37 35.49
C VAL A 276 28.36 -2.85 34.63
N ILE A 277 28.63 -1.84 33.81
CA ILE A 277 27.62 -1.23 32.93
C ILE A 277 27.73 -1.95 31.59
N LEU A 278 26.63 -2.55 31.14
CA LEU A 278 26.60 -3.23 29.84
C LEU A 278 26.50 -2.19 28.73
N ALA A 279 25.57 -1.25 28.82
CA ALA A 279 25.42 -0.16 27.82
C ALA A 279 24.57 0.99 28.36
N ARG A 280 24.56 2.10 27.64
CA ARG A 280 23.72 3.29 27.96
C ARG A 280 22.52 3.27 27.02
N ILE A 281 21.34 3.55 27.55
CA ILE A 281 20.14 3.70 26.70
C ILE A 281 20.18 5.08 26.09
N LYS A 282 20.30 5.15 24.77
CA LYS A 282 20.57 6.41 24.05
C LYS A 282 19.28 6.89 23.43
N ALA A 283 18.42 5.98 22.95
CA ALA A 283 17.09 6.42 22.49
C ALA A 283 16.13 5.24 22.49
N VAL A 284 14.86 5.56 22.57
CA VAL A 284 13.75 4.54 22.63
C VAL A 284 12.64 4.93 21.66
N ALA A 285 11.80 3.96 21.26
CA ALA A 285 10.66 4.25 20.38
C ALA A 285 9.62 3.14 20.44
N VAL A 286 8.41 3.56 20.12
CA VAL A 286 7.29 2.67 19.72
C VAL A 286 6.79 3.23 18.39
N ALA A 287 6.28 2.40 17.52
CA ALA A 287 5.61 2.86 16.27
C ALA A 287 4.47 1.89 15.95
N GLY A 288 3.31 2.39 15.55
CA GLY A 288 2.21 1.55 15.08
C GLY A 288 2.43 1.23 13.62
N CYS A 289 1.87 0.13 13.18
CA CYS A 289 1.79 -0.22 11.75
C CYS A 289 0.48 -0.96 11.50
N ALA A 290 0.25 -1.38 10.26
CA ALA A 290 -0.94 -2.17 9.87
C ALA A 290 -0.87 -3.53 10.54
N PRO A 291 -1.93 -3.94 11.27
CA PRO A 291 -1.94 -5.24 11.93
C PRO A 291 -1.71 -6.42 10.99
N GLU A 292 -2.24 -6.31 9.77
CA GLU A 292 -2.13 -7.39 8.76
C GLU A 292 -0.67 -7.70 8.41
N ILE A 293 0.26 -6.75 8.62
CA ILE A 293 1.72 -6.95 8.43
C ILE A 293 2.46 -6.54 9.72
N MET A 294 2.01 -7.02 10.86
CA MET A 294 2.50 -6.57 12.21
C MET A 294 4.01 -6.81 12.29
N GLY A 295 4.51 -7.82 11.56
CA GLY A 295 5.92 -8.23 11.56
C GLY A 295 6.84 -7.12 11.08
N MET A 296 6.33 -6.14 10.34
CA MET A 296 7.16 -5.01 9.85
C MET A 296 7.31 -3.93 10.93
N GLY A 297 6.67 -4.07 12.09
CA GLY A 297 6.80 -3.12 13.20
C GLY A 297 8.23 -2.57 13.39
N PRO A 298 9.29 -3.40 13.36
CA PRO A 298 10.64 -2.90 13.60
C PRO A 298 11.15 -1.79 12.69
N VAL A 299 10.61 -1.66 11.47
CA VAL A 299 11.18 -0.71 10.47
C VAL A 299 10.96 0.72 11.01
N GLN A 300 9.73 1.12 11.26
CA GLN A 300 9.43 2.50 11.79
C GLN A 300 10.03 2.71 13.19
N ALA A 301 10.01 1.72 14.08
CA ALA A 301 10.59 1.84 15.44
C ALA A 301 12.10 2.07 15.39
N THR A 302 12.81 1.39 14.48
CA THR A 302 14.27 1.53 14.29
C THR A 302 14.56 2.88 13.66
N ARG A 303 13.78 3.30 12.67
CA ARG A 303 14.01 4.62 12.03
C ARG A 303 13.87 5.69 13.11
N LYS A 304 12.88 5.57 14.01
CA LYS A 304 12.66 6.57 15.10
C LYS A 304 13.87 6.63 16.01
N VAL A 305 14.40 5.50 16.45
CA VAL A 305 15.54 5.57 17.43
C VAL A 305 16.79 6.14 16.74
N LEU A 306 17.00 5.85 15.44
CA LEU A 306 18.14 6.41 14.67
C LEU A 306 17.99 7.94 14.60
N GLN A 307 16.80 8.40 14.22
CA GLN A 307 16.47 9.84 14.10
C GLN A 307 16.71 10.50 15.47
N ARG A 308 16.22 9.88 16.55
CA ARG A 308 16.36 10.45 17.91
C ARG A 308 17.82 10.43 18.41
N ALA A 309 18.61 9.43 18.03
CA ALA A 309 20.03 9.29 18.45
C ALA A 309 20.94 10.15 17.55
N GLY A 310 20.43 10.61 16.40
CA GLY A 310 21.21 11.35 15.39
C GLY A 310 22.17 10.42 14.68
N LEU A 311 21.76 9.18 14.43
CA LEU A 311 22.61 8.13 13.81
C LEU A 311 21.94 7.61 12.54
N GLY A 312 22.72 6.93 11.70
CA GLY A 312 22.28 6.14 10.53
C GLY A 312 22.57 4.65 10.71
N ILE A 313 21.96 3.82 9.88
CA ILE A 313 22.14 2.34 9.97
C ILE A 313 23.62 1.97 9.90
N ALA A 314 24.43 2.66 9.10
CA ALA A 314 25.90 2.43 8.98
C ALA A 314 26.62 2.57 10.33
N ASP A 315 26.05 3.27 11.31
CA ASP A 315 26.63 3.49 12.65
C ASP A 315 26.46 2.26 13.57
N ILE A 316 25.55 1.35 13.25
CA ILE A 316 25.13 0.26 14.19
C ILE A 316 26.03 -1.00 14.03
N ASP A 317 26.71 -1.37 15.12
CA ASP A 317 27.66 -2.49 15.21
C ASP A 317 26.89 -3.82 15.18
N LEU A 318 25.76 -3.90 15.87
CA LEU A 318 24.97 -5.16 15.94
C LEU A 318 23.52 -4.85 16.26
N VAL A 319 22.67 -5.79 15.91
CA VAL A 319 21.22 -5.67 16.12
C VAL A 319 20.73 -6.99 16.67
N GLU A 320 19.87 -6.88 17.68
CA GLU A 320 18.99 -7.96 18.13
C GLU A 320 17.62 -7.63 17.58
N ILE A 321 17.19 -8.36 16.54
CA ILE A 321 15.81 -8.24 15.98
C ILE A 321 15.08 -9.54 16.31
N ASN A 322 13.93 -9.48 16.94
CA ASN A 322 13.30 -10.73 17.37
C ASN A 322 12.84 -11.52 16.14
N GLU A 323 13.11 -12.82 16.16
CA GLU A 323 12.77 -13.75 15.05
C GLU A 323 11.38 -14.34 15.33
N ALA A 324 10.32 -13.52 15.35
CA ALA A 324 8.95 -14.06 15.58
C ALA A 324 8.62 -14.97 14.39
N PHE A 325 8.88 -14.51 13.19
CA PHE A 325 8.92 -15.35 11.96
C PHE A 325 10.16 -14.99 11.16
N ALA A 326 10.76 -15.94 10.44
CA ALA A 326 11.84 -15.67 9.47
C ALA A 326 11.34 -14.65 8.43
N SER A 327 10.09 -14.76 7.96
CA SER A 327 9.55 -13.89 6.87
C SER A 327 9.73 -12.42 7.29
N GLN A 328 9.25 -12.09 8.48
CA GLN A 328 9.22 -10.66 8.92
C GLN A 328 10.63 -10.21 9.35
N SER A 329 11.41 -11.07 10.02
CA SER A 329 12.79 -10.69 10.44
C SER A 329 13.58 -10.34 9.18
N ILE A 330 13.53 -11.22 8.16
CA ILE A 330 14.29 -10.98 6.91
C ILE A 330 13.75 -9.70 6.24
N ALA A 331 12.42 -9.57 6.13
CA ALA A 331 11.82 -8.39 5.43
C ALA A 331 12.28 -7.10 6.12
N CYS A 332 12.29 -7.08 7.47
CA CYS A 332 12.79 -5.91 8.25
C CYS A 332 14.27 -5.60 7.97
N ILE A 333 15.14 -6.60 8.07
CA ILE A 333 16.60 -6.48 7.87
C ILE A 333 16.85 -5.91 6.46
N ARG A 334 16.18 -6.43 5.44
CA ARG A 334 16.32 -5.88 4.07
C ARG A 334 15.88 -4.42 4.01
N GLU A 335 14.70 -4.11 4.55
CA GLU A 335 14.09 -2.74 4.46
C GLU A 335 15.02 -1.74 5.16
N LEU A 336 15.69 -2.15 6.23
CA LEU A 336 16.59 -1.24 6.99
C LEU A 336 17.97 -1.22 6.32
N GLY A 337 18.28 -2.18 5.43
CA GLY A 337 19.60 -2.23 4.78
C GLY A 337 20.65 -2.74 5.73
N LEU A 338 20.30 -3.67 6.61
CA LEU A 338 21.25 -4.23 7.61
C LEU A 338 22.00 -5.39 7.00
N ASP A 339 23.25 -5.53 7.40
CA ASP A 339 24.07 -6.70 7.01
C ASP A 339 23.63 -7.87 7.89
N MET A 340 23.25 -8.99 7.31
CA MET A 340 22.74 -10.14 8.08
C MET A 340 23.81 -10.63 9.07
N ASP A 341 25.09 -10.35 8.79
CA ASP A 341 26.23 -10.80 9.66
C ASP A 341 26.26 -10.03 10.98
N ARG A 342 25.54 -8.91 11.08
CA ARG A 342 25.44 -8.11 12.32
C ARG A 342 24.16 -8.42 13.12
N ILE A 343 23.37 -9.40 12.66
CA ILE A 343 22.07 -9.73 13.30
C ILE A 343 22.22 -10.92 14.26
N ASN A 344 21.58 -10.83 15.43
CA ASN A 344 21.34 -11.96 16.36
C ASN A 344 22.60 -12.81 16.51
N LEU A 345 23.68 -12.20 17.00
CA LEU A 345 25.06 -12.77 16.93
C LEU A 345 25.13 -14.13 17.61
N ASP A 346 24.42 -14.33 18.73
CA ASP A 346 24.45 -15.59 19.52
C ASP A 346 23.16 -16.40 19.28
N GLY A 347 22.52 -16.25 18.12
CA GLY A 347 21.27 -16.96 17.83
C GLY A 347 20.08 -16.06 18.04
N GLY A 348 18.95 -16.42 17.44
CA GLY A 348 17.71 -15.66 17.61
C GLY A 348 16.58 -16.55 18.05
N ALA A 349 15.39 -15.98 18.18
CA ALA A 349 14.19 -16.62 18.78
C ALA A 349 13.82 -17.92 18.06
N LEU A 350 14.14 -18.12 16.78
CA LEU A 350 13.82 -19.44 16.14
C LEU A 350 14.49 -20.55 16.96
N ALA A 351 15.69 -20.29 17.50
CA ALA A 351 16.54 -21.24 18.24
C ALA A 351 16.36 -21.09 19.75
N ILE A 352 16.35 -19.84 20.23
CA ILE A 352 16.43 -19.52 21.68
C ILE A 352 15.03 -19.63 22.29
N GLY A 353 13.98 -19.30 21.52
CA GLY A 353 12.60 -19.27 22.02
C GLY A 353 12.08 -17.84 22.17
N HIS A 354 10.76 -17.71 22.39
CA HIS A 354 9.99 -16.44 22.35
C HIS A 354 8.83 -16.57 23.33
N PRO A 355 9.11 -16.51 24.67
CA PRO A 355 8.08 -16.42 25.69
C PRO A 355 7.66 -14.95 25.70
N LEU A 356 6.48 -14.65 25.15
CA LEU A 356 6.10 -13.29 24.67
C LEU A 356 6.55 -12.19 25.65
N GLY A 357 6.04 -12.19 26.87
CA GLY A 357 6.33 -11.14 27.88
C GLY A 357 7.82 -10.95 28.12
N ALA A 358 8.63 -11.99 27.96
CA ALA A 358 10.05 -11.97 28.41
C ALA A 358 10.98 -11.52 27.27
N THR A 359 10.57 -11.60 26.01
CA THR A 359 11.50 -11.38 24.88
C THR A 359 12.08 -9.96 24.88
N GLY A 360 11.28 -8.94 25.13
CA GLY A 360 11.83 -7.56 25.04
C GLY A 360 13.02 -7.35 25.96
N ALA A 361 12.90 -7.82 27.22
CA ALA A 361 13.93 -7.74 28.28
C ALA A 361 15.13 -8.59 27.81
N ARG A 362 14.87 -9.79 27.32
CA ARG A 362 15.97 -10.63 26.79
C ARG A 362 16.69 -9.90 25.64
N ILE A 363 16.01 -9.44 24.59
CA ILE A 363 16.79 -8.96 23.41
C ILE A 363 17.47 -7.61 23.73
N THR A 364 16.88 -6.82 24.62
CA THR A 364 17.49 -5.56 25.08
C THR A 364 18.73 -5.89 25.93
N GLY A 365 18.60 -6.77 26.90
CA GLY A 365 19.71 -7.21 27.79
C GLY A 365 20.81 -7.80 26.96
N LYS A 366 20.44 -8.68 26.02
CA LYS A 366 21.41 -9.38 25.17
C LYS A 366 22.16 -8.39 24.28
N ALA A 367 21.48 -7.46 23.60
CA ALA A 367 22.11 -6.43 22.76
C ALA A 367 23.12 -5.65 23.61
N ALA A 368 22.76 -5.31 24.83
CA ALA A 368 23.65 -4.56 25.75
C ALA A 368 24.89 -5.42 26.06
N ALA A 369 24.71 -6.67 26.43
CA ALA A 369 25.80 -7.58 26.83
C ALA A 369 26.72 -7.86 25.63
N LEU A 370 26.14 -8.04 24.43
CA LEU A 370 26.93 -8.27 23.19
C LEU A 370 27.71 -7.00 22.82
N LEU A 371 27.13 -5.83 22.99
CA LEU A 371 27.83 -4.56 22.64
C LEU A 371 29.10 -4.47 23.47
N ARG A 372 29.00 -4.79 24.76
CA ARG A 372 30.14 -4.75 25.71
C ARG A 372 31.16 -5.84 25.33
N ARG A 373 30.72 -7.08 25.13
CA ARG A 373 31.59 -8.22 24.77
C ARG A 373 32.30 -7.96 23.44
N THR A 374 31.62 -7.43 22.42
CA THR A 374 32.21 -7.28 21.07
C THR A 374 33.05 -6.00 20.93
N GLY A 375 33.01 -5.09 21.92
CA GLY A 375 33.74 -3.80 21.88
C GLY A 375 33.13 -2.81 20.90
N GLY A 376 31.87 -3.01 20.50
CA GLY A 376 31.15 -2.14 19.56
C GLY A 376 30.77 -0.82 20.20
N ARG A 377 30.28 0.11 19.39
CA ARG A 377 29.88 1.45 19.86
C ARG A 377 28.35 1.53 20.03
N TYR A 378 27.59 1.09 19.05
CA TYR A 378 26.11 1.22 19.08
C TYR A 378 25.46 -0.10 18.70
N ALA A 379 24.31 -0.34 19.30
CA ALA A 379 23.47 -1.54 19.05
C ALA A 379 22.01 -1.10 19.04
N ILE A 380 21.17 -1.92 18.38
CA ILE A 380 19.70 -1.76 18.47
C ILE A 380 19.09 -3.12 18.81
N ALA A 381 18.11 -3.08 19.71
CA ALA A 381 17.15 -4.17 20.01
C ALA A 381 15.79 -3.75 19.47
N THR A 382 15.15 -4.56 18.64
CA THR A 382 13.87 -4.14 18.02
C THR A 382 13.01 -5.38 17.84
N GLN A 383 11.72 -5.22 17.91
CA GLN A 383 10.85 -6.37 17.54
C GLN A 383 9.47 -5.93 17.07
N CYS A 384 8.75 -6.87 16.49
CA CYS A 384 7.35 -6.68 16.11
C CYS A 384 6.43 -7.07 17.26
N ILE A 385 5.21 -6.60 17.17
CA ILE A 385 4.16 -6.77 18.19
C ILE A 385 2.82 -7.06 17.51
N ALA A 386 2.15 -8.10 17.99
CA ALA A 386 0.78 -8.46 17.58
C ALA A 386 -0.10 -7.22 17.70
N GLY A 387 -0.98 -6.99 16.71
CA GLY A 387 -1.87 -5.81 16.72
C GLY A 387 -1.27 -4.66 15.94
N GLY A 388 -0.07 -4.87 15.35
CA GLY A 388 0.64 -3.91 14.48
C GLY A 388 1.43 -2.86 15.23
N GLN A 389 2.50 -3.23 15.90
CA GLN A 389 3.39 -2.24 16.57
C GLN A 389 4.82 -2.74 16.44
N GLY A 390 5.75 -1.82 16.63
CA GLY A 390 7.19 -2.11 16.74
C GLY A 390 7.73 -1.38 17.94
N VAL A 391 8.73 -1.93 18.57
CA VAL A 391 9.48 -1.21 19.65
C VAL A 391 10.96 -1.29 19.33
N ALA A 392 11.76 -0.30 19.73
CA ALA A 392 13.22 -0.36 19.55
C ALA A 392 13.90 0.36 20.70
N THR A 393 15.11 -0.09 20.99
CA THR A 393 16.02 0.55 21.94
C THR A 393 17.39 0.66 21.28
N LEU A 394 17.93 1.87 21.32
CA LEU A 394 19.29 2.13 20.78
C LEU A 394 20.24 2.33 21.95
N LEU A 395 21.29 1.51 21.99
CA LEU A 395 22.25 1.37 23.10
C LEU A 395 23.61 1.89 22.64
N GLU A 396 24.35 2.48 23.58
CA GLU A 396 25.68 3.08 23.34
C GLU A 396 26.66 2.52 24.37
N ALA A 397 27.87 2.17 23.92
CA ALA A 397 28.92 1.63 24.80
C ALA A 397 29.24 2.67 25.88
N VAL A 398 29.61 2.21 27.05
CA VAL A 398 30.07 3.11 28.16
C VAL A 398 31.57 2.85 28.33
N GLU A 399 32.38 3.91 28.23
CA GLU A 399 33.85 3.83 28.02
C GLU A 399 34.45 2.72 28.90
N MET B 21 -16.76 -27.88 -26.92
CA MET B 21 -15.49 -28.03 -26.14
C MET B 21 -15.52 -27.01 -24.98
N SER B 22 -14.95 -25.81 -25.18
CA SER B 22 -14.63 -24.83 -24.09
C SER B 22 -14.96 -23.40 -24.50
N PRO B 23 -15.33 -22.53 -23.54
CA PRO B 23 -15.64 -21.14 -23.83
C PRO B 23 -14.30 -20.44 -24.11
N ILE B 24 -14.28 -19.40 -24.96
CA ILE B 24 -13.05 -18.55 -25.09
C ILE B 24 -12.96 -17.77 -23.79
N SER B 25 -11.79 -17.79 -23.18
CA SER B 25 -11.55 -17.09 -21.90
C SER B 25 -10.25 -16.31 -22.08
N VAL B 26 -10.36 -14.99 -22.05
CA VAL B 26 -9.18 -14.09 -22.10
C VAL B 26 -9.02 -13.57 -20.66
N VAL B 27 -7.84 -13.72 -20.10
CA VAL B 27 -7.56 -13.39 -18.67
C VAL B 27 -6.39 -12.41 -18.59
N ILE B 28 -6.32 -11.66 -17.48
CA ILE B 28 -5.09 -10.95 -17.04
C ILE B 28 -4.38 -11.86 -16.03
N ALA B 29 -3.15 -12.29 -16.34
CA ALA B 29 -2.33 -13.22 -15.53
C ALA B 29 -0.98 -12.60 -15.22
N GLY B 30 -0.91 -11.27 -15.21
CA GLY B 30 0.28 -10.58 -14.72
C GLY B 30 0.03 -9.10 -14.67
N TYR B 31 0.56 -8.43 -13.65
CA TYR B 31 0.47 -6.95 -13.57
C TYR B 31 1.73 -6.43 -12.86
N ALA B 32 2.46 -5.59 -13.56
CA ALA B 32 3.68 -4.95 -13.03
C ALA B 32 3.71 -3.48 -13.48
N ARG B 33 4.38 -2.64 -12.71
CA ARG B 33 4.61 -1.24 -13.10
C ARG B 33 5.87 -0.72 -12.42
N SER B 34 6.47 0.34 -12.97
CA SER B 34 7.47 1.13 -12.21
C SER B 34 6.73 1.79 -11.04
N PRO B 35 7.48 2.29 -10.03
CA PRO B 35 6.93 3.32 -9.18
C PRO B 35 6.61 4.50 -10.13
N PHE B 36 5.67 5.33 -9.77
CA PHE B 36 5.28 6.53 -10.54
C PHE B 36 5.86 7.74 -9.77
N HIS B 37 6.40 8.69 -10.49
CA HIS B 37 7.16 9.84 -9.91
C HIS B 37 6.76 11.11 -10.64
N PHE B 38 6.80 12.25 -9.92
CA PHE B 38 6.54 13.57 -10.52
C PHE B 38 7.54 13.76 -11.66
N ALA B 39 7.03 14.25 -12.79
CA ALA B 39 7.84 14.77 -13.91
C ALA B 39 8.66 15.93 -13.37
N ARG B 40 9.88 16.07 -13.91
CA ARG B 40 10.81 17.23 -13.65
C ARG B 40 11.48 17.18 -12.27
N LYS B 41 10.78 16.84 -11.20
CA LYS B 41 11.35 16.91 -9.82
C LYS B 41 11.44 15.50 -9.24
N GLY B 42 10.95 14.47 -9.92
CA GLY B 42 10.85 13.14 -9.27
C GLY B 42 12.06 12.28 -9.52
N ALA B 43 11.98 11.02 -9.08
CA ALA B 43 13.10 10.06 -9.01
C ALA B 43 13.45 9.41 -10.37
N LEU B 44 12.65 9.60 -11.43
CA LEU B 44 12.80 8.93 -12.74
C LEU B 44 13.21 9.91 -13.84
N VAL B 45 13.55 11.16 -13.50
CA VAL B 45 13.83 12.20 -14.53
C VAL B 45 14.98 11.75 -15.45
N ASP B 46 15.91 10.93 -14.97
CA ASP B 46 17.11 10.56 -15.76
C ASP B 46 16.87 9.28 -16.55
N ILE B 47 15.71 8.63 -16.45
CA ILE B 47 15.47 7.36 -17.18
C ILE B 47 14.73 7.66 -18.49
N ARG B 48 15.31 7.23 -19.60
CA ARG B 48 14.66 7.29 -20.93
C ARG B 48 13.38 6.43 -20.86
N PRO B 49 12.27 6.87 -21.48
CA PRO B 49 11.01 6.11 -21.44
C PRO B 49 11.15 4.73 -22.08
N ASP B 50 11.96 4.57 -23.12
CA ASP B 50 12.19 3.24 -23.76
C ASP B 50 12.89 2.35 -22.72
N ASP B 51 13.85 2.90 -21.97
CA ASP B 51 14.56 2.16 -20.90
C ASP B 51 13.59 1.84 -19.79
N LEU B 52 12.69 2.77 -19.43
CA LEU B 52 11.78 2.55 -18.27
C LEU B 52 10.78 1.44 -18.64
N ALA B 53 10.22 1.52 -19.85
CA ALA B 53 9.28 0.50 -20.34
C ALA B 53 10.01 -0.85 -20.39
N ALA B 54 11.27 -0.89 -20.86
CA ALA B 54 12.04 -2.16 -20.95
C ALA B 54 12.16 -2.78 -19.54
N ALA B 55 12.45 -1.96 -18.52
CA ALA B 55 12.64 -2.40 -17.11
C ALA B 55 11.37 -3.14 -16.64
N VAL B 56 10.22 -2.58 -16.96
CA VAL B 56 8.90 -3.09 -16.50
C VAL B 56 8.57 -4.37 -17.27
N LEU B 57 8.83 -4.37 -18.59
CA LEU B 57 8.62 -5.59 -19.43
C LEU B 57 9.43 -6.73 -18.83
N LYS B 58 10.70 -6.48 -18.58
CA LYS B 58 11.62 -7.48 -17.99
C LYS B 58 11.12 -7.90 -16.60
N GLY B 59 10.70 -6.94 -15.77
CA GLY B 59 10.24 -7.18 -14.38
C GLY B 59 8.97 -8.00 -14.38
N LEU B 60 8.07 -7.75 -15.31
CA LEU B 60 6.81 -8.53 -15.36
C LEU B 60 7.16 -10.00 -15.64
N VAL B 61 7.95 -10.31 -16.68
CA VAL B 61 8.21 -11.72 -17.05
C VAL B 61 9.09 -12.37 -15.96
N GLU B 62 10.01 -11.64 -15.33
CA GLU B 62 10.74 -12.13 -14.13
C GLU B 62 9.78 -12.41 -12.97
N LYS B 63 8.80 -11.56 -12.65
CA LYS B 63 7.86 -11.86 -11.53
C LYS B 63 7.06 -13.14 -11.85
N LEU B 64 6.77 -13.41 -13.13
CA LEU B 64 5.95 -14.58 -13.55
C LEU B 64 6.81 -15.83 -13.72
N ASP B 65 8.13 -15.70 -13.77
CA ASP B 65 9.06 -16.77 -14.23
C ASP B 65 8.61 -17.25 -15.62
N LEU B 66 8.24 -16.32 -16.50
CA LEU B 66 7.70 -16.66 -17.84
C LEU B 66 8.78 -16.41 -18.90
N ASP B 67 8.99 -17.37 -19.82
CA ASP B 67 9.94 -17.21 -20.95
C ASP B 67 9.29 -16.26 -21.96
N PRO B 68 9.85 -15.06 -22.26
CA PRO B 68 9.20 -14.16 -23.22
C PRO B 68 9.10 -14.67 -24.67
N ALA B 69 9.86 -15.70 -25.02
CA ALA B 69 9.69 -16.39 -26.31
C ALA B 69 8.25 -16.92 -26.47
N LEU B 70 7.51 -17.11 -25.38
CA LEU B 70 6.11 -17.58 -25.41
C LEU B 70 5.17 -16.46 -25.85
N LEU B 71 5.66 -15.21 -25.89
CA LEU B 71 4.75 -14.09 -26.19
C LEU B 71 4.60 -13.93 -27.70
N GLU B 72 3.38 -13.63 -28.13
CA GLU B 72 3.09 -13.28 -29.56
C GLU B 72 3.54 -11.83 -29.88
N ASP B 73 3.34 -10.87 -28.97
CA ASP B 73 3.35 -9.44 -29.37
C ASP B 73 3.42 -8.62 -28.09
N VAL B 74 4.10 -7.49 -28.21
CA VAL B 74 4.10 -6.41 -27.20
C VAL B 74 3.33 -5.23 -27.79
N VAL B 75 2.34 -4.76 -27.07
CA VAL B 75 1.54 -3.59 -27.50
C VAL B 75 1.68 -2.53 -26.43
N MET B 76 2.25 -1.39 -26.80
CA MET B 76 2.71 -0.35 -25.86
C MET B 76 1.91 0.93 -26.10
N GLY B 77 1.17 1.37 -25.10
CA GLY B 77 0.42 2.62 -25.10
C GLY B 77 1.40 3.75 -24.89
N CYS B 78 1.19 4.85 -25.58
CA CYS B 78 2.03 6.07 -25.39
C CYS B 78 1.31 7.27 -26.00
N ALA B 79 1.05 8.33 -25.21
CA ALA B 79 0.27 9.51 -25.67
C ALA B 79 1.07 10.36 -26.69
N TYR B 80 2.39 10.40 -26.60
CA TYR B 80 3.27 11.23 -27.44
C TYR B 80 4.43 10.39 -27.98
N PRO B 81 4.16 9.55 -29.00
CA PRO B 81 5.15 8.60 -29.49
C PRO B 81 6.09 9.23 -30.53
N GLU B 82 6.98 10.05 -29.98
CA GLU B 82 7.99 10.83 -30.75
C GLU B 82 9.21 11.02 -29.88
N ALA B 83 10.34 11.43 -30.48
CA ALA B 83 11.57 11.74 -29.72
C ALA B 83 11.99 10.47 -28.96
N GLU B 84 12.19 10.50 -27.64
CA GLU B 84 12.64 9.29 -26.89
C GLU B 84 11.52 8.23 -26.86
N GLN B 85 10.28 8.63 -27.14
CA GLN B 85 9.10 7.70 -27.19
C GLN B 85 8.80 7.31 -28.64
N GLY B 86 9.69 7.62 -29.60
CA GLY B 86 9.49 7.36 -31.02
C GLY B 86 10.05 6.02 -31.44
N MET B 87 10.05 5.78 -32.74
CA MET B 87 10.69 4.62 -33.42
C MET B 87 10.01 3.30 -33.02
N ASN B 88 8.71 3.36 -32.74
CA ASN B 88 7.91 2.18 -32.31
C ASN B 88 8.47 1.68 -30.99
N ILE B 89 8.20 2.42 -29.93
CA ILE B 89 8.76 2.21 -28.57
C ILE B 89 8.43 0.80 -28.08
N ALA B 90 7.28 0.24 -28.44
CA ALA B 90 6.97 -1.17 -28.11
C ALA B 90 8.14 -2.05 -28.52
N ARG B 91 8.61 -1.93 -29.77
CA ARG B 91 9.65 -2.82 -30.33
C ARG B 91 11.02 -2.44 -29.76
N ILE B 92 11.28 -1.15 -29.60
CA ILE B 92 12.53 -0.68 -28.94
C ILE B 92 12.64 -1.25 -27.53
N ALA B 93 11.56 -1.14 -26.73
CA ALA B 93 11.55 -1.52 -25.32
C ALA B 93 11.73 -3.05 -25.26
N SER B 94 11.07 -3.77 -26.18
CA SER B 94 11.16 -5.25 -26.32
C SER B 94 12.63 -5.67 -26.52
N PHE B 95 13.34 -5.02 -27.45
CA PHE B 95 14.77 -5.31 -27.67
C PHE B 95 15.57 -4.99 -26.41
N ARG B 96 15.37 -3.80 -25.87
CA ARG B 96 16.13 -3.33 -24.69
C ARG B 96 15.90 -4.26 -23.49
N ALA B 97 14.69 -4.82 -23.30
CA ALA B 97 14.41 -5.82 -22.26
C ALA B 97 15.10 -7.17 -22.54
N GLY B 98 15.66 -7.36 -23.74
CA GLY B 98 16.33 -8.59 -24.16
C GLY B 98 15.35 -9.65 -24.57
N PHE B 99 14.16 -9.25 -25.00
CA PHE B 99 13.14 -10.23 -25.50
C PHE B 99 13.55 -10.65 -26.90
N PRO B 100 13.20 -11.89 -27.32
CA PRO B 100 13.51 -12.39 -28.64
C PRO B 100 12.89 -11.58 -29.79
N GLN B 101 13.56 -11.64 -30.95
CA GLN B 101 13.15 -10.89 -32.15
C GLN B 101 11.86 -11.47 -32.72
N SER B 102 11.46 -12.68 -32.31
CA SER B 102 10.27 -13.35 -32.86
C SER B 102 8.98 -12.65 -32.42
N LEU B 103 8.99 -11.89 -31.33
CA LEU B 103 7.80 -11.16 -30.86
C LEU B 103 7.46 -10.06 -31.87
N GLY B 104 6.19 -9.76 -32.01
CA GLY B 104 5.72 -8.50 -32.59
C GLY B 104 5.88 -7.36 -31.60
N GLY B 105 5.73 -6.15 -32.08
CA GLY B 105 5.68 -4.96 -31.24
C GLY B 105 4.98 -3.84 -31.96
N ALA B 106 4.06 -3.16 -31.28
CA ALA B 106 3.34 -2.02 -31.87
C ALA B 106 3.02 -1.01 -30.78
N THR B 107 2.96 0.26 -31.17
CA THR B 107 2.69 1.39 -30.28
C THR B 107 1.32 1.94 -30.59
N LEU B 108 0.54 2.25 -29.57
CA LEU B 108 -0.84 2.65 -29.76
C LEU B 108 -1.09 3.92 -28.97
N ASN B 109 -1.68 4.91 -29.63
CA ASN B 109 -2.01 6.22 -29.04
C ASN B 109 -3.53 6.37 -29.10
N ARG B 110 -4.16 6.25 -27.93
CA ARG B 110 -5.49 6.80 -27.62
C ARG B 110 -5.32 7.70 -26.38
N PHE B 111 -4.34 8.62 -26.46
CA PHE B 111 -3.86 9.53 -25.38
C PHE B 111 -3.90 8.83 -24.01
N CYS B 112 -4.73 9.30 -23.09
CA CYS B 112 -4.79 8.89 -21.64
C CYS B 112 -5.21 7.40 -21.53
N GLY B 113 -5.96 6.94 -22.52
CA GLY B 113 -6.50 5.56 -22.56
C GLY B 113 -5.66 4.61 -23.40
N SER B 114 -4.47 5.03 -23.85
CA SER B 114 -3.67 4.25 -24.82
C SER B 114 -3.49 2.80 -24.35
N SER B 115 -3.06 2.57 -23.11
CA SER B 115 -2.62 1.21 -22.74
C SER B 115 -3.83 0.38 -22.29
N MET B 116 -5.00 1.00 -22.07
CA MET B 116 -6.25 0.21 -21.95
C MET B 116 -6.64 -0.27 -23.33
N SER B 117 -6.49 0.54 -24.38
CA SER B 117 -6.79 0.07 -25.75
C SER B 117 -5.76 -1.04 -26.14
N ALA B 118 -4.54 -1.01 -25.64
CA ALA B 118 -3.53 -2.12 -25.80
C ALA B 118 -4.10 -3.43 -25.25
N VAL B 119 -4.77 -3.38 -24.08
CA VAL B 119 -5.44 -4.59 -23.48
C VAL B 119 -6.54 -5.06 -24.42
N HIS B 120 -7.36 -4.17 -24.96
CA HIS B 120 -8.47 -4.51 -25.86
C HIS B 120 -7.90 -5.11 -27.14
N TYR B 121 -6.81 -4.54 -27.67
CA TYR B 121 -6.18 -5.10 -28.88
C TYR B 121 -5.74 -6.54 -28.65
N ALA B 122 -5.07 -6.81 -27.52
CA ALA B 122 -4.48 -8.13 -27.23
C ALA B 122 -5.64 -9.12 -27.07
N ALA B 123 -6.69 -8.71 -26.37
CA ALA B 123 -7.90 -9.54 -26.08
C ALA B 123 -8.55 -9.94 -27.41
N GLY B 124 -8.71 -9.01 -28.34
CA GLY B 124 -9.23 -9.33 -29.68
C GLY B 124 -8.36 -10.33 -30.41
N GLN B 125 -7.03 -10.20 -30.36
CA GLN B 125 -6.08 -11.14 -31.02
C GLN B 125 -6.27 -12.57 -30.43
N VAL B 126 -6.47 -12.71 -29.12
CA VAL B 126 -6.69 -14.04 -28.51
C VAL B 126 -7.95 -14.65 -29.10
N LEU B 127 -9.05 -13.90 -29.17
CA LEU B 127 -10.30 -14.39 -29.82
C LEU B 127 -10.12 -14.76 -31.30
N LEU B 128 -9.31 -14.01 -32.04
CA LEU B 128 -9.00 -14.24 -33.47
C LEU B 128 -8.16 -15.52 -33.67
N GLY B 129 -7.64 -16.11 -32.60
CA GLY B 129 -6.74 -17.28 -32.62
C GLY B 129 -5.38 -16.88 -33.13
N ALA B 130 -5.01 -15.61 -32.97
CA ALA B 130 -3.78 -14.98 -33.51
C ALA B 130 -2.78 -14.81 -32.37
N GLY B 131 -2.49 -15.90 -31.66
CA GLY B 131 -1.61 -15.98 -30.49
C GLY B 131 -2.38 -16.17 -29.21
N GLU B 132 -1.69 -16.65 -28.18
CA GLU B 132 -2.33 -16.99 -26.91
C GLU B 132 -1.85 -16.06 -25.80
N ALA B 133 -0.75 -15.32 -25.99
CA ALA B 133 -0.20 -14.56 -24.86
C ALA B 133 0.42 -13.28 -25.36
N PHE B 134 0.18 -12.19 -24.65
CA PHE B 134 0.54 -10.84 -25.12
C PHE B 134 0.97 -10.00 -23.91
N ILE B 135 1.86 -9.04 -24.11
CA ILE B 135 2.01 -7.94 -23.14
C ILE B 135 1.28 -6.71 -23.66
N ALA B 136 0.31 -6.24 -22.87
CA ALA B 136 -0.36 -4.93 -23.03
C ALA B 136 0.25 -4.02 -21.97
N ALA B 137 0.94 -2.99 -22.41
CA ALA B 137 1.73 -2.12 -21.52
C ALA B 137 1.54 -0.66 -21.96
N GLY B 138 2.09 0.25 -21.17
CA GLY B 138 2.18 1.65 -21.54
C GLY B 138 3.33 2.35 -20.86
N VAL B 139 3.70 3.49 -21.39
CA VAL B 139 4.82 4.30 -20.84
C VAL B 139 4.52 5.75 -21.13
N GLU B 140 4.93 6.60 -20.20
CA GLU B 140 5.03 8.04 -20.47
C GLU B 140 6.14 8.59 -19.57
N SER B 141 7.11 9.23 -20.17
CA SER B 141 8.07 10.13 -19.47
C SER B 141 7.65 11.56 -19.78
N MET B 142 6.78 12.12 -18.96
CA MET B 142 6.25 13.49 -19.11
C MET B 142 7.39 14.47 -18.74
N THR B 143 8.49 13.99 -18.16
CA THR B 143 9.77 14.75 -18.04
C THR B 143 10.37 14.95 -19.42
N ARG B 144 10.51 13.88 -20.19
CA ARG B 144 11.46 13.86 -21.33
C ARG B 144 10.72 14.05 -22.66
N VAL B 145 9.40 13.88 -22.72
CA VAL B 145 8.57 14.26 -23.88
C VAL B 145 7.44 15.11 -23.32
N PRO B 146 7.46 16.44 -23.55
CA PRO B 146 6.48 17.32 -22.91
C PRO B 146 5.09 16.95 -23.44
N MET B 147 4.08 16.93 -22.56
CA MET B 147 2.66 16.83 -23.02
C MET B 147 2.45 17.85 -24.15
N GLY B 148 1.96 17.45 -25.33
CA GLY B 148 1.80 18.25 -26.56
C GLY B 148 2.81 17.84 -27.63
N GLY B 149 3.89 17.19 -27.21
CA GLY B 149 5.00 16.79 -28.10
C GLY B 149 5.80 18.02 -28.51
N PHE B 150 6.66 17.85 -29.50
CA PHE B 150 7.44 18.94 -30.14
C PHE B 150 6.71 19.31 -31.44
N ASN B 151 6.79 20.54 -31.92
CA ASN B 151 6.20 20.86 -33.26
C ASN B 151 4.68 20.64 -33.25
N LEU B 152 4.00 20.95 -32.15
CA LEU B 152 2.52 20.90 -32.05
C LEU B 152 1.95 21.67 -33.25
N SER B 153 1.16 21.03 -34.10
CA SER B 153 0.62 21.64 -35.35
C SER B 153 -0.88 21.39 -35.44
N PRO B 154 -1.74 22.21 -34.79
CA PRO B 154 -3.18 22.02 -34.86
C PRO B 154 -3.71 22.25 -36.28
N ASN B 155 -4.77 21.52 -36.64
CA ASN B 155 -5.44 21.63 -37.96
C ASN B 155 -6.02 23.04 -38.05
N PRO B 156 -5.60 23.89 -39.00
CA PRO B 156 -6.11 25.27 -39.09
C PRO B 156 -7.62 25.36 -39.29
N ALA B 157 -8.19 24.47 -40.12
CA ALA B 157 -9.64 24.38 -40.38
C ALA B 157 -10.38 24.01 -39.09
N LEU B 158 -9.91 23.03 -38.29
CA LEU B 158 -10.64 22.63 -37.05
C LEU B 158 -10.49 23.70 -36.00
N LEU B 159 -9.35 24.36 -35.94
CA LEU B 159 -9.09 25.44 -34.96
C LEU B 159 -10.07 26.60 -35.20
N GLN B 160 -10.53 26.81 -36.45
CA GLN B 160 -11.59 27.79 -36.84
C GLN B 160 -13.01 27.23 -36.62
N ASP B 161 -13.29 26.05 -37.15
CA ASP B 161 -14.66 25.46 -37.24
C ASP B 161 -15.02 24.73 -35.95
N TYR B 162 -14.04 24.17 -35.22
CA TYR B 162 -14.32 23.25 -34.08
C TYR B 162 -13.25 23.42 -33.01
N PRO B 163 -13.05 24.63 -32.45
CA PRO B 163 -11.95 24.89 -31.53
C PRO B 163 -11.86 23.99 -30.28
N ALA B 164 -12.99 23.51 -29.75
CA ALA B 164 -13.03 22.59 -28.60
C ALA B 164 -12.19 21.32 -28.88
N VAL B 165 -11.96 20.96 -30.14
CA VAL B 165 -11.11 19.78 -30.47
C VAL B 165 -9.79 19.95 -29.73
N TYR B 166 -9.32 21.20 -29.64
CA TYR B 166 -7.99 21.52 -29.08
C TYR B 166 -8.08 22.28 -27.74
N MET B 167 -9.23 22.27 -27.07
CA MET B 167 -9.44 22.92 -25.76
C MET B 167 -8.47 22.31 -24.73
N SER B 168 -7.97 23.11 -23.80
CA SER B 168 -7.05 22.59 -22.76
C SER B 168 -7.80 21.61 -21.85
N MET B 169 -7.09 20.64 -21.28
CA MET B 169 -7.71 19.65 -20.36
C MET B 169 -8.31 20.37 -19.14
N GLY B 170 -7.59 21.36 -18.60
CA GLY B 170 -8.04 22.19 -17.46
C GLY B 170 -9.37 22.83 -17.78
N GLN B 171 -9.55 23.41 -18.97
CA GLN B 171 -10.83 24.09 -19.29
C GLN B 171 -11.90 22.99 -19.33
N THR B 172 -11.62 21.79 -19.87
CA THR B 172 -12.63 20.69 -19.89
C THR B 172 -13.02 20.34 -18.44
N ALA B 173 -12.10 20.40 -17.50
CA ALA B 173 -12.37 20.04 -16.08
C ALA B 173 -13.25 21.11 -15.42
N GLU B 174 -12.99 22.38 -15.71
CA GLU B 174 -13.87 23.51 -15.29
C GLU B 174 -15.27 23.39 -15.91
N ASN B 175 -15.37 22.99 -17.18
CA ASN B 175 -16.66 22.78 -17.88
C ASN B 175 -17.45 21.70 -17.15
N VAL B 176 -16.77 20.66 -16.68
CA VAL B 176 -17.45 19.55 -15.99
C VAL B 176 -17.86 20.01 -14.56
N ALA B 177 -16.97 20.72 -13.85
CA ALA B 177 -17.25 21.23 -12.49
C ALA B 177 -18.52 22.09 -12.53
N GLU B 178 -18.69 22.89 -13.58
CA GLU B 178 -19.86 23.81 -13.72
C GLU B 178 -21.09 22.98 -14.07
N ARG B 179 -21.03 22.21 -15.15
CA ARG B 179 -22.21 21.58 -15.75
C ARG B 179 -22.71 20.42 -14.90
N TYR B 180 -21.83 19.80 -14.10
CA TYR B 180 -22.15 18.66 -13.21
C TYR B 180 -22.11 19.10 -11.73
N ALA B 181 -21.97 20.39 -11.46
CA ALA B 181 -22.12 20.93 -10.09
C ALA B 181 -21.18 20.18 -9.12
N VAL B 182 -19.87 20.23 -9.41
CA VAL B 182 -18.84 19.67 -8.49
C VAL B 182 -18.05 20.85 -7.88
N SER B 183 -18.34 21.16 -6.63
CA SER B 183 -17.68 22.30 -5.94
C SER B 183 -16.17 22.05 -5.80
N ARG B 184 -15.41 23.12 -5.59
CA ARG B 184 -13.97 23.06 -5.25
C ARG B 184 -13.83 22.22 -3.98
N VAL B 185 -14.67 22.44 -2.97
CA VAL B 185 -14.59 21.67 -1.70
C VAL B 185 -14.89 20.18 -1.97
N GLU B 186 -15.88 19.85 -2.79
CA GLU B 186 -16.15 18.43 -3.21
C GLU B 186 -14.91 17.84 -3.90
N GLN B 187 -14.21 18.62 -4.73
CA GLN B 187 -13.00 18.15 -5.48
C GLN B 187 -11.87 17.91 -4.47
N GLU B 188 -11.76 18.82 -3.50
CA GLU B 188 -10.67 18.76 -2.49
C GLU B 188 -10.89 17.54 -1.57
N GLU B 189 -12.12 17.17 -1.24
CA GLU B 189 -12.46 15.96 -0.42
C GLU B 189 -12.02 14.69 -1.15
N MET B 190 -12.21 14.65 -2.46
CA MET B 190 -11.70 13.49 -3.27
C MET B 190 -10.18 13.45 -3.15
N ALA B 191 -9.49 14.59 -3.25
CA ALA B 191 -8.03 14.64 -3.13
C ALA B 191 -7.62 14.13 -1.75
N VAL B 192 -8.31 14.53 -0.68
CA VAL B 192 -7.91 14.10 0.69
C VAL B 192 -8.01 12.58 0.76
N ARG B 193 -9.09 12.04 0.18
CA ARG B 193 -9.45 10.61 0.26
C ARG B 193 -8.45 9.82 -0.60
N SER B 194 -8.10 10.31 -1.79
CA SER B 194 -7.20 9.59 -2.74
C SER B 194 -5.81 9.43 -2.10
N HIS B 195 -5.30 10.49 -1.51
CA HIS B 195 -4.00 10.45 -0.78
C HIS B 195 -4.09 9.50 0.42
N ALA B 196 -5.13 9.59 1.24
CA ALA B 196 -5.35 8.76 2.44
C ALA B 196 -5.37 7.28 2.03
N LYS B 197 -6.10 6.94 0.95
CA LYS B 197 -6.22 5.54 0.49
C LYS B 197 -4.88 5.01 -0.05
N ALA B 198 -4.10 5.83 -0.74
CA ALA B 198 -2.78 5.42 -1.29
C ALA B 198 -1.81 5.20 -0.11
N VAL B 199 -1.85 6.08 0.90
CA VAL B 199 -0.96 5.97 2.09
C VAL B 199 -1.28 4.64 2.75
N ALA B 200 -2.55 4.36 3.01
CA ALA B 200 -2.97 3.11 3.69
C ALA B 200 -2.48 1.89 2.90
N ALA B 201 -2.67 1.90 1.57
CA ALA B 201 -2.19 0.81 0.69
C ALA B 201 -0.67 0.68 0.78
N ARG B 202 0.07 1.77 0.57
CA ARG B 202 1.54 1.73 0.61
C ARG B 202 2.03 1.18 1.98
N GLU B 203 1.53 1.73 3.06
CA GLU B 203 1.98 1.42 4.45
C GLU B 203 1.71 -0.06 4.76
N ALA B 204 0.69 -0.67 4.15
CA ALA B 204 0.32 -2.08 4.38
C ALA B 204 1.06 -3.02 3.44
N GLY B 205 1.99 -2.53 2.64
CA GLY B 205 2.77 -3.34 1.67
C GLY B 205 1.94 -3.71 0.46
N LEU B 206 0.77 -3.08 0.28
CA LEU B 206 -0.21 -3.50 -0.76
C LEU B 206 0.13 -2.98 -2.16
N LEU B 207 1.12 -2.12 -2.27
CA LEU B 207 1.60 -1.69 -3.61
C LEU B 207 2.91 -2.41 -3.97
N ARG B 208 3.51 -3.23 -3.08
CA ARG B 208 4.88 -3.72 -3.38
C ARG B 208 4.85 -4.74 -4.52
N GLU B 209 3.87 -5.60 -4.50
CA GLU B 209 3.90 -6.79 -5.39
C GLU B 209 3.82 -6.30 -6.84
N GLU B 210 3.04 -5.26 -7.08
CA GLU B 210 2.85 -4.72 -8.46
C GLU B 210 4.10 -3.94 -8.94
N ILE B 211 5.00 -3.55 -8.05
CA ILE B 211 6.11 -2.62 -8.38
C ILE B 211 7.35 -3.38 -8.85
N VAL B 212 7.97 -2.87 -9.92
CA VAL B 212 9.33 -3.23 -10.37
C VAL B 212 10.26 -2.08 -9.98
N ALA B 213 11.25 -2.35 -9.14
CA ALA B 213 12.21 -1.30 -8.75
C ALA B 213 13.04 -0.95 -9.99
N ILE B 214 13.43 0.33 -10.08
CA ILE B 214 14.17 0.87 -11.23
C ILE B 214 15.53 1.37 -10.74
N ASP B 215 16.58 0.99 -11.44
CA ASP B 215 17.97 1.44 -11.16
C ASP B 215 18.11 2.81 -11.82
N THR B 216 18.60 3.78 -11.08
CA THR B 216 18.84 5.15 -11.58
C THR B 216 20.23 5.58 -11.16
N PRO B 217 20.77 6.64 -11.81
CA PRO B 217 22.03 7.26 -11.39
C PRO B 217 22.10 7.59 -9.88
N ALA B 218 21.00 8.00 -9.26
CA ALA B 218 20.96 8.32 -7.80
C ALA B 218 20.67 7.09 -6.95
N GLY B 219 20.46 5.91 -7.56
CA GLY B 219 20.21 4.66 -6.82
C GLY B 219 18.87 4.04 -7.18
N ARG B 220 18.49 3.01 -6.42
CA ARG B 220 17.36 2.12 -6.72
C ARG B 220 16.06 2.82 -6.27
N VAL B 221 15.07 2.91 -7.16
CA VAL B 221 13.77 3.57 -6.87
C VAL B 221 12.72 2.46 -6.76
N ALA B 222 12.09 2.31 -5.60
CA ALA B 222 11.22 1.16 -5.29
C ALA B 222 9.84 1.64 -4.84
N GLU B 223 9.68 2.90 -4.50
CA GLU B 223 8.44 3.40 -3.88
C GLU B 223 7.88 4.54 -4.75
N ASP B 224 6.55 4.63 -4.83
CA ASP B 224 5.78 5.72 -5.48
C ASP B 224 6.17 7.11 -4.90
N GLY B 225 6.20 8.15 -5.73
CA GLY B 225 6.76 9.47 -5.34
C GLY B 225 5.70 10.55 -5.27
N CYS B 226 4.44 10.30 -5.69
CA CYS B 226 3.42 11.39 -5.89
C CYS B 226 2.46 11.44 -4.71
N ILE B 227 2.58 10.50 -3.76
CA ILE B 227 1.64 10.41 -2.63
C ILE B 227 2.09 11.50 -1.68
N ARG B 228 1.13 12.24 -1.10
CA ARG B 228 1.37 13.35 -0.16
C ARG B 228 0.60 13.04 1.13
N PRO B 229 1.21 12.31 2.08
CA PRO B 229 0.53 11.94 3.31
C PRO B 229 0.11 13.22 4.05
N GLY B 230 -1.07 13.25 4.62
CA GLY B 230 -1.53 14.42 5.40
C GLY B 230 -2.08 15.52 4.51
N THR B 231 -2.34 15.24 3.23
CA THR B 231 -3.17 16.09 2.34
C THR B 231 -4.49 16.37 3.06
N ASN B 232 -4.88 17.64 3.16
CA ASN B 232 -5.92 18.03 4.14
C ASN B 232 -6.68 19.23 3.57
N LEU B 233 -7.95 19.36 3.92
CA LEU B 233 -8.87 20.39 3.35
C LEU B 233 -8.29 21.80 3.60
N GLU B 234 -7.84 22.11 4.83
CA GLU B 234 -7.36 23.48 5.14
C GLU B 234 -6.22 23.86 4.20
N SER B 235 -5.27 22.95 3.97
CA SER B 235 -4.05 23.25 3.18
C SER B 235 -4.43 23.36 1.71
N LEU B 236 -5.30 22.48 1.24
CA LEU B 236 -5.82 22.53 -0.15
C LEU B 236 -6.57 23.85 -0.43
N ALA B 237 -7.39 24.30 0.51
CA ALA B 237 -8.26 25.49 0.33
C ALA B 237 -7.42 26.76 0.14
N GLN B 238 -6.11 26.73 0.48
CA GLN B 238 -5.15 27.86 0.32
C GLN B 238 -4.49 27.90 -1.06
N LEU B 239 -4.57 26.85 -1.88
CA LEU B 239 -3.90 26.83 -3.20
C LEU B 239 -4.61 27.79 -4.16
N LYS B 240 -3.89 28.26 -5.16
CA LYS B 240 -4.40 29.12 -6.25
C LYS B 240 -5.16 28.23 -7.24
N PRO B 241 -6.27 28.73 -7.82
CA PRO B 241 -6.90 28.10 -8.97
C PRO B 241 -5.86 27.91 -10.08
N ALA B 242 -5.95 26.81 -10.81
CA ALA B 242 -5.05 26.46 -11.93
C ALA B 242 -5.60 27.03 -13.24
N PHE B 243 -6.92 27.10 -13.40
CA PHE B 243 -7.55 27.34 -14.72
C PHE B 243 -8.63 28.42 -14.62
N GLY B 244 -8.46 29.35 -13.67
CA GLY B 244 -9.35 30.52 -13.48
C GLY B 244 -10.70 30.14 -12.90
N GLY B 245 -10.77 29.07 -12.11
CA GLY B 245 -12.04 28.53 -11.62
C GLY B 245 -11.88 27.75 -10.32
N SER B 246 -12.50 26.55 -10.24
CA SER B 246 -12.57 25.66 -9.05
C SER B 246 -11.37 24.73 -8.95
N VAL B 247 -10.84 24.28 -10.09
CA VAL B 247 -9.79 23.23 -10.15
C VAL B 247 -8.45 23.81 -9.69
N THR B 248 -7.68 23.03 -8.91
CA THR B 248 -6.29 23.38 -8.52
C THR B 248 -5.27 22.31 -8.95
N ALA B 249 -3.99 22.60 -8.76
CA ALA B 249 -2.90 21.62 -8.95
C ALA B 249 -3.21 20.34 -8.16
N ALA B 250 -3.87 20.42 -7.00
CA ALA B 250 -4.02 19.25 -6.10
C ALA B 250 -5.26 18.43 -6.50
N THR B 251 -6.15 18.98 -7.34
CA THR B 251 -7.42 18.30 -7.74
C THR B 251 -7.32 17.97 -9.23
N SER B 252 -6.10 18.03 -9.76
CA SER B 252 -5.65 17.58 -11.10
C SER B 252 -4.58 16.50 -10.90
N SER B 253 -4.52 15.47 -11.77
CA SER B 253 -3.43 14.48 -11.69
C SER B 253 -2.13 15.22 -12.00
N PRO B 254 -0.99 14.84 -11.40
CA PRO B 254 0.27 15.50 -11.65
C PRO B 254 0.92 15.04 -12.95
N LEU B 255 1.82 15.86 -13.49
CA LEU B 255 2.75 15.44 -14.56
C LEU B 255 3.58 14.33 -13.94
N THR B 256 3.68 13.20 -14.64
CA THR B 256 4.15 11.91 -14.06
C THR B 256 5.03 11.16 -15.05
N ASP B 257 6.02 10.44 -14.51
CA ASP B 257 6.82 9.45 -15.27
C ASP B 257 6.50 8.04 -14.74
N GLY B 258 6.25 7.08 -15.64
CA GLY B 258 6.06 5.69 -15.23
C GLY B 258 5.73 4.80 -16.39
N SER B 259 5.76 3.49 -16.13
CA SER B 259 5.38 2.46 -17.11
C SER B 259 4.64 1.36 -16.34
N ALA B 260 3.65 0.76 -16.98
CA ALA B 260 2.88 -0.37 -16.48
C ALA B 260 2.75 -1.42 -17.59
N ALA B 261 2.63 -2.69 -17.21
CA ALA B 261 2.50 -3.80 -18.19
C ALA B 261 1.65 -4.94 -17.60
N LEU B 262 0.85 -5.54 -18.48
CA LEU B 262 -0.05 -6.66 -18.14
C LEU B 262 0.32 -7.83 -19.03
N LEU B 263 0.13 -9.07 -18.52
CA LEU B 263 0.12 -10.26 -19.40
C LEU B 263 -1.36 -10.55 -19.70
N VAL B 264 -1.72 -10.49 -20.98
CA VAL B 264 -3.09 -10.81 -21.47
C VAL B 264 -2.96 -12.11 -22.23
N CYS B 265 -3.77 -13.14 -21.89
CA CYS B 265 -3.54 -14.46 -22.47
C CYS B 265 -4.83 -15.23 -22.35
N SER B 266 -4.88 -16.33 -23.11
CA SER B 266 -5.97 -17.31 -22.94
C SER B 266 -5.90 -17.86 -21.53
N GLU B 267 -7.05 -18.22 -20.94
CA GLU B 267 -7.10 -18.96 -19.67
C GLU B 267 -6.25 -20.23 -19.75
N ASP B 268 -6.39 -20.98 -20.84
CA ASP B 268 -5.60 -22.21 -21.14
C ASP B 268 -4.09 -21.94 -21.03
N PHE B 269 -3.60 -20.83 -21.58
CA PHE B 269 -2.17 -20.47 -21.53
C PHE B 269 -1.73 -20.27 -20.07
N ALA B 270 -2.50 -19.51 -19.28
CA ALA B 270 -2.18 -19.21 -17.85
C ALA B 270 -2.15 -20.53 -17.03
N ARG B 271 -3.17 -21.40 -17.17
CA ARG B 271 -3.22 -22.73 -16.52
C ARG B 271 -1.99 -23.56 -16.88
N ARG B 272 -1.68 -23.69 -18.18
CA ARG B 272 -0.56 -24.50 -18.71
C ARG B 272 0.78 -24.04 -18.11
N HIS B 273 0.98 -22.74 -17.86
CA HIS B 273 2.24 -22.17 -17.37
C HIS B 273 2.25 -21.91 -15.85
N GLY B 274 1.20 -22.35 -15.13
CA GLY B 274 1.07 -22.22 -13.67
C GLY B 274 1.06 -20.77 -13.26
N LEU B 275 0.42 -19.89 -14.04
CA LEU B 275 0.29 -18.46 -13.71
C LEU B 275 -0.95 -18.27 -12.84
N VAL B 276 -0.83 -17.45 -11.79
CA VAL B 276 -2.01 -16.97 -11.01
C VAL B 276 -2.82 -16.07 -11.95
N ILE B 277 -4.11 -16.38 -12.10
CA ILE B 277 -5.06 -15.55 -12.86
C ILE B 277 -5.59 -14.46 -11.93
N LEU B 278 -5.44 -13.20 -12.33
CA LEU B 278 -6.00 -12.07 -11.58
C LEU B 278 -7.50 -11.95 -11.86
N ALA B 279 -7.91 -11.88 -13.12
CA ALA B 279 -9.33 -11.75 -13.51
C ALA B 279 -9.51 -12.11 -14.99
N ARG B 280 -10.74 -12.38 -15.38
CA ARG B 280 -11.12 -12.64 -16.78
C ARG B 280 -11.61 -11.32 -17.38
N ILE B 281 -11.25 -11.04 -18.61
CA ILE B 281 -11.82 -9.88 -19.36
C ILE B 281 -13.18 -10.30 -19.90
N LYS B 282 -14.26 -9.69 -19.40
CA LYS B 282 -15.66 -10.10 -19.66
C LYS B 282 -16.23 -9.19 -20.73
N ALA B 283 -15.89 -7.90 -20.75
CA ALA B 283 -16.35 -7.02 -21.84
C ALA B 283 -15.42 -5.81 -21.94
N VAL B 284 -15.40 -5.18 -23.10
CA VAL B 284 -14.51 -4.00 -23.36
C VAL B 284 -15.31 -2.96 -24.12
N ALA B 285 -14.90 -1.68 -24.09
CA ALA B 285 -15.63 -0.64 -24.81
C ALA B 285 -14.77 0.60 -24.95
N VAL B 286 -15.09 1.31 -26.03
CA VAL B 286 -14.65 2.70 -26.26
C VAL B 286 -15.92 3.47 -26.58
N ALA B 287 -15.95 4.74 -26.23
CA ALA B 287 -17.11 5.61 -26.52
C ALA B 287 -16.58 7.03 -26.71
N GLY B 288 -17.00 7.71 -27.77
CA GLY B 288 -16.65 9.11 -28.01
C GLY B 288 -17.59 9.98 -27.23
N CYS B 289 -17.20 11.19 -26.94
CA CYS B 289 -18.11 12.18 -26.29
C CYS B 289 -17.63 13.54 -26.73
N ALA B 290 -18.31 14.62 -26.30
CA ALA B 290 -17.93 16.01 -26.64
C ALA B 290 -16.54 16.31 -26.08
N PRO B 291 -15.57 16.76 -26.88
CA PRO B 291 -14.25 17.06 -26.35
C PRO B 291 -14.27 18.10 -25.22
N GLU B 292 -15.21 19.04 -25.27
CA GLU B 292 -15.31 20.14 -24.27
C GLU B 292 -15.59 19.59 -22.85
N ILE B 293 -16.17 18.39 -22.75
CA ILE B 293 -16.37 17.71 -21.46
C ILE B 293 -15.76 16.30 -21.55
N MET B 294 -14.55 16.19 -22.04
CA MET B 294 -13.88 14.87 -22.32
C MET B 294 -13.90 14.02 -21.04
N GLY B 295 -13.87 14.66 -19.86
CA GLY B 295 -13.82 14.00 -18.54
C GLY B 295 -15.01 13.08 -18.31
N MET B 296 -16.08 13.22 -19.10
CA MET B 296 -17.34 12.45 -18.91
C MET B 296 -17.29 11.16 -19.75
N GLY B 297 -16.19 10.98 -20.48
CA GLY B 297 -15.98 9.80 -21.34
C GLY B 297 -16.33 8.49 -20.66
N PRO B 298 -15.94 8.28 -19.38
CA PRO B 298 -16.28 7.04 -18.67
C PRO B 298 -17.75 6.64 -18.59
N VAL B 299 -18.71 7.56 -18.74
CA VAL B 299 -20.13 7.20 -18.48
C VAL B 299 -20.61 6.29 -19.60
N GLN B 300 -20.46 6.71 -20.85
CA GLN B 300 -20.92 5.89 -22.00
C GLN B 300 -20.07 4.62 -22.10
N ALA B 301 -18.77 4.68 -21.85
CA ALA B 301 -17.86 3.49 -21.91
C ALA B 301 -18.27 2.42 -20.89
N THR B 302 -18.55 2.84 -19.64
CA THR B 302 -19.04 1.94 -18.57
C THR B 302 -20.41 1.38 -18.93
N ARG B 303 -21.32 2.22 -19.41
CA ARG B 303 -22.69 1.77 -19.81
C ARG B 303 -22.56 0.70 -20.89
N LYS B 304 -21.61 0.87 -21.83
CA LYS B 304 -21.39 -0.14 -22.90
C LYS B 304 -20.92 -1.47 -22.32
N VAL B 305 -19.93 -1.48 -21.44
CA VAL B 305 -19.41 -2.77 -20.90
C VAL B 305 -20.48 -3.46 -20.05
N LEU B 306 -21.27 -2.71 -19.28
CA LEU B 306 -22.38 -3.29 -18.49
C LEU B 306 -23.37 -3.99 -19.45
N GLN B 307 -23.79 -3.27 -20.51
CA GLN B 307 -24.76 -3.77 -21.53
C GLN B 307 -24.21 -5.06 -22.15
N ARG B 308 -22.91 -5.07 -22.50
CA ARG B 308 -22.26 -6.21 -23.20
C ARG B 308 -22.03 -7.39 -22.26
N ALA B 309 -21.81 -7.12 -20.98
CA ALA B 309 -21.63 -8.16 -19.93
C ALA B 309 -22.99 -8.71 -19.48
N GLY B 310 -24.08 -7.99 -19.77
CA GLY B 310 -25.43 -8.27 -19.21
C GLY B 310 -25.50 -7.99 -17.71
N LEU B 311 -24.82 -6.95 -17.24
CA LEU B 311 -24.77 -6.55 -15.80
C LEU B 311 -25.27 -5.13 -15.62
N GLY B 312 -25.50 -4.75 -14.37
CA GLY B 312 -25.81 -3.40 -13.96
C GLY B 312 -24.83 -2.92 -12.91
N ILE B 313 -24.91 -1.64 -12.61
CA ILE B 313 -23.99 -0.95 -11.68
C ILE B 313 -24.00 -1.67 -10.32
N ALA B 314 -25.15 -2.20 -9.87
CA ALA B 314 -25.32 -2.87 -8.55
C ALA B 314 -24.56 -4.21 -8.49
N ASP B 315 -24.17 -4.81 -9.62
CA ASP B 315 -23.36 -6.05 -9.74
C ASP B 315 -21.85 -5.80 -9.53
N ILE B 316 -21.38 -4.55 -9.58
CA ILE B 316 -19.91 -4.22 -9.61
C ILE B 316 -19.35 -4.03 -8.19
N ASP B 317 -18.42 -4.88 -7.78
CA ASP B 317 -17.79 -4.85 -6.44
C ASP B 317 -16.88 -3.62 -6.26
N LEU B 318 -16.09 -3.29 -7.27
CA LEU B 318 -15.13 -2.15 -7.18
C LEU B 318 -14.90 -1.55 -8.55
N VAL B 319 -14.45 -0.30 -8.57
CA VAL B 319 -14.13 0.40 -9.84
C VAL B 319 -12.79 1.08 -9.67
N GLU B 320 -11.95 0.97 -10.67
CA GLU B 320 -10.78 1.87 -10.91
C GLU B 320 -11.21 2.90 -11.96
N ILE B 321 -11.48 4.12 -11.54
CA ILE B 321 -11.79 5.26 -12.47
C ILE B 321 -10.63 6.24 -12.35
N ASN B 322 -9.99 6.55 -13.46
CA ASN B 322 -8.79 7.41 -13.41
C ASN B 322 -9.18 8.81 -12.93
N GLU B 323 -8.39 9.33 -12.00
CA GLU B 323 -8.60 10.67 -11.42
C GLU B 323 -7.78 11.68 -12.22
N ALA B 324 -8.12 11.93 -13.49
CA ALA B 324 -7.43 12.96 -14.28
C ALA B 324 -7.70 14.29 -13.60
N PHE B 325 -8.97 14.53 -13.26
CA PHE B 325 -9.42 15.65 -12.40
C PHE B 325 -10.50 15.16 -11.44
N ALA B 326 -10.49 15.68 -10.20
CA ALA B 326 -11.55 15.37 -9.21
C ALA B 326 -12.91 15.71 -9.82
N SER B 327 -13.01 16.84 -10.53
CA SER B 327 -14.31 17.31 -11.09
C SER B 327 -14.94 16.21 -11.94
N GLN B 328 -14.20 15.67 -12.91
CA GLN B 328 -14.74 14.64 -13.86
C GLN B 328 -14.91 13.27 -13.19
N SER B 329 -13.94 12.81 -12.38
CA SER B 329 -14.07 11.53 -11.61
C SER B 329 -15.37 11.57 -10.81
N ILE B 330 -15.59 12.64 -10.04
CA ILE B 330 -16.80 12.75 -9.18
C ILE B 330 -18.05 12.78 -10.06
N ALA B 331 -18.03 13.61 -11.10
CA ALA B 331 -19.19 13.77 -12.01
C ALA B 331 -19.53 12.38 -12.59
N CYS B 332 -18.51 11.58 -12.93
CA CYS B 332 -18.77 10.26 -13.57
C CYS B 332 -19.39 9.31 -12.55
N ILE B 333 -18.81 9.28 -11.36
CA ILE B 333 -19.23 8.40 -10.23
C ILE B 333 -20.71 8.72 -9.91
N ARG B 334 -21.07 9.98 -9.84
CA ARG B 334 -22.47 10.37 -9.51
C ARG B 334 -23.41 9.92 -10.63
N GLU B 335 -23.04 10.19 -11.89
CA GLU B 335 -23.89 9.90 -13.07
C GLU B 335 -24.10 8.39 -13.18
N LEU B 336 -23.10 7.57 -12.81
CA LEU B 336 -23.22 6.09 -12.91
C LEU B 336 -23.92 5.53 -11.65
N GLY B 337 -24.09 6.33 -10.60
CA GLY B 337 -24.77 5.90 -9.37
C GLY B 337 -23.87 5.00 -8.56
N LEU B 338 -22.56 5.19 -8.61
CA LEU B 338 -21.59 4.34 -7.87
C LEU B 338 -21.44 4.84 -6.43
N ASP B 339 -21.21 3.91 -5.52
CA ASP B 339 -20.81 4.19 -4.12
C ASP B 339 -19.34 4.59 -4.15
N MET B 340 -19.03 5.77 -3.63
CA MET B 340 -17.63 6.28 -3.59
C MET B 340 -16.73 5.34 -2.80
N ASP B 341 -17.29 4.54 -1.91
CA ASP B 341 -16.53 3.58 -1.06
C ASP B 341 -16.01 2.42 -1.94
N ARG B 342 -16.52 2.26 -3.15
CA ARG B 342 -16.10 1.15 -4.06
C ARG B 342 -15.07 1.64 -5.09
N ILE B 343 -14.61 2.88 -4.97
CA ILE B 343 -13.80 3.59 -5.99
C ILE B 343 -12.33 3.60 -5.54
N ASN B 344 -11.40 3.23 -6.44
CA ASN B 344 -9.92 3.49 -6.31
C ASN B 344 -9.48 3.07 -4.89
N LEU B 345 -9.68 1.80 -4.56
CA LEU B 345 -9.55 1.28 -3.16
C LEU B 345 -8.19 1.55 -2.56
N ASP B 346 -7.10 1.43 -3.35
CA ASP B 346 -5.69 1.68 -2.92
C ASP B 346 -5.18 3.04 -3.40
N GLY B 347 -6.05 4.02 -3.59
CA GLY B 347 -5.64 5.37 -4.03
C GLY B 347 -5.93 5.53 -5.50
N GLY B 348 -6.02 6.77 -5.95
CA GLY B 348 -6.28 7.12 -7.35
C GLY B 348 -5.14 7.96 -7.88
N ALA B 349 -5.22 8.38 -9.14
CA ALA B 349 -4.14 9.10 -9.85
C ALA B 349 -3.79 10.43 -9.18
N LEU B 350 -4.71 11.08 -8.48
CA LEU B 350 -4.34 12.35 -7.77
C LEU B 350 -3.12 12.06 -6.87
N ALA B 351 -3.07 10.87 -6.25
CA ALA B 351 -2.00 10.44 -5.32
C ALA B 351 -0.93 9.60 -6.04
N ILE B 352 -1.34 8.68 -6.91
CA ILE B 352 -0.41 7.67 -7.52
C ILE B 352 0.32 8.29 -8.71
N GLY B 353 -0.30 9.21 -9.46
CA GLY B 353 0.27 9.76 -10.71
C GLY B 353 -0.48 9.28 -11.94
N HIS B 354 -0.32 9.96 -13.04
CA HIS B 354 -1.03 9.69 -14.33
C HIS B 354 -0.01 9.89 -15.45
N PRO B 355 0.95 8.94 -15.67
CA PRO B 355 1.82 8.97 -16.83
C PRO B 355 0.96 8.47 -17.99
N LEU B 356 0.53 9.39 -18.87
CA LEU B 356 -0.66 9.21 -19.73
C LEU B 356 -0.67 7.81 -20.36
N GLY B 357 0.39 7.45 -21.08
CA GLY B 357 0.46 6.18 -21.86
C GLY B 357 0.34 4.97 -20.95
N ALA B 358 0.81 5.06 -19.71
CA ALA B 358 0.88 3.90 -18.79
C ALA B 358 -0.42 3.74 -18.02
N THR B 359 -1.25 4.78 -17.87
CA THR B 359 -2.36 4.73 -16.91
C THR B 359 -3.36 3.59 -17.20
N GLY B 360 -3.70 3.33 -18.45
CA GLY B 360 -4.74 2.33 -18.77
C GLY B 360 -4.35 0.92 -18.35
N ALA B 361 -3.10 0.55 -18.58
CA ALA B 361 -2.50 -0.74 -18.15
C ALA B 361 -2.49 -0.76 -16.60
N ARG B 362 -2.12 0.35 -15.95
CA ARG B 362 -2.10 0.34 -14.45
C ARG B 362 -3.51 0.10 -13.91
N ILE B 363 -4.52 0.84 -14.36
CA ILE B 363 -5.84 0.81 -13.68
C ILE B 363 -6.55 -0.51 -14.05
N THR B 364 -6.25 -1.06 -15.23
CA THR B 364 -6.82 -2.37 -15.64
C THR B 364 -6.18 -3.46 -14.79
N GLY B 365 -4.86 -3.47 -14.72
CA GLY B 365 -4.07 -4.40 -13.89
C GLY B 365 -4.51 -4.31 -12.45
N LYS B 366 -4.60 -3.09 -11.93
CA LYS B 366 -4.88 -2.86 -10.50
C LYS B 366 -6.30 -3.32 -10.18
N ALA B 367 -7.27 -3.05 -11.06
CA ALA B 367 -8.67 -3.49 -10.88
C ALA B 367 -8.70 -5.03 -10.79
N ALA B 368 -7.97 -5.70 -11.69
CA ALA B 368 -7.82 -7.16 -11.76
C ALA B 368 -7.25 -7.65 -10.42
N ALA B 369 -6.11 -7.13 -9.99
CA ALA B 369 -5.46 -7.57 -8.74
C ALA B 369 -6.33 -7.29 -7.50
N LEU B 370 -7.04 -6.16 -7.46
CA LEU B 370 -7.92 -5.84 -6.30
C LEU B 370 -9.13 -6.78 -6.29
N LEU B 371 -9.66 -7.10 -7.48
CA LEU B 371 -10.79 -8.04 -7.57
C LEU B 371 -10.37 -9.37 -6.93
N ARG B 372 -9.16 -9.85 -7.23
CA ARG B 372 -8.67 -11.13 -6.68
C ARG B 372 -8.44 -10.96 -5.18
N ARG B 373 -7.75 -9.91 -4.78
CA ARG B 373 -7.41 -9.68 -3.34
C ARG B 373 -8.69 -9.55 -2.51
N THR B 374 -9.70 -8.82 -2.97
CA THR B 374 -10.88 -8.49 -2.13
C THR B 374 -11.90 -9.62 -2.20
N GLY B 375 -11.76 -10.59 -3.10
CA GLY B 375 -12.70 -11.71 -3.26
C GLY B 375 -14.01 -11.33 -3.94
N GLY B 376 -14.03 -10.23 -4.70
CA GLY B 376 -15.23 -9.75 -5.39
C GLY B 376 -15.51 -10.56 -6.62
N ARG B 377 -16.65 -10.31 -7.24
CA ARG B 377 -17.01 -11.01 -8.47
C ARG B 377 -16.72 -10.16 -9.72
N TYR B 378 -17.07 -8.88 -9.73
CA TYR B 378 -16.95 -8.03 -10.95
C TYR B 378 -16.28 -6.72 -10.59
N ALA B 379 -15.48 -6.24 -11.50
CA ALA B 379 -14.81 -4.92 -11.40
C ALA B 379 -14.90 -4.21 -12.74
N ILE B 380 -14.73 -2.88 -12.72
CA ILE B 380 -14.60 -2.09 -13.95
C ILE B 380 -13.42 -1.14 -13.78
N ALA B 381 -12.61 -1.07 -14.82
CA ALA B 381 -11.57 -0.03 -14.99
C ALA B 381 -12.04 0.90 -16.09
N THR B 382 -12.10 2.21 -15.86
CA THR B 382 -12.65 3.14 -16.88
C THR B 382 -11.89 4.44 -16.79
N GLN B 383 -11.79 5.15 -17.89
CA GLN B 383 -11.14 6.48 -17.80
C GLN B 383 -11.52 7.38 -18.96
N CYS B 384 -11.26 8.66 -18.74
CA CYS B 384 -11.48 9.68 -19.76
C CYS B 384 -10.24 9.84 -20.63
N ILE B 385 -10.45 10.43 -21.80
CA ILE B 385 -9.41 10.57 -22.84
C ILE B 385 -9.52 11.97 -23.47
N ALA B 386 -8.37 12.65 -23.53
CA ALA B 386 -8.26 13.93 -24.24
C ALA B 386 -8.83 13.77 -25.65
N GLY B 387 -9.64 14.72 -26.11
CA GLY B 387 -10.24 14.65 -27.45
C GLY B 387 -11.67 14.13 -27.39
N GLY B 388 -12.14 13.85 -26.19
CA GLY B 388 -13.53 13.37 -25.95
C GLY B 388 -13.68 11.89 -26.21
N GLN B 389 -13.03 11.05 -25.42
CA GLN B 389 -13.37 9.61 -25.46
C GLN B 389 -13.31 9.03 -24.05
N GLY B 390 -13.94 7.87 -23.88
CA GLY B 390 -13.78 7.04 -22.68
C GLY B 390 -13.57 5.59 -23.10
N VAL B 391 -12.86 4.87 -22.26
CA VAL B 391 -12.61 3.43 -22.40
C VAL B 391 -13.00 2.73 -21.11
N ALA B 392 -13.41 1.48 -21.21
CA ALA B 392 -13.74 0.66 -20.04
C ALA B 392 -13.46 -0.81 -20.31
N THR B 393 -13.11 -1.48 -19.23
CA THR B 393 -12.88 -2.95 -19.21
C THR B 393 -13.66 -3.51 -18.04
N LEU B 394 -14.45 -4.56 -18.30
CA LEU B 394 -15.20 -5.19 -17.21
C LEU B 394 -14.57 -6.56 -16.96
N LEU B 395 -14.18 -6.78 -15.71
CA LEU B 395 -13.41 -7.95 -15.24
C LEU B 395 -14.33 -8.83 -14.40
N GLU B 396 -14.09 -10.14 -14.42
CA GLU B 396 -14.84 -11.18 -13.66
C GLU B 396 -13.83 -12.08 -12.94
N ALA B 397 -14.09 -12.41 -11.69
CA ALA B 397 -13.19 -13.26 -10.89
C ALA B 397 -13.13 -14.64 -11.56
N VAL B 398 -12.01 -15.35 -11.39
CA VAL B 398 -11.82 -16.72 -11.92
C VAL B 398 -11.77 -17.65 -10.71
N GLU B 399 -12.52 -18.77 -10.74
CA GLU B 399 -12.74 -19.69 -9.58
C GLU B 399 -11.39 -20.19 -9.05
N PRO C 23 -19.18 -18.88 -34.09
CA PRO C 23 -18.28 -17.79 -34.50
C PRO C 23 -19.02 -16.64 -35.20
N ILE C 24 -18.61 -15.40 -34.92
CA ILE C 24 -19.01 -14.16 -35.67
C ILE C 24 -18.12 -14.17 -36.89
N SER C 25 -18.58 -13.68 -38.03
CA SER C 25 -17.81 -13.57 -39.30
C SER C 25 -17.43 -12.09 -39.51
N VAL C 26 -16.16 -11.80 -39.78
CA VAL C 26 -15.66 -10.40 -39.90
C VAL C 26 -15.29 -10.18 -41.35
N VAL C 27 -15.76 -9.10 -41.94
CA VAL C 27 -15.63 -8.87 -43.41
C VAL C 27 -14.99 -7.53 -43.66
N ILE C 28 -14.45 -7.39 -44.87
CA ILE C 28 -14.13 -6.07 -45.43
C ILE C 28 -15.29 -5.69 -46.36
N ALA C 29 -15.97 -4.58 -46.08
CA ALA C 29 -17.18 -4.19 -46.85
C ALA C 29 -16.98 -2.80 -47.40
N GLY C 30 -15.73 -2.37 -47.55
CA GLY C 30 -15.42 -1.10 -48.21
C GLY C 30 -13.93 -0.88 -48.32
N TYR C 31 -13.48 -0.23 -49.40
CA TYR C 31 -12.05 0.07 -49.62
C TYR C 31 -11.92 1.33 -50.46
N ALA C 32 -11.25 2.33 -49.92
CA ALA C 32 -10.98 3.62 -50.60
C ALA C 32 -9.56 4.09 -50.27
N ARG C 33 -8.99 4.89 -51.16
CA ARG C 33 -7.69 5.51 -50.87
C ARG C 33 -7.60 6.80 -51.67
N SER C 34 -6.72 7.69 -51.23
CA SER C 34 -6.26 8.79 -52.13
C SER C 34 -5.48 8.16 -53.28
N PRO C 35 -5.23 8.98 -54.33
CA PRO C 35 -4.17 8.67 -55.27
C PRO C 35 -2.89 8.71 -54.43
N PHE C 36 -1.91 7.92 -54.81
CA PHE C 36 -0.57 7.91 -54.14
C PHE C 36 0.39 8.71 -55.04
N HIS C 37 1.09 9.67 -54.45
CA HIS C 37 1.98 10.63 -55.13
C HIS C 37 3.36 10.63 -54.49
N PHE C 38 4.38 10.98 -55.29
CA PHE C 38 5.77 11.03 -54.84
C PHE C 38 5.83 12.06 -53.73
N ALA C 39 6.59 11.78 -52.67
CA ALA C 39 6.91 12.79 -51.62
C ALA C 39 7.72 13.93 -52.27
N ARG C 40 7.57 15.16 -51.76
CA ARG C 40 8.39 16.36 -52.06
C ARG C 40 8.12 16.92 -53.47
N LYS C 41 7.89 16.08 -54.50
CA LYS C 41 7.72 16.57 -55.89
C LYS C 41 6.36 16.16 -56.46
N GLY C 42 5.51 15.45 -55.71
CA GLY C 42 4.22 14.97 -56.26
C GLY C 42 3.09 15.95 -56.02
N ALA C 43 1.86 15.53 -56.33
CA ALA C 43 0.61 16.34 -56.40
C ALA C 43 -0.01 16.61 -55.01
N LEU C 44 0.46 15.95 -53.96
CA LEU C 44 -0.16 16.01 -52.61
C LEU C 44 0.75 16.75 -51.64
N VAL C 45 1.81 17.40 -52.11
CA VAL C 45 2.79 17.99 -51.15
C VAL C 45 2.09 19.05 -50.30
N ASP C 46 1.01 19.68 -50.78
CA ASP C 46 0.44 20.83 -50.06
C ASP C 46 -0.61 20.36 -49.06
N ILE C 47 -0.94 19.05 -48.99
CA ILE C 47 -2.10 18.57 -48.21
C ILE C 47 -1.57 18.02 -46.87
N ARG C 48 -1.94 18.66 -45.77
CA ARG C 48 -1.66 18.15 -44.40
C ARG C 48 -2.14 16.71 -44.32
N PRO C 49 -1.39 15.78 -43.67
CA PRO C 49 -1.81 14.39 -43.60
C PRO C 49 -3.17 14.19 -42.89
N ASP C 50 -3.49 14.98 -41.86
CA ASP C 50 -4.79 14.88 -41.15
C ASP C 50 -5.91 15.20 -42.15
N ASP C 51 -5.73 16.22 -42.98
CA ASP C 51 -6.67 16.62 -44.06
C ASP C 51 -6.79 15.51 -45.12
N LEU C 52 -5.69 14.88 -45.54
CA LEU C 52 -5.72 13.82 -46.58
C LEU C 52 -6.46 12.58 -46.01
N ALA C 53 -6.12 12.15 -44.81
CA ALA C 53 -6.84 11.03 -44.15
C ALA C 53 -8.35 11.38 -44.07
N ALA C 54 -8.70 12.60 -43.65
CA ALA C 54 -10.09 13.03 -43.48
C ALA C 54 -10.85 12.89 -44.81
N ALA C 55 -10.24 13.35 -45.90
CA ALA C 55 -10.81 13.29 -47.28
C ALA C 55 -11.15 11.84 -47.61
N VAL C 56 -10.26 10.90 -47.24
CA VAL C 56 -10.45 9.47 -47.56
C VAL C 56 -11.53 8.87 -46.66
N LEU C 57 -11.55 9.21 -45.36
CA LEU C 57 -12.63 8.75 -44.45
C LEU C 57 -13.96 9.17 -45.06
N LYS C 58 -14.10 10.45 -45.36
CA LYS C 58 -15.33 11.02 -45.97
C LYS C 58 -15.64 10.28 -47.28
N GLY C 59 -14.64 10.12 -48.15
CA GLY C 59 -14.80 9.44 -49.46
C GLY C 59 -15.29 8.03 -49.27
N LEU C 60 -14.73 7.31 -48.28
CA LEU C 60 -15.15 5.92 -48.06
C LEU C 60 -16.64 5.88 -47.74
N VAL C 61 -17.08 6.65 -46.74
CA VAL C 61 -18.49 6.50 -46.25
C VAL C 61 -19.47 6.99 -47.34
N GLU C 62 -19.10 7.99 -48.13
CA GLU C 62 -19.88 8.44 -49.32
C GLU C 62 -19.92 7.36 -50.41
N LYS C 63 -18.81 6.73 -50.78
CA LYS C 63 -18.86 5.59 -51.73
C LYS C 63 -19.90 4.57 -51.28
N LEU C 64 -19.96 4.23 -49.97
CA LEU C 64 -20.85 3.17 -49.42
C LEU C 64 -22.25 3.72 -49.10
N ASP C 65 -22.44 5.04 -49.14
CA ASP C 65 -23.66 5.72 -48.62
C ASP C 65 -23.96 5.23 -47.19
N LEU C 66 -22.93 5.18 -46.35
CA LEU C 66 -23.05 4.71 -44.96
C LEU C 66 -23.01 5.91 -44.00
N ASP C 67 -23.96 5.97 -43.08
CA ASP C 67 -23.99 6.99 -42.01
C ASP C 67 -22.84 6.63 -41.06
N PRO C 68 -21.86 7.53 -40.87
CA PRO C 68 -20.73 7.24 -39.99
C PRO C 68 -21.12 7.14 -38.51
N ALA C 69 -22.30 7.61 -38.11
CA ALA C 69 -22.83 7.41 -36.74
C ALA C 69 -22.97 5.91 -36.44
N LEU C 70 -22.94 5.05 -37.46
CA LEU C 70 -23.00 3.58 -37.27
C LEU C 70 -21.61 3.02 -36.89
N LEU C 71 -20.55 3.81 -36.96
CA LEU C 71 -19.19 3.29 -36.75
C LEU C 71 -18.83 3.37 -35.25
N GLU C 72 -18.23 2.30 -34.72
CA GLU C 72 -17.75 2.26 -33.33
C GLU C 72 -16.50 3.16 -33.17
N ASP C 73 -15.56 3.15 -34.14
CA ASP C 73 -14.16 3.56 -33.87
C ASP C 73 -13.46 3.73 -35.22
N VAL C 74 -12.58 4.70 -35.27
CA VAL C 74 -11.62 4.90 -36.39
C VAL C 74 -10.23 4.57 -35.85
N VAL C 75 -9.55 3.64 -36.49
CA VAL C 75 -8.19 3.19 -36.15
C VAL C 75 -7.27 3.51 -37.32
N MET C 76 -6.33 4.42 -37.10
CA MET C 76 -5.48 5.00 -38.13
C MET C 76 -4.02 4.59 -37.95
N GLY C 77 -3.51 3.84 -38.94
CA GLY C 77 -2.10 3.54 -39.10
C GLY C 77 -1.30 4.79 -39.37
N CYS C 78 -0.17 4.98 -38.70
CA CYS C 78 0.76 6.11 -39.02
C CYS C 78 2.16 5.75 -38.50
N ALA C 79 3.18 5.78 -39.37
CA ALA C 79 4.55 5.34 -39.00
C ALA C 79 5.20 6.39 -38.09
N TYR C 80 4.91 7.66 -38.30
CA TYR C 80 5.53 8.77 -37.56
C TYR C 80 4.46 9.72 -37.01
N PRO C 81 3.79 9.32 -35.92
CA PRO C 81 2.69 10.12 -35.39
C PRO C 81 3.08 11.30 -34.52
N GLU C 82 3.58 12.34 -35.19
CA GLU C 82 4.09 13.58 -34.55
C GLU C 82 3.86 14.79 -35.48
N ALA C 83 3.91 15.99 -34.94
CA ALA C 83 3.79 17.24 -35.72
C ALA C 83 2.46 17.18 -36.47
N GLU C 84 2.43 17.25 -37.81
CA GLU C 84 1.13 17.27 -38.56
C GLU C 84 0.40 15.92 -38.47
N GLN C 85 1.15 14.88 -38.10
CA GLN C 85 0.61 13.50 -37.85
C GLN C 85 0.39 13.23 -36.37
N GLY C 86 0.46 14.26 -35.53
CA GLY C 86 0.34 14.14 -34.08
C GLY C 86 -1.08 14.33 -33.59
N MET C 87 -1.22 14.41 -32.27
CA MET C 87 -2.46 14.76 -31.53
C MET C 87 -3.56 13.70 -31.78
N ASN C 88 -3.13 12.45 -31.99
CA ASN C 88 -4.08 11.31 -32.24
C ASN C 88 -4.81 11.60 -33.55
N ILE C 89 -4.08 11.37 -34.65
CA ILE C 89 -4.49 11.79 -36.03
C ILE C 89 -5.81 11.08 -36.36
N ALA C 90 -6.02 9.87 -35.88
CA ALA C 90 -7.30 9.16 -36.11
C ALA C 90 -8.47 10.06 -35.73
N ARG C 91 -8.42 10.61 -34.52
CA ARG C 91 -9.51 11.44 -33.94
C ARG C 91 -9.59 12.78 -34.70
N ILE C 92 -8.44 13.43 -34.92
CA ILE C 92 -8.39 14.70 -35.70
C ILE C 92 -9.00 14.47 -37.10
N ALA C 93 -8.59 13.43 -37.82
CA ALA C 93 -9.06 13.15 -39.19
C ALA C 93 -10.58 12.92 -39.16
N SER C 94 -11.03 12.28 -38.10
CA SER C 94 -12.44 11.91 -37.88
C SER C 94 -13.26 13.20 -37.74
N PHE C 95 -12.85 14.12 -36.85
CA PHE C 95 -13.54 15.42 -36.71
C PHE C 95 -13.51 16.15 -38.04
N ARG C 96 -12.37 16.14 -38.73
CA ARG C 96 -12.13 16.98 -39.93
C ARG C 96 -13.00 16.45 -41.06
N ALA C 97 -13.30 15.15 -41.06
CA ALA C 97 -14.22 14.53 -42.04
C ALA C 97 -15.70 14.76 -41.67
N GLY C 98 -15.98 15.41 -40.53
CA GLY C 98 -17.34 15.75 -40.07
C GLY C 98 -18.03 14.57 -39.41
N PHE C 99 -17.30 13.53 -39.02
CA PHE C 99 -17.90 12.37 -38.30
C PHE C 99 -18.33 12.82 -36.90
N PRO C 100 -19.37 12.16 -36.37
CA PRO C 100 -19.84 12.45 -35.04
C PRO C 100 -18.82 12.14 -33.92
N GLN C 101 -18.93 12.90 -32.84
CA GLN C 101 -18.09 12.79 -31.64
C GLN C 101 -18.25 11.42 -30.97
N SER C 102 -19.36 10.71 -31.19
CA SER C 102 -19.66 9.41 -30.55
C SER C 102 -18.65 8.30 -30.94
N LEU C 103 -17.98 8.44 -32.08
CA LEU C 103 -16.97 7.45 -32.54
C LEU C 103 -15.73 7.49 -31.64
N GLY C 104 -15.03 6.38 -31.51
CA GLY C 104 -13.68 6.38 -30.95
C GLY C 104 -12.69 6.71 -32.03
N GLY C 105 -11.45 7.03 -31.66
CA GLY C 105 -10.33 7.14 -32.59
C GLY C 105 -9.03 6.81 -31.90
N ALA C 106 -8.19 6.01 -32.56
CA ALA C 106 -6.88 5.62 -32.02
C ALA C 106 -5.90 5.51 -33.19
N THR C 107 -4.66 5.88 -32.89
CA THR C 107 -3.54 5.87 -33.85
C THR C 107 -2.62 4.70 -33.49
N LEU C 108 -2.25 3.94 -34.49
CA LEU C 108 -1.47 2.69 -34.32
C LEU C 108 -0.21 2.77 -35.15
N ASN C 109 0.93 2.54 -34.51
CA ASN C 109 2.26 2.55 -35.18
C ASN C 109 2.86 1.14 -35.06
N ARG C 110 2.87 0.43 -36.16
CA ARG C 110 3.76 -0.74 -36.40
C ARG C 110 4.52 -0.41 -37.69
N PHE C 111 5.04 0.82 -37.81
CA PHE C 111 5.70 1.43 -39.02
C PHE C 111 4.97 1.05 -40.33
N CYS C 112 5.66 0.37 -41.25
CA CYS C 112 5.18 -0.02 -42.60
C CYS C 112 3.84 -0.78 -42.50
N GLY C 113 3.63 -1.52 -41.43
CA GLY C 113 2.48 -2.42 -41.29
C GLY C 113 1.36 -1.84 -40.44
N SER C 114 1.50 -0.57 -40.04
CA SER C 114 0.58 0.11 -39.11
C SER C 114 -0.89 -0.14 -39.46
N SER C 115 -1.33 0.14 -40.68
CA SER C 115 -2.78 0.11 -41.03
C SER C 115 -3.22 -1.34 -41.27
N MET C 116 -2.31 -2.32 -41.46
CA MET C 116 -2.75 -3.73 -41.45
C MET C 116 -3.02 -4.14 -40.00
N SER C 117 -2.24 -3.66 -39.04
CA SER C 117 -2.54 -3.95 -37.61
C SER C 117 -3.86 -3.24 -37.23
N ALA C 118 -4.19 -2.09 -37.85
CA ALA C 118 -5.51 -1.43 -37.63
C ALA C 118 -6.65 -2.37 -38.05
N VAL C 119 -6.51 -3.09 -39.16
CA VAL C 119 -7.51 -4.09 -39.58
C VAL C 119 -7.60 -5.18 -38.50
N HIS C 120 -6.46 -5.68 -38.03
CA HIS C 120 -6.42 -6.79 -37.04
C HIS C 120 -7.08 -6.29 -35.73
N TYR C 121 -6.74 -5.08 -35.30
CA TYR C 121 -7.39 -4.46 -34.11
C TYR C 121 -8.91 -4.51 -34.24
N ALA C 122 -9.44 -3.98 -35.36
CA ALA C 122 -10.89 -3.85 -35.60
C ALA C 122 -11.57 -5.24 -35.67
N ALA C 123 -10.97 -6.19 -36.38
CA ALA C 123 -11.49 -7.58 -36.50
C ALA C 123 -11.66 -8.17 -35.10
N GLY C 124 -10.67 -8.00 -34.22
CA GLY C 124 -10.70 -8.46 -32.83
C GLY C 124 -11.85 -7.83 -32.06
N GLN C 125 -12.09 -6.52 -32.23
CA GLN C 125 -13.18 -5.82 -31.51
C GLN C 125 -14.51 -6.37 -32.01
N VAL C 126 -14.62 -6.66 -33.30
CA VAL C 126 -15.86 -7.25 -33.84
C VAL C 126 -16.11 -8.60 -33.13
N LEU C 127 -15.10 -9.47 -33.05
CA LEU C 127 -15.22 -10.79 -32.34
C LEU C 127 -15.57 -10.62 -30.84
N LEU C 128 -15.06 -9.60 -30.17
CA LEU C 128 -15.32 -9.31 -28.74
C LEU C 128 -16.75 -8.82 -28.52
N GLY C 129 -17.53 -8.60 -29.60
CA GLY C 129 -18.82 -7.87 -29.57
C GLY C 129 -18.71 -6.46 -29.02
N ALA C 130 -17.59 -5.78 -29.28
CA ALA C 130 -17.29 -4.39 -28.83
C ALA C 130 -17.47 -3.45 -30.01
N GLY C 131 -18.62 -3.52 -30.70
CA GLY C 131 -18.89 -2.79 -31.93
C GLY C 131 -19.04 -3.73 -33.11
N GLU C 132 -19.82 -3.30 -34.11
CA GLU C 132 -20.10 -4.09 -35.33
C GLU C 132 -19.36 -3.52 -36.55
N ALA C 133 -18.94 -2.25 -36.55
CA ALA C 133 -18.43 -1.57 -37.75
C ALA C 133 -17.30 -0.59 -37.36
N PHE C 134 -16.20 -0.64 -38.09
CA PHE C 134 -14.96 0.12 -37.84
C PHE C 134 -14.40 0.61 -39.16
N ILE C 135 -13.70 1.72 -39.09
CA ILE C 135 -12.78 2.12 -40.19
C ILE C 135 -11.36 1.81 -39.71
N ALA C 136 -10.70 0.93 -40.46
CA ALA C 136 -9.27 0.62 -40.31
C ALA C 136 -8.57 1.33 -41.45
N ALA C 137 -7.81 2.40 -41.15
CA ALA C 137 -7.17 3.29 -42.14
C ALA C 137 -5.70 3.48 -41.80
N GLY C 138 -5.04 4.23 -42.68
CA GLY C 138 -3.70 4.76 -42.43
C GLY C 138 -3.36 5.93 -43.32
N VAL C 139 -2.28 6.61 -42.97
CA VAL C 139 -1.90 7.84 -43.68
C VAL C 139 -0.41 8.01 -43.46
N GLU C 140 0.25 8.52 -44.46
CA GLU C 140 1.59 9.05 -44.34
C GLU C 140 1.75 10.19 -45.34
N SER C 141 2.19 11.35 -44.86
CA SER C 141 2.74 12.43 -45.69
C SER C 141 4.26 12.45 -45.42
N MET C 142 4.97 11.67 -46.23
CA MET C 142 6.46 11.56 -46.19
C MET C 142 7.04 12.92 -46.66
N THR C 143 6.24 13.72 -47.37
CA THR C 143 6.60 15.12 -47.66
C THR C 143 6.67 15.89 -46.35
N ARG C 144 5.64 15.83 -45.50
CA ARG C 144 5.44 16.86 -44.43
C ARG C 144 5.88 16.35 -43.04
N VAL C 145 6.17 15.05 -42.91
CA VAL C 145 6.83 14.49 -41.69
C VAL C 145 7.97 13.61 -42.16
N PRO C 146 9.24 13.95 -41.84
CA PRO C 146 10.36 13.29 -42.48
C PRO C 146 10.52 11.90 -41.87
N MET C 147 11.05 10.94 -42.63
CA MET C 147 11.45 9.61 -42.11
C MET C 147 12.36 9.81 -40.89
N GLY C 148 12.02 9.18 -39.76
CA GLY C 148 12.74 9.26 -38.48
C GLY C 148 12.13 10.28 -37.55
N GLY C 149 11.16 11.05 -38.03
CA GLY C 149 10.52 12.07 -37.20
C GLY C 149 11.47 13.21 -36.96
N PHE C 150 11.06 14.20 -36.18
CA PHE C 150 11.80 15.46 -35.97
C PHE C 150 12.83 15.32 -34.86
N ASN C 151 12.70 14.33 -33.98
CA ASN C 151 13.70 14.24 -32.87
C ASN C 151 14.17 12.79 -32.72
N LEU C 152 14.66 12.19 -33.81
CA LEU C 152 15.28 10.85 -33.80
C LEU C 152 16.27 10.74 -32.62
N SER C 153 15.99 9.84 -31.69
CA SER C 153 16.78 9.65 -30.45
C SER C 153 16.98 8.16 -30.22
N PRO C 154 17.96 7.54 -30.87
CA PRO C 154 18.23 6.10 -30.73
C PRO C 154 18.67 5.73 -29.30
N ASN C 155 18.22 4.57 -28.83
CA ASN C 155 18.54 4.05 -27.48
C ASN C 155 20.06 3.86 -27.40
N PRO C 156 20.77 4.62 -26.54
CA PRO C 156 22.23 4.56 -26.51
C PRO C 156 22.78 3.16 -26.21
N ALA C 157 22.10 2.41 -25.33
CA ALA C 157 22.43 1.01 -24.98
C ALA C 157 22.26 0.09 -26.21
N LEU C 158 21.21 0.25 -27.01
CA LEU C 158 21.02 -0.61 -28.22
C LEU C 158 22.03 -0.19 -29.29
N LEU C 159 22.41 1.08 -29.39
CA LEU C 159 23.43 1.51 -30.40
C LEU C 159 24.74 0.76 -30.15
N GLN C 160 25.06 0.47 -28.88
CA GLN C 160 26.22 -0.34 -28.42
C GLN C 160 25.95 -1.84 -28.58
N ASP C 161 24.85 -2.34 -28.01
CA ASP C 161 24.62 -3.80 -27.83
C ASP C 161 23.98 -4.41 -29.08
N TYR C 162 23.24 -3.64 -29.87
CA TYR C 162 22.39 -4.24 -30.91
C TYR C 162 22.12 -3.20 -32.01
N PRO C 163 23.17 -2.63 -32.63
CA PRO C 163 22.99 -1.54 -33.60
C PRO C 163 22.05 -1.88 -34.77
N ALA C 164 21.91 -3.18 -35.13
CA ALA C 164 20.97 -3.64 -36.17
C ALA C 164 19.55 -3.08 -35.96
N VAL C 165 19.14 -2.83 -34.72
CA VAL C 165 17.79 -2.31 -34.39
C VAL C 165 17.52 -1.03 -35.20
N TYR C 166 18.58 -0.24 -35.44
CA TYR C 166 18.50 1.06 -36.13
C TYR C 166 19.15 1.01 -37.51
N MET C 167 19.36 -0.19 -38.07
CA MET C 167 19.87 -0.38 -39.45
C MET C 167 18.92 0.33 -40.44
N SER C 168 19.47 0.95 -41.46
CA SER C 168 18.71 1.60 -42.55
C SER C 168 18.03 0.50 -43.35
N MET C 169 16.86 0.81 -43.89
CA MET C 169 16.03 -0.12 -44.69
C MET C 169 16.84 -0.59 -45.91
N GLY C 170 17.59 0.33 -46.53
CA GLY C 170 18.38 -0.02 -47.74
C GLY C 170 19.44 -1.07 -47.42
N GLN C 171 20.08 -0.97 -46.25
CA GLN C 171 21.13 -1.92 -45.84
C GLN C 171 20.45 -3.27 -45.62
N THR C 172 19.30 -3.34 -44.93
CA THR C 172 18.54 -4.62 -44.80
C THR C 172 18.24 -5.17 -46.20
N ALA C 173 17.91 -4.29 -47.15
CA ALA C 173 17.54 -4.72 -48.52
C ALA C 173 18.73 -5.40 -49.22
N GLU C 174 19.94 -4.87 -49.03
CA GLU C 174 21.20 -5.44 -49.55
C GLU C 174 21.49 -6.76 -48.85
N ASN C 175 21.37 -6.76 -47.52
CA ASN C 175 21.53 -7.99 -46.70
C ASN C 175 20.70 -9.11 -47.32
N VAL C 176 19.45 -8.81 -47.71
CA VAL C 176 18.54 -9.84 -48.26
C VAL C 176 19.01 -10.19 -49.68
N ALA C 177 19.41 -9.21 -50.49
CA ALA C 177 19.91 -9.45 -51.87
C ALA C 177 21.06 -10.47 -51.81
N GLU C 178 21.99 -10.29 -50.86
CA GLU C 178 23.21 -11.13 -50.71
C GLU C 178 22.81 -12.51 -50.17
N ARG C 179 22.01 -12.54 -49.10
CA ARG C 179 21.86 -13.79 -48.31
C ARG C 179 20.87 -14.70 -49.03
N TYR C 180 19.93 -14.14 -49.80
CA TYR C 180 18.86 -14.89 -50.52
C TYR C 180 19.12 -14.89 -52.03
N ALA C 181 20.26 -14.36 -52.48
CA ALA C 181 20.79 -14.54 -53.85
C ALA C 181 19.81 -13.93 -54.87
N VAL C 182 19.46 -12.66 -54.66
CA VAL C 182 18.57 -11.87 -55.55
C VAL C 182 19.45 -10.87 -56.29
N SER C 183 19.78 -11.19 -57.54
CA SER C 183 20.63 -10.37 -58.42
C SER C 183 19.88 -9.10 -58.78
N ARG C 184 20.65 -8.07 -59.08
CA ARG C 184 20.15 -6.74 -59.50
C ARG C 184 19.18 -6.90 -60.68
N VAL C 185 19.50 -7.77 -61.64
CA VAL C 185 18.68 -8.02 -62.87
C VAL C 185 17.33 -8.65 -62.46
N GLU C 186 17.33 -9.65 -61.57
CA GLU C 186 16.07 -10.25 -61.05
C GLU C 186 15.23 -9.14 -60.36
N GLN C 187 15.87 -8.21 -59.67
CA GLN C 187 15.21 -7.08 -58.97
C GLN C 187 14.61 -6.16 -60.04
N GLU C 188 15.40 -5.80 -61.06
CA GLU C 188 14.95 -4.92 -62.18
C GLU C 188 13.81 -5.61 -62.93
N GLU C 189 13.81 -6.94 -63.07
CA GLU C 189 12.70 -7.67 -63.74
C GLU C 189 11.41 -7.37 -62.96
N MET C 190 11.46 -7.37 -61.63
CA MET C 190 10.23 -7.16 -60.82
C MET C 190 9.74 -5.71 -61.00
N ALA C 191 10.64 -4.72 -60.98
CA ALA C 191 10.32 -3.30 -61.29
C ALA C 191 9.62 -3.20 -62.66
N VAL C 192 10.15 -3.85 -63.70
CA VAL C 192 9.55 -3.80 -65.05
C VAL C 192 8.09 -4.24 -64.94
N ARG C 193 7.88 -5.42 -64.39
CA ARG C 193 6.55 -6.08 -64.31
C ARG C 193 5.63 -5.28 -63.38
N SER C 194 6.16 -4.68 -62.29
CA SER C 194 5.28 -3.97 -61.31
C SER C 194 4.69 -2.74 -62.03
N HIS C 195 5.52 -1.95 -62.68
CA HIS C 195 5.10 -0.76 -63.47
C HIS C 195 4.15 -1.16 -64.61
N ALA C 196 4.40 -2.25 -65.33
CA ALA C 196 3.58 -2.69 -66.49
C ALA C 196 2.21 -3.24 -66.01
N LYS C 197 2.19 -3.97 -64.89
CA LYS C 197 0.92 -4.42 -64.25
C LYS C 197 0.10 -3.20 -63.76
N ALA C 198 0.75 -2.13 -63.29
CA ALA C 198 0.06 -0.91 -62.76
C ALA C 198 -0.49 -0.07 -63.94
N VAL C 199 0.27 -0.02 -65.03
CA VAL C 199 -0.14 0.69 -66.27
C VAL C 199 -1.39 -0.02 -66.78
N ALA C 200 -1.33 -1.34 -66.90
CA ALA C 200 -2.45 -2.17 -67.41
C ALA C 200 -3.69 -1.86 -66.58
N ALA C 201 -3.57 -1.96 -65.26
CA ALA C 201 -4.70 -1.68 -64.32
C ALA C 201 -5.21 -0.27 -64.59
N ARG C 202 -4.34 0.73 -64.49
CA ARG C 202 -4.74 2.15 -64.56
C ARG C 202 -5.42 2.39 -65.93
N GLU C 203 -4.91 1.80 -67.01
CA GLU C 203 -5.40 2.13 -68.38
C GLU C 203 -6.77 1.49 -68.61
N ALA C 204 -7.13 0.44 -67.86
CA ALA C 204 -8.42 -0.27 -68.01
C ALA C 204 -9.48 0.31 -67.04
N GLY C 205 -9.15 1.36 -66.28
CA GLY C 205 -10.05 1.98 -65.28
C GLY C 205 -10.18 1.14 -64.02
N LEU C 206 -9.26 0.20 -63.78
CA LEU C 206 -9.37 -0.79 -62.66
C LEU C 206 -8.73 -0.25 -61.38
N LEU C 207 -8.15 0.95 -61.40
CA LEU C 207 -7.79 1.63 -60.12
C LEU C 207 -8.76 2.76 -59.79
N ARG C 208 -9.73 3.08 -60.64
CA ARG C 208 -10.53 4.31 -60.39
C ARG C 208 -11.48 4.17 -59.18
N GLU C 209 -12.13 3.02 -59.05
CA GLU C 209 -13.23 2.75 -58.08
C GLU C 209 -12.69 2.87 -56.63
N GLU C 210 -11.47 2.41 -56.40
CA GLU C 210 -10.82 2.47 -55.06
C GLU C 210 -10.37 3.90 -54.75
N ILE C 211 -10.24 4.79 -55.73
CA ILE C 211 -9.64 6.12 -55.48
C ILE C 211 -10.69 7.18 -55.08
N VAL C 212 -10.31 7.99 -54.10
CA VAL C 212 -11.01 9.24 -53.69
C VAL C 212 -10.19 10.41 -54.20
N ALA C 213 -10.72 11.19 -55.14
CA ALA C 213 -9.99 12.36 -55.68
C ALA C 213 -9.82 13.40 -54.55
N ILE C 214 -8.70 14.11 -54.55
CA ILE C 214 -8.37 15.09 -53.49
C ILE C 214 -8.30 16.46 -54.12
N ASP C 215 -8.98 17.45 -53.52
CA ASP C 215 -8.85 18.86 -53.94
C ASP C 215 -7.52 19.39 -53.43
N THR C 216 -6.74 20.08 -54.25
CA THR C 216 -5.47 20.70 -53.83
C THR C 216 -5.46 22.16 -54.25
N PRO C 217 -4.56 22.97 -53.68
CA PRO C 217 -4.31 24.32 -54.21
C PRO C 217 -4.18 24.32 -55.75
N ALA C 218 -3.52 23.32 -56.35
CA ALA C 218 -3.22 23.29 -57.79
C ALA C 218 -4.36 22.67 -58.62
N GLY C 219 -5.44 22.17 -57.99
CA GLY C 219 -6.54 21.47 -58.67
C GLY C 219 -6.83 20.09 -58.10
N ARG C 220 -7.78 19.37 -58.70
CA ARG C 220 -8.32 18.07 -58.23
C ARG C 220 -7.38 16.94 -58.70
N VAL C 221 -6.83 16.17 -57.76
CA VAL C 221 -5.87 15.06 -58.04
C VAL C 221 -6.67 13.77 -58.01
N ALA C 222 -6.75 13.05 -59.12
CA ALA C 222 -7.64 11.90 -59.20
C ALA C 222 -6.89 10.66 -59.66
N GLU C 223 -5.64 10.79 -60.08
CA GLU C 223 -4.85 9.64 -60.60
C GLU C 223 -3.54 9.48 -59.82
N ASP C 224 -3.03 8.26 -59.77
CA ASP C 224 -1.76 7.90 -59.09
C ASP C 224 -0.59 8.59 -59.79
N GLY C 225 0.45 8.92 -59.04
CA GLY C 225 1.58 9.78 -59.46
C GLY C 225 2.87 9.01 -59.68
N CYS C 226 3.04 7.80 -59.14
CA CYS C 226 4.37 7.15 -59.00
C CYS C 226 4.59 6.15 -60.14
N ILE C 227 3.56 5.87 -60.94
CA ILE C 227 3.65 4.88 -62.04
C ILE C 227 4.55 5.49 -63.10
N ARG C 228 5.47 4.70 -63.65
CA ARG C 228 6.50 5.10 -64.64
C ARG C 228 6.34 4.16 -65.83
N PRO C 229 5.38 4.44 -66.73
CA PRO C 229 5.12 3.56 -67.87
C PRO C 229 6.40 3.46 -68.73
N GLY C 230 6.70 2.31 -69.31
CA GLY C 230 7.89 2.14 -70.16
C GLY C 230 9.16 1.83 -69.37
N THR C 231 9.08 1.66 -68.05
CA THR C 231 10.20 1.12 -67.21
C THR C 231 10.73 -0.18 -67.83
N ASN C 232 12.03 -0.28 -68.09
CA ASN C 232 12.59 -1.44 -68.85
C ASN C 232 14.04 -1.72 -68.42
N LEU C 233 14.45 -2.97 -68.62
CA LEU C 233 15.73 -3.58 -68.13
C LEU C 233 16.90 -2.73 -68.60
N GLU C 234 16.89 -2.27 -69.86
CA GLU C 234 18.06 -1.54 -70.43
C GLU C 234 18.28 -0.22 -69.68
N SER C 235 17.22 0.50 -69.34
CA SER C 235 17.29 1.84 -68.68
C SER C 235 17.52 1.67 -67.19
N LEU C 236 16.89 0.66 -66.57
CA LEU C 236 17.13 0.29 -65.16
C LEU C 236 18.60 -0.09 -64.98
N ALA C 237 19.15 -0.87 -65.93
CA ALA C 237 20.53 -1.40 -65.92
C ALA C 237 21.55 -0.25 -65.83
N GLN C 238 21.16 0.97 -66.19
CA GLN C 238 22.08 2.14 -66.28
C GLN C 238 22.05 2.97 -65.00
N LEU C 239 21.18 2.69 -64.04
CA LEU C 239 21.12 3.53 -62.80
C LEU C 239 22.29 3.15 -61.86
N LYS C 240 22.63 4.06 -60.95
CA LYS C 240 23.66 3.87 -59.89
C LYS C 240 23.05 3.12 -58.71
N PRO C 241 23.77 2.15 -58.10
CA PRO C 241 23.41 1.60 -56.79
C PRO C 241 23.05 2.70 -55.80
N ALA C 242 22.12 2.45 -54.87
CA ALA C 242 21.72 3.42 -53.82
C ALA C 242 22.44 3.10 -52.51
N PHE C 243 22.86 1.85 -52.33
CA PHE C 243 23.31 1.30 -51.03
C PHE C 243 24.57 0.45 -51.25
N GLY C 244 25.41 0.87 -52.20
CA GLY C 244 26.71 0.26 -52.46
C GLY C 244 26.60 -1.22 -52.78
N GLY C 245 25.51 -1.63 -53.44
CA GLY C 245 25.33 -3.03 -53.81
C GLY C 245 24.48 -3.18 -55.06
N SER C 246 23.48 -4.07 -55.02
CA SER C 246 22.58 -4.46 -56.14
C SER C 246 21.35 -3.55 -56.18
N VAL C 247 20.96 -2.93 -55.05
CA VAL C 247 19.68 -2.18 -54.96
C VAL C 247 19.86 -0.82 -55.60
N THR C 248 18.87 -0.38 -56.39
CA THR C 248 18.77 0.98 -56.99
C THR C 248 17.54 1.69 -56.41
N ALA C 249 17.45 3.01 -56.60
CA ALA C 249 16.22 3.80 -56.33
C ALA C 249 15.01 3.20 -57.06
N ALA C 250 15.18 2.53 -58.21
CA ALA C 250 14.07 1.98 -59.03
C ALA C 250 13.57 0.64 -58.47
N THR C 251 14.37 -0.10 -57.70
CA THR C 251 14.00 -1.41 -57.14
C THR C 251 13.76 -1.21 -55.64
N SER C 252 13.56 0.03 -55.22
CA SER C 252 13.12 0.46 -53.87
C SER C 252 11.79 1.15 -54.05
N SER C 253 10.87 0.98 -53.09
CA SER C 253 9.64 1.80 -53.00
C SER C 253 10.01 3.26 -52.91
N PRO C 254 9.26 4.17 -53.57
CA PRO C 254 9.47 5.59 -53.38
C PRO C 254 8.87 6.15 -52.09
N LEU C 255 9.46 7.23 -51.61
CA LEU C 255 8.88 8.13 -50.59
C LEU C 255 7.55 8.60 -51.17
N THR C 256 6.45 8.37 -50.45
CA THR C 256 5.07 8.52 -50.97
C THR C 256 4.17 9.26 -49.95
N ASP C 257 3.25 10.09 -50.47
CA ASP C 257 2.10 10.69 -49.75
C ASP C 257 0.84 9.92 -50.12
N GLY C 258 -0.01 9.56 -49.14
CA GLY C 258 -1.18 8.73 -49.43
C GLY C 258 -1.91 8.36 -48.15
N SER C 259 -3.21 8.10 -48.27
CA SER C 259 -4.03 7.54 -47.17
C SER C 259 -4.94 6.48 -47.79
N ALA C 260 -5.25 5.42 -47.05
CA ALA C 260 -6.18 4.33 -47.43
C ALA C 260 -7.09 4.01 -46.25
N ALA C 261 -8.29 3.50 -46.52
CA ALA C 261 -9.28 3.23 -45.47
C ALA C 261 -10.14 2.04 -45.87
N LEU C 262 -10.40 1.17 -44.91
CA LEU C 262 -11.31 0.02 -45.09
C LEU C 262 -12.48 0.15 -44.11
N LEU C 263 -13.61 -0.42 -44.50
CA LEU C 263 -14.75 -0.68 -43.56
C LEU C 263 -14.58 -2.13 -43.13
N VAL C 264 -14.27 -2.33 -41.85
CA VAL C 264 -14.15 -3.68 -41.26
C VAL C 264 -15.39 -3.88 -40.39
N CYS C 265 -16.16 -4.96 -40.59
CA CYS C 265 -17.46 -5.03 -39.87
C CYS C 265 -17.92 -6.46 -39.76
N SER C 266 -18.93 -6.70 -38.93
CA SER C 266 -19.56 -8.05 -38.92
C SER C 266 -20.18 -8.30 -40.31
N GLU C 267 -20.17 -9.53 -40.78
CA GLU C 267 -20.93 -9.93 -41.99
C GLU C 267 -22.39 -9.53 -41.80
N ASP C 268 -22.96 -9.72 -40.60
CA ASP C 268 -24.37 -9.37 -40.30
C ASP C 268 -24.65 -7.87 -40.52
N PHE C 269 -23.71 -7.00 -40.14
CA PHE C 269 -23.82 -5.55 -40.34
C PHE C 269 -23.78 -5.24 -41.85
N ALA C 270 -22.85 -5.85 -42.62
CA ALA C 270 -22.75 -5.64 -44.08
C ALA C 270 -24.08 -6.03 -44.75
N ARG C 271 -24.65 -7.18 -44.39
CA ARG C 271 -25.95 -7.67 -44.95
C ARG C 271 -27.04 -6.67 -44.58
N ARG C 272 -27.21 -6.40 -43.28
CA ARG C 272 -28.31 -5.54 -42.75
C ARG C 272 -28.31 -4.21 -43.51
N HIS C 273 -27.16 -3.64 -43.85
CA HIS C 273 -27.06 -2.33 -44.55
C HIS C 273 -26.89 -2.48 -46.07
N GLY C 274 -27.05 -3.69 -46.61
CA GLY C 274 -26.88 -3.99 -48.04
C GLY C 274 -25.53 -3.50 -48.57
N LEU C 275 -24.44 -3.73 -47.83
CA LEU C 275 -23.09 -3.42 -48.37
C LEU C 275 -22.56 -4.63 -49.12
N VAL C 276 -21.98 -4.38 -50.28
CA VAL C 276 -21.18 -5.36 -51.07
C VAL C 276 -20.00 -5.80 -50.20
N ILE C 277 -19.92 -7.09 -49.92
CA ILE C 277 -18.79 -7.68 -49.14
C ILE C 277 -17.65 -7.99 -50.14
N LEU C 278 -16.48 -7.38 -49.95
CA LEU C 278 -15.28 -7.74 -50.73
C LEU C 278 -14.77 -9.12 -50.33
N ALA C 279 -14.51 -9.38 -49.04
CA ALA C 279 -13.99 -10.68 -48.57
C ALA C 279 -14.16 -10.81 -47.05
N ARG C 280 -14.05 -12.05 -46.58
CA ARG C 280 -14.07 -12.41 -45.15
C ARG C 280 -12.64 -12.47 -44.68
N ILE C 281 -12.37 -11.89 -43.51
CA ILE C 281 -11.07 -12.07 -42.85
C ILE C 281 -11.13 -13.43 -42.16
N LYS C 282 -10.35 -14.40 -42.65
CA LYS C 282 -10.29 -15.79 -42.16
C LYS C 282 -9.17 -15.94 -41.14
N ALA C 283 -8.02 -15.25 -41.26
CA ALA C 283 -6.91 -15.44 -40.31
C ALA C 283 -6.00 -14.24 -40.36
N VAL C 284 -5.35 -13.93 -39.25
CA VAL C 284 -4.47 -12.72 -39.20
C VAL C 284 -3.20 -13.13 -38.44
N ALA C 285 -2.09 -12.44 -38.62
CA ALA C 285 -0.81 -12.77 -37.96
C ALA C 285 0.13 -11.57 -37.95
N VAL C 286 0.93 -11.54 -36.90
CA VAL C 286 2.18 -10.77 -36.84
C VAL C 286 3.27 -11.80 -36.53
N ALA C 287 4.50 -11.51 -36.94
CA ALA C 287 5.67 -12.35 -36.63
C ALA C 287 6.89 -11.45 -36.62
N GLY C 288 7.69 -11.57 -35.57
CA GLY C 288 9.01 -10.93 -35.52
C GLY C 288 10.01 -11.67 -36.37
N CYS C 289 11.07 -10.99 -36.78
CA CYS C 289 12.26 -11.56 -37.42
C CYS C 289 13.47 -10.65 -37.14
N ALA C 290 14.66 -11.05 -37.58
CA ALA C 290 15.90 -10.26 -37.40
C ALA C 290 15.77 -8.90 -38.09
N PRO C 291 15.96 -7.78 -37.37
CA PRO C 291 15.87 -6.46 -37.98
C PRO C 291 16.85 -6.31 -39.16
N GLU C 292 18.02 -6.95 -39.12
CA GLU C 292 19.04 -6.80 -40.21
C GLU C 292 18.51 -7.39 -41.54
N ILE C 293 17.49 -8.24 -41.52
CA ILE C 293 16.84 -8.74 -42.77
C ILE C 293 15.32 -8.58 -42.63
N MET C 294 14.86 -7.41 -42.17
CA MET C 294 13.43 -7.12 -41.84
C MET C 294 12.54 -7.41 -43.05
N GLY C 295 13.10 -7.35 -44.27
CA GLY C 295 12.43 -7.69 -45.54
C GLY C 295 11.78 -9.06 -45.57
N MET C 296 12.29 -10.01 -44.76
CA MET C 296 11.82 -11.42 -44.78
C MET C 296 10.61 -11.60 -43.87
N GLY C 297 10.18 -10.53 -43.19
CA GLY C 297 8.97 -10.49 -42.33
C GLY C 297 7.80 -11.33 -42.84
N PRO C 298 7.36 -11.12 -44.11
CA PRO C 298 6.22 -11.84 -44.67
C PRO C 298 6.28 -13.36 -44.64
N VAL C 299 7.46 -13.98 -44.63
CA VAL C 299 7.53 -15.46 -44.67
C VAL C 299 6.80 -16.04 -43.44
N GLN C 300 7.26 -15.73 -42.22
CA GLN C 300 6.72 -16.35 -40.99
C GLN C 300 5.27 -15.85 -40.79
N ALA C 301 4.94 -14.62 -41.19
CA ALA C 301 3.56 -14.05 -41.00
C ALA C 301 2.60 -14.83 -41.92
N THR C 302 3.02 -15.09 -43.15
CA THR C 302 2.19 -15.84 -44.11
C THR C 302 2.03 -17.29 -43.62
N ARG C 303 3.12 -17.89 -43.16
CA ARG C 303 3.08 -19.30 -42.67
C ARG C 303 2.06 -19.39 -41.51
N LYS C 304 2.02 -18.38 -40.65
CA LYS C 304 1.09 -18.37 -39.52
C LYS C 304 -0.35 -18.35 -40.06
N VAL C 305 -0.69 -17.49 -41.02
CA VAL C 305 -2.12 -17.33 -41.40
C VAL C 305 -2.57 -18.61 -42.10
N LEU C 306 -1.67 -19.24 -42.87
CA LEU C 306 -1.96 -20.53 -43.56
C LEU C 306 -2.28 -21.60 -42.51
N GLN C 307 -1.39 -21.72 -41.52
CA GLN C 307 -1.50 -22.71 -40.41
C GLN C 307 -2.82 -22.44 -39.68
N ARG C 308 -3.10 -21.18 -39.34
CA ARG C 308 -4.34 -20.83 -38.59
C ARG C 308 -5.59 -21.13 -39.45
N ALA C 309 -5.47 -21.00 -40.76
CA ALA C 309 -6.64 -21.13 -41.67
C ALA C 309 -6.79 -22.58 -42.09
N GLY C 310 -5.78 -23.40 -41.81
CA GLY C 310 -5.71 -24.80 -42.28
C GLY C 310 -5.50 -24.89 -43.78
N LEU C 311 -4.69 -24.02 -44.36
CA LEU C 311 -4.51 -23.95 -45.82
C LEU C 311 -3.01 -24.05 -46.11
N GLY C 312 -2.69 -24.33 -47.39
CA GLY C 312 -1.34 -24.34 -47.96
C GLY C 312 -1.25 -23.30 -49.06
N ILE C 313 -0.04 -22.95 -49.46
CA ILE C 313 0.22 -21.93 -50.49
C ILE C 313 -0.55 -22.29 -51.78
N ALA C 314 -0.76 -23.59 -52.06
CA ALA C 314 -1.49 -24.12 -53.24
C ALA C 314 -2.94 -23.63 -53.29
N ASP C 315 -3.55 -23.35 -52.11
CA ASP C 315 -4.95 -22.92 -51.93
C ASP C 315 -5.13 -21.43 -52.30
N ILE C 316 -4.04 -20.66 -52.40
CA ILE C 316 -4.10 -19.17 -52.44
C ILE C 316 -4.17 -18.67 -53.89
N ASP C 317 -5.25 -17.97 -54.24
CA ASP C 317 -5.52 -17.52 -55.63
C ASP C 317 -4.62 -16.33 -55.95
N LEU C 318 -4.49 -15.36 -55.05
CA LEU C 318 -3.63 -14.18 -55.30
C LEU C 318 -3.08 -13.66 -53.98
N VAL C 319 -1.97 -12.94 -54.07
CA VAL C 319 -1.21 -12.34 -52.94
C VAL C 319 -0.93 -10.88 -53.27
N GLU C 320 -1.21 -10.02 -52.32
CA GLU C 320 -0.62 -8.67 -52.30
C GLU C 320 0.57 -8.78 -51.36
N ILE C 321 1.80 -8.72 -51.88
CA ILE C 321 3.00 -8.65 -51.00
C ILE C 321 3.61 -7.28 -51.22
N ASN C 322 3.80 -6.49 -50.18
CA ASN C 322 4.27 -5.13 -50.40
C ASN C 322 5.67 -5.20 -51.01
N GLU C 323 5.92 -4.33 -51.98
CA GLU C 323 7.21 -4.19 -52.69
C GLU C 323 7.99 -3.06 -52.03
N ALA C 324 8.38 -3.26 -50.78
CA ALA C 324 9.28 -2.33 -50.06
C ALA C 324 10.58 -2.26 -50.85
N PHE C 325 11.13 -3.44 -51.17
CA PHE C 325 12.28 -3.61 -52.10
C PHE C 325 12.03 -4.83 -52.97
N ALA C 326 12.43 -4.77 -54.24
CA ALA C 326 12.44 -5.94 -55.16
C ALA C 326 13.15 -7.10 -54.45
N SER C 327 14.29 -6.86 -53.82
CA SER C 327 15.13 -7.94 -53.21
C SER C 327 14.31 -8.75 -52.20
N GLN C 328 13.69 -8.08 -51.21
CA GLN C 328 12.94 -8.79 -50.14
C GLN C 328 11.63 -9.39 -50.68
N SER C 329 10.88 -8.68 -51.56
CA SER C 329 9.65 -9.23 -52.16
C SER C 329 9.99 -10.51 -52.93
N ILE C 330 11.03 -10.49 -53.77
CA ILE C 330 11.40 -11.72 -54.54
C ILE C 330 11.81 -12.81 -53.57
N ALA C 331 12.69 -12.50 -52.61
CA ALA C 331 13.18 -13.49 -51.58
C ALA C 331 11.98 -14.15 -50.88
N CYS C 332 11.00 -13.37 -50.42
CA CYS C 332 9.80 -13.93 -49.72
C CYS C 332 9.04 -14.83 -50.68
N ILE C 333 8.74 -14.35 -51.89
CA ILE C 333 7.96 -15.10 -52.90
C ILE C 333 8.62 -16.48 -53.11
N ARG C 334 9.95 -16.51 -53.28
CA ARG C 334 10.70 -17.77 -53.47
C ARG C 334 10.60 -18.68 -52.24
N GLU C 335 10.75 -18.14 -51.02
CA GLU C 335 10.77 -18.96 -49.75
C GLU C 335 9.41 -19.63 -49.57
N LEU C 336 8.32 -18.92 -49.92
CA LEU C 336 6.93 -19.42 -49.75
C LEU C 336 6.54 -20.27 -50.96
N GLY C 337 7.33 -20.22 -52.03
CA GLY C 337 7.05 -21.09 -53.20
C GLY C 337 5.86 -20.58 -54.00
N LEU C 338 5.65 -19.27 -54.05
CA LEU C 338 4.53 -18.60 -54.76
C LEU C 338 4.86 -18.42 -56.24
N ASP C 339 3.84 -18.51 -57.07
CA ASP C 339 3.91 -18.21 -58.51
C ASP C 339 3.82 -16.69 -58.64
N MET C 340 4.83 -16.10 -59.28
CA MET C 340 4.92 -14.65 -59.51
C MET C 340 3.68 -14.16 -60.25
N ASP C 341 3.05 -15.01 -61.07
CA ASP C 341 1.84 -14.63 -61.86
C ASP C 341 0.63 -14.45 -60.94
N ARG C 342 0.75 -14.76 -59.65
CA ARG C 342 -0.36 -14.60 -58.66
C ARG C 342 -0.10 -13.43 -57.71
N ILE C 343 0.99 -12.69 -57.91
CA ILE C 343 1.50 -11.59 -57.05
C ILE C 343 1.06 -10.24 -57.61
N ASN C 344 0.53 -9.36 -56.75
CA ASN C 344 0.34 -7.91 -57.02
C ASN C 344 -0.29 -7.71 -58.42
N LEU C 345 -1.47 -8.25 -58.63
CA LEU C 345 -2.11 -8.36 -59.98
C LEU C 345 -2.16 -6.99 -60.67
N ASP C 346 -2.53 -5.91 -59.98
CA ASP C 346 -2.71 -4.56 -60.57
C ASP C 346 -1.52 -3.64 -60.25
N GLY C 347 -0.29 -4.17 -60.17
CA GLY C 347 0.88 -3.40 -59.78
C GLY C 347 1.19 -3.58 -58.31
N GLY C 348 2.44 -3.34 -57.93
CA GLY C 348 2.86 -3.21 -56.50
C GLY C 348 3.48 -1.87 -56.16
N ALA C 349 3.99 -1.74 -54.92
CA ALA C 349 4.47 -0.47 -54.33
C ALA C 349 5.57 0.16 -55.18
N LEU C 350 6.37 -0.63 -55.91
CA LEU C 350 7.45 -0.03 -56.74
C LEU C 350 6.82 1.03 -57.66
N ALA C 351 5.63 0.72 -58.21
CA ALA C 351 4.88 1.60 -59.14
C ALA C 351 3.83 2.46 -58.42
N ILE C 352 3.09 1.88 -57.47
CA ILE C 352 1.89 2.54 -56.84
C ILE C 352 2.37 3.51 -55.76
N GLY C 353 3.46 3.20 -55.06
CA GLY C 353 3.95 3.98 -53.92
C GLY C 353 3.83 3.23 -52.62
N HIS C 354 4.42 3.76 -51.57
CA HIS C 354 4.44 3.13 -50.23
C HIS C 354 4.45 4.23 -49.18
N PRO C 355 3.28 4.87 -48.94
CA PRO C 355 3.16 5.85 -47.87
C PRO C 355 3.00 5.00 -46.60
N LEU C 356 4.04 4.91 -45.79
CA LEU C 356 4.21 3.86 -44.76
C LEU C 356 2.88 3.56 -44.06
N GLY C 357 2.35 4.48 -43.26
CA GLY C 357 1.12 4.24 -42.47
C GLY C 357 -0.06 3.73 -43.27
N ALA C 358 -0.19 4.08 -44.56
CA ALA C 358 -1.36 3.76 -45.40
C ALA C 358 -1.23 2.40 -46.11
N THR C 359 -0.04 1.79 -46.23
CA THR C 359 0.16 0.62 -47.13
C THR C 359 -0.67 -0.57 -46.65
N GLY C 360 -0.67 -0.87 -45.35
CA GLY C 360 -1.34 -2.07 -44.83
C GLY C 360 -2.81 -2.08 -45.22
N ALA C 361 -3.48 -0.96 -45.03
CA ALA C 361 -4.90 -0.79 -45.44
C ALA C 361 -5.00 -0.92 -46.96
N ARG C 362 -4.11 -0.29 -47.74
CA ARG C 362 -4.20 -0.43 -49.23
C ARG C 362 -4.08 -1.89 -49.63
N ILE C 363 -3.09 -2.64 -49.15
CA ILE C 363 -2.83 -3.99 -49.74
C ILE C 363 -3.94 -4.96 -49.27
N THR C 364 -4.41 -4.78 -48.04
CA THR C 364 -5.49 -5.63 -47.51
C THR C 364 -6.78 -5.34 -48.31
N GLY C 365 -7.17 -4.09 -48.38
CA GLY C 365 -8.28 -3.57 -49.21
C GLY C 365 -8.19 -4.06 -50.65
N LYS C 366 -7.05 -3.87 -51.29
CA LYS C 366 -6.86 -4.23 -52.72
C LYS C 366 -6.87 -5.75 -52.87
N ALA C 367 -6.27 -6.52 -51.94
CA ALA C 367 -6.34 -7.99 -52.01
C ALA C 367 -7.81 -8.45 -51.95
N ALA C 368 -8.60 -7.80 -51.12
CA ALA C 368 -10.02 -8.13 -50.93
C ALA C 368 -10.79 -7.79 -52.23
N ALA C 369 -10.57 -6.62 -52.79
CA ALA C 369 -11.26 -6.18 -54.03
C ALA C 369 -10.87 -7.07 -55.19
N LEU C 370 -9.59 -7.45 -55.28
CA LEU C 370 -9.08 -8.35 -56.36
C LEU C 370 -9.68 -9.74 -56.20
N LEU C 371 -9.83 -10.25 -54.97
CA LEU C 371 -10.48 -11.57 -54.70
C LEU C 371 -11.91 -11.58 -55.28
N ARG C 372 -12.70 -10.54 -55.02
CA ARG C 372 -14.08 -10.41 -55.53
C ARG C 372 -14.03 -10.27 -57.05
N ARG C 373 -13.15 -9.41 -57.58
CA ARG C 373 -13.12 -9.10 -59.03
C ARG C 373 -12.80 -10.39 -59.79
N THR C 374 -11.83 -11.18 -59.31
CA THR C 374 -11.31 -12.36 -60.05
C THR C 374 -12.15 -13.62 -59.79
N GLY C 375 -13.05 -13.62 -58.80
CA GLY C 375 -13.86 -14.80 -58.43
C GLY C 375 -13.03 -15.89 -57.74
N GLY C 376 -11.87 -15.57 -57.17
CA GLY C 376 -11.04 -16.53 -56.44
C GLY C 376 -11.62 -16.91 -55.10
N ARG C 377 -11.08 -17.95 -54.45
CA ARG C 377 -11.50 -18.45 -53.12
C ARG C 377 -10.73 -17.76 -51.98
N TYR C 378 -9.41 -17.61 -52.09
CA TYR C 378 -8.54 -17.16 -50.95
C TYR C 378 -7.47 -16.19 -51.45
N ALA C 379 -7.16 -15.17 -50.66
CA ALA C 379 -6.07 -14.22 -50.96
C ALA C 379 -5.26 -13.98 -49.67
N ILE C 380 -4.03 -13.50 -49.83
CA ILE C 380 -3.18 -13.08 -48.69
C ILE C 380 -2.64 -11.69 -49.02
N ALA C 381 -2.72 -10.81 -48.04
CA ALA C 381 -2.00 -9.53 -48.06
C ALA C 381 -0.92 -9.65 -46.99
N THR C 382 0.33 -9.31 -47.32
CA THR C 382 1.44 -9.46 -46.37
C THR C 382 2.50 -8.42 -46.66
N GLN C 383 3.25 -8.08 -45.62
CA GLN C 383 4.35 -7.11 -45.81
C GLN C 383 5.39 -7.21 -44.70
N CYS C 384 6.56 -6.68 -45.00
CA CYS C 384 7.69 -6.49 -44.07
C CYS C 384 7.50 -5.18 -43.32
N ILE C 385 8.19 -5.06 -42.21
CA ILE C 385 8.09 -3.90 -41.28
C ILE C 385 9.49 -3.61 -40.77
N ALA C 386 9.88 -2.35 -40.81
CA ALA C 386 11.11 -1.88 -40.16
C ALA C 386 11.13 -2.34 -38.70
N GLY C 387 12.31 -2.78 -38.24
CA GLY C 387 12.50 -3.25 -36.86
C GLY C 387 12.39 -4.75 -36.81
N GLY C 388 12.20 -5.38 -37.97
CA GLY C 388 12.13 -6.85 -38.09
C GLY C 388 10.74 -7.40 -37.72
N GLN C 389 9.72 -7.14 -38.52
CA GLN C 389 8.42 -7.80 -38.28
C GLN C 389 7.74 -8.03 -39.63
N GLY C 390 6.76 -8.93 -39.63
CA GLY C 390 5.86 -9.13 -40.78
C GLY C 390 4.42 -9.16 -40.29
N VAL C 391 3.48 -8.86 -41.17
CA VAL C 391 2.03 -9.01 -40.88
C VAL C 391 1.37 -9.64 -42.09
N ALA C 392 0.32 -10.40 -41.85
CA ALA C 392 -0.44 -10.99 -42.96
C ALA C 392 -1.90 -11.10 -42.56
N THR C 393 -2.73 -11.06 -43.59
CA THR C 393 -4.20 -11.20 -43.52
C THR C 393 -4.56 -12.21 -44.60
N LEU C 394 -5.33 -13.21 -44.21
CA LEU C 394 -5.82 -14.20 -45.18
C LEU C 394 -7.31 -13.94 -45.34
N LEU C 395 -7.73 -13.76 -46.60
CA LEU C 395 -9.11 -13.38 -46.98
C LEU C 395 -9.76 -14.53 -47.71
N GLU C 396 -11.07 -14.70 -47.50
CA GLU C 396 -11.87 -15.80 -48.12
C GLU C 396 -13.07 -15.16 -48.83
N ALA C 397 -13.41 -15.66 -50.02
CA ALA C 397 -14.62 -15.24 -50.75
C ALA C 397 -15.88 -15.48 -49.90
N VAL C 398 -16.83 -14.56 -49.97
CA VAL C 398 -18.18 -14.73 -49.36
C VAL C 398 -19.12 -15.31 -50.43
N GLU C 399 -19.85 -16.38 -50.08
CA GLU C 399 -20.94 -17.01 -50.88
C GLU C 399 -20.50 -18.44 -51.20
N SER D 22 18.60 22.12 30.98
CA SER D 22 17.41 22.68 30.25
C SER D 22 16.27 21.66 30.26
N PRO D 23 15.36 21.71 31.27
CA PRO D 23 14.26 20.74 31.35
C PRO D 23 13.24 20.93 30.20
N ILE D 24 12.66 19.82 29.72
CA ILE D 24 11.39 19.78 28.94
C ILE D 24 10.29 19.86 29.99
N SER D 25 9.21 20.57 29.71
CA SER D 25 8.05 20.71 30.62
C SER D 25 6.98 19.72 30.15
N VAL D 26 6.44 18.88 31.05
CA VAL D 26 5.35 17.91 30.70
C VAL D 26 4.08 18.42 31.35
N VAL D 27 3.00 18.48 30.57
CA VAL D 27 1.71 19.08 31.02
C VAL D 27 0.59 18.09 30.81
N ILE D 28 -0.49 18.31 31.54
CA ILE D 28 -1.82 17.76 31.23
C ILE D 28 -2.58 18.85 30.48
N ALA D 29 -3.01 18.56 29.24
CA ALA D 29 -3.67 19.52 28.33
C ALA D 29 -5.01 18.95 27.84
N GLY D 30 -5.57 18.02 28.62
CA GLY D 30 -6.88 17.45 28.33
C GLY D 30 -7.32 16.46 29.40
N TYR D 31 -8.61 16.52 29.77
CA TYR D 31 -9.20 15.55 30.74
C TYR D 31 -10.66 15.27 30.37
N ALA D 32 -10.95 14.00 30.07
CA ALA D 32 -12.30 13.49 29.77
C ALA D 32 -12.57 12.18 30.55
N ARG D 33 -13.85 11.92 30.82
CA ARG D 33 -14.22 10.62 31.42
C ARG D 33 -15.67 10.34 31.04
N SER D 34 -16.01 9.06 31.02
CA SER D 34 -17.43 8.66 31.04
C SER D 34 -18.05 9.16 32.36
N PRO D 35 -19.40 9.11 32.45
CA PRO D 35 -20.07 9.14 33.74
C PRO D 35 -19.64 7.82 34.40
N PHE D 36 -19.48 7.83 35.71
CA PHE D 36 -19.21 6.64 36.52
C PHE D 36 -20.55 6.10 37.07
N HIS D 37 -20.81 4.79 36.89
CA HIS D 37 -22.07 4.12 37.28
C HIS D 37 -21.80 2.87 38.15
N PHE D 38 -22.78 2.51 38.98
CA PHE D 38 -22.69 1.30 39.82
C PHE D 38 -22.49 0.12 38.89
N ALA D 39 -21.62 -0.80 39.27
CA ALA D 39 -21.50 -2.13 38.68
C ALA D 39 -22.85 -2.85 38.83
N ARG D 40 -23.24 -3.67 37.85
CA ARG D 40 -24.34 -4.65 37.95
C ARG D 40 -25.72 -3.95 37.87
N LYS D 41 -25.90 -2.79 38.51
CA LYS D 41 -27.25 -2.16 38.58
C LYS D 41 -27.24 -0.75 37.96
N GLY D 42 -26.09 -0.27 37.43
CA GLY D 42 -25.98 1.09 36.88
C GLY D 42 -26.23 1.15 35.38
N ALA D 43 -26.05 2.33 34.79
CA ALA D 43 -26.46 2.67 33.41
C ALA D 43 -25.48 2.16 32.33
N LEU D 44 -24.31 1.64 32.72
CA LEU D 44 -23.24 1.23 31.76
C LEU D 44 -23.07 -0.28 31.71
N VAL D 45 -24.01 -1.05 32.26
CA VAL D 45 -23.83 -2.53 32.41
C VAL D 45 -23.78 -3.16 31.02
N ASP D 46 -24.34 -2.53 29.98
CA ASP D 46 -24.46 -3.15 28.65
C ASP D 46 -23.27 -2.77 27.77
N ILE D 47 -22.35 -1.93 28.25
CA ILE D 47 -21.24 -1.41 27.40
C ILE D 47 -19.98 -2.22 27.69
N ARG D 48 -19.48 -2.97 26.69
CA ARG D 48 -18.16 -3.61 26.78
C ARG D 48 -17.12 -2.58 27.22
N PRO D 49 -16.16 -2.89 28.11
CA PRO D 49 -15.16 -1.90 28.52
C PRO D 49 -14.28 -1.38 27.37
N ASP D 50 -13.96 -2.19 26.35
CA ASP D 50 -13.16 -1.72 25.18
C ASP D 50 -13.96 -0.63 24.46
N ASP D 51 -15.27 -0.85 24.26
CA ASP D 51 -16.20 0.15 23.69
C ASP D 51 -16.29 1.40 24.58
N LEU D 52 -16.31 1.27 25.91
CA LEU D 52 -16.45 2.44 26.80
C LEU D 52 -15.14 3.27 26.72
N ALA D 53 -13.99 2.62 26.76
CA ALA D 53 -12.68 3.31 26.63
C ALA D 53 -12.60 4.07 25.28
N ALA D 54 -12.99 3.42 24.20
CA ALA D 54 -12.97 4.02 22.86
C ALA D 54 -13.79 5.31 22.84
N ALA D 55 -15.00 5.27 23.41
CA ALA D 55 -15.93 6.44 23.48
C ALA D 55 -15.25 7.62 24.16
N VAL D 56 -14.51 7.36 25.25
CA VAL D 56 -13.80 8.39 26.04
C VAL D 56 -12.58 8.91 25.26
N LEU D 57 -11.85 8.01 24.57
CA LEU D 57 -10.67 8.42 23.76
C LEU D 57 -11.17 9.38 22.70
N LYS D 58 -12.22 8.96 22.01
CA LYS D 58 -12.85 9.75 20.91
C LYS D 58 -13.35 11.09 21.48
N GLY D 59 -14.06 11.06 22.63
CA GLY D 59 -14.55 12.29 23.29
C GLY D 59 -13.43 13.26 23.60
N LEU D 60 -12.32 12.75 24.12
CA LEU D 60 -11.19 13.61 24.58
C LEU D 60 -10.70 14.38 23.36
N VAL D 61 -10.40 13.69 22.26
CA VAL D 61 -9.75 14.35 21.10
C VAL D 61 -10.77 15.27 20.41
N GLU D 62 -12.06 14.94 20.42
CA GLU D 62 -13.12 15.84 19.89
C GLU D 62 -13.28 17.10 20.78
N LYS D 63 -13.16 16.98 22.10
CA LYS D 63 -13.22 18.14 23.03
C LYS D 63 -12.07 19.09 22.69
N LEU D 64 -10.88 18.56 22.38
CA LEU D 64 -9.64 19.34 22.17
C LEU D 64 -9.59 19.78 20.71
N ASP D 65 -10.45 19.26 19.86
CA ASP D 65 -10.32 19.42 18.39
C ASP D 65 -8.91 19.00 17.97
N LEU D 66 -8.38 17.92 18.53
CA LEU D 66 -6.99 17.49 18.26
C LEU D 66 -7.01 16.32 17.28
N ASP D 67 -6.14 16.34 16.27
CA ASP D 67 -6.03 15.20 15.30
C ASP D 67 -5.32 14.06 16.03
N PRO D 68 -5.90 12.86 16.21
CA PRO D 68 -5.22 11.80 16.94
C PRO D 68 -3.96 11.28 16.25
N ALA D 69 -3.74 11.61 14.97
CA ALA D 69 -2.51 11.25 14.26
C ALA D 69 -1.31 11.93 14.93
N LEU D 70 -1.53 12.98 15.73
CA LEU D 70 -0.41 13.69 16.41
C LEU D 70 0.10 12.89 17.63
N LEU D 71 -0.65 11.88 18.06
CA LEU D 71 -0.38 11.13 19.32
C LEU D 71 0.67 10.07 19.04
N GLU D 72 1.61 9.90 19.98
CA GLU D 72 2.65 8.86 19.93
C GLU D 72 2.06 7.50 20.34
N ASP D 73 1.23 7.44 21.40
CA ASP D 73 0.90 6.16 22.08
C ASP D 73 -0.35 6.38 22.94
N VAL D 74 -1.12 5.34 23.11
CA VAL D 74 -2.25 5.28 24.06
C VAL D 74 -1.86 4.28 25.15
N VAL D 75 -1.80 4.70 26.39
CA VAL D 75 -1.44 3.85 27.54
C VAL D 75 -2.66 3.75 28.44
N MET D 76 -3.20 2.53 28.50
CA MET D 76 -4.50 2.23 29.14
C MET D 76 -4.28 1.45 30.45
N GLY D 77 -4.62 2.07 31.57
CA GLY D 77 -4.70 1.44 32.89
C GLY D 77 -5.87 0.47 32.95
N CYS D 78 -5.70 -0.69 33.57
CA CYS D 78 -6.81 -1.68 33.73
C CYS D 78 -6.42 -2.70 34.79
N ALA D 79 -7.21 -2.87 35.87
CA ALA D 79 -6.81 -3.75 37.00
C ALA D 79 -6.89 -5.22 36.56
N TYR D 80 -7.83 -5.58 35.69
CA TYR D 80 -8.06 -6.97 35.27
C TYR D 80 -8.06 -7.09 33.74
N PRO D 81 -6.88 -7.04 33.11
CA PRO D 81 -6.81 -6.99 31.65
C PRO D 81 -7.00 -8.38 31.07
N GLU D 82 -8.24 -8.87 31.15
CA GLU D 82 -8.60 -10.22 30.62
C GLU D 82 -10.03 -10.22 30.05
N ALA D 83 -10.36 -11.21 29.20
CA ALA D 83 -11.71 -11.40 28.64
C ALA D 83 -12.09 -10.13 27.86
N GLU D 84 -13.16 -9.41 28.20
CA GLU D 84 -13.55 -8.17 27.47
C GLU D 84 -12.52 -7.04 27.69
N GLN D 85 -11.69 -7.16 28.73
CA GLN D 85 -10.57 -6.21 28.98
C GLN D 85 -9.23 -6.78 28.47
N GLY D 86 -9.27 -7.87 27.71
CA GLY D 86 -8.07 -8.54 27.19
C GLY D 86 -7.61 -7.96 25.86
N MET D 87 -6.64 -8.66 25.28
CA MET D 87 -6.07 -8.51 23.91
C MET D 87 -5.43 -7.13 23.76
N ASN D 88 -4.86 -6.59 24.83
CA ASN D 88 -4.23 -5.23 24.84
C ASN D 88 -5.31 -4.16 24.58
N ILE D 89 -6.16 -3.95 25.58
CA ILE D 89 -7.35 -3.09 25.48
C ILE D 89 -6.93 -1.69 25.03
N ALA D 90 -5.74 -1.22 25.40
CA ALA D 90 -5.29 0.08 24.86
C ALA D 90 -5.41 0.12 23.34
N ARG D 91 -4.86 -0.89 22.67
CA ARG D 91 -4.80 -0.93 21.18
C ARG D 91 -6.21 -1.19 20.62
N ILE D 92 -6.96 -2.10 21.22
CA ILE D 92 -8.37 -2.37 20.78
C ILE D 92 -9.21 -1.08 20.87
N ALA D 93 -9.18 -0.38 22.00
CA ALA D 93 -9.96 0.85 22.22
C ALA D 93 -9.53 1.89 21.18
N SER D 94 -8.21 1.92 20.90
CA SER D 94 -7.64 2.89 19.95
C SER D 94 -8.25 2.65 18.56
N PHE D 95 -8.21 1.40 18.07
CA PHE D 95 -8.84 1.02 16.79
C PHE D 95 -10.34 1.34 16.84
N ARG D 96 -11.02 1.02 17.94
CA ARG D 96 -12.50 1.13 18.02
C ARG D 96 -12.90 2.62 17.98
N ALA D 97 -12.05 3.49 18.50
CA ALA D 97 -12.24 4.95 18.48
C ALA D 97 -11.93 5.57 17.09
N GLY D 98 -11.42 4.77 16.15
CA GLY D 98 -11.07 5.20 14.79
C GLY D 98 -9.72 5.91 14.76
N PHE D 99 -8.83 5.69 15.72
CA PHE D 99 -7.48 6.30 15.66
C PHE D 99 -6.61 5.57 14.66
N PRO D 100 -5.64 6.29 14.05
CA PRO D 100 -4.72 5.71 13.10
C PRO D 100 -3.86 4.58 13.67
N GLN D 101 -3.50 3.66 12.79
CA GLN D 101 -2.66 2.50 13.16
C GLN D 101 -1.28 2.96 13.60
N SER D 102 -0.83 4.17 13.22
CA SER D 102 0.51 4.73 13.50
C SER D 102 0.75 4.88 15.02
N LEU D 103 -0.30 4.93 15.83
CA LEU D 103 -0.15 5.08 17.29
C LEU D 103 0.34 3.76 17.91
N GLY D 104 1.09 3.86 18.99
CA GLY D 104 1.26 2.75 19.93
C GLY D 104 0.05 2.56 20.82
N GLY D 105 0.02 1.41 21.45
CA GLY D 105 -1.00 1.05 22.46
C GLY D 105 -0.41 0.05 23.43
N ALA D 106 -0.52 0.33 24.72
CA ALA D 106 -0.03 -0.55 25.80
C ALA D 106 -0.97 -0.47 27.00
N THR D 107 -1.20 -1.62 27.63
CA THR D 107 -2.08 -1.76 28.80
C THR D 107 -1.21 -1.92 30.05
N LEU D 108 -1.55 -1.19 31.10
CA LEU D 108 -0.75 -1.16 32.36
C LEU D 108 -1.63 -1.55 33.52
N ASN D 109 -1.13 -2.45 34.35
CA ASN D 109 -1.81 -2.93 35.57
C ASN D 109 -0.92 -2.61 36.76
N ARG D 110 -1.34 -1.61 37.54
CA ARG D 110 -0.95 -1.43 38.95
C ARG D 110 -2.24 -1.28 39.76
N PHE D 111 -3.19 -2.20 39.52
CA PHE D 111 -4.58 -2.29 40.07
C PHE D 111 -5.22 -0.89 40.14
N CYS D 112 -5.52 -0.42 41.37
CA CYS D 112 -6.24 0.84 41.66
C CYS D 112 -5.48 2.04 41.04
N GLY D 113 -4.18 1.94 40.93
CA GLY D 113 -3.36 3.08 40.46
C GLY D 113 -2.93 2.93 39.01
N SER D 114 -3.41 1.94 38.28
CA SER D 114 -2.97 1.65 36.88
C SER D 114 -2.89 2.92 36.03
N SER D 115 -3.94 3.74 35.99
CA SER D 115 -3.98 4.87 35.03
C SER D 115 -3.18 6.06 35.57
N MET D 116 -2.83 6.12 36.86
CA MET D 116 -1.85 7.15 37.29
C MET D 116 -0.48 6.71 36.82
N SER D 117 -0.17 5.41 36.88
CA SER D 117 1.13 4.94 36.34
C SER D 117 1.15 5.17 34.82
N ALA D 118 0.01 5.14 34.13
CA ALA D 118 -0.07 5.47 32.68
C ALA D 118 0.36 6.93 32.45
N VAL D 119 -0.07 7.86 33.31
CA VAL D 119 0.40 9.27 33.25
C VAL D 119 1.94 9.31 33.44
N HIS D 120 2.47 8.59 34.47
CA HIS D 120 3.91 8.58 34.80
C HIS D 120 4.70 8.05 33.60
N TYR D 121 4.22 6.98 32.97
CA TYR D 121 4.88 6.35 31.78
C TYR D 121 4.99 7.41 30.70
N ALA D 122 3.86 8.04 30.39
CA ALA D 122 3.74 9.04 29.30
C ALA D 122 4.67 10.23 29.59
N ALA D 123 4.70 10.73 30.82
CA ALA D 123 5.55 11.88 31.21
C ALA D 123 7.02 11.50 31.01
N GLY D 124 7.43 10.28 31.38
CA GLY D 124 8.82 9.86 31.15
C GLY D 124 9.17 9.79 29.65
N GLN D 125 8.25 9.31 28.82
CA GLN D 125 8.48 9.21 27.36
C GLN D 125 8.59 10.63 26.79
N VAL D 126 7.82 11.59 27.28
CA VAL D 126 8.00 13.01 26.82
C VAL D 126 9.43 13.48 27.14
N LEU D 127 9.91 13.22 28.35
CA LEU D 127 11.27 13.60 28.83
C LEU D 127 12.34 12.91 27.97
N LEU D 128 12.16 11.65 27.62
CA LEU D 128 13.13 10.88 26.83
C LEU D 128 13.17 11.41 25.39
N GLY D 129 12.28 12.31 25.00
CA GLY D 129 12.11 12.78 23.61
C GLY D 129 11.63 11.66 22.71
N ALA D 130 10.84 10.75 23.28
CA ALA D 130 10.27 9.59 22.58
C ALA D 130 8.80 9.85 22.26
N GLY D 131 8.49 10.97 21.61
CA GLY D 131 7.12 11.45 21.35
C GLY D 131 6.80 12.70 22.15
N GLU D 132 5.86 13.50 21.69
CA GLU D 132 5.51 14.78 22.37
C GLU D 132 4.08 14.74 22.94
N ALA D 133 3.20 13.82 22.51
CA ALA D 133 1.78 13.80 22.91
C ALA D 133 1.31 12.35 23.11
N PHE D 134 0.66 12.07 24.24
CA PHE D 134 0.19 10.73 24.62
C PHE D 134 -1.23 10.83 25.15
N ILE D 135 -1.98 9.77 25.03
CA ILE D 135 -3.15 9.62 25.93
C ILE D 135 -2.79 8.64 27.06
N ALA D 136 -2.98 9.11 28.29
CA ALA D 136 -2.87 8.30 29.52
C ALA D 136 -4.30 8.11 30.01
N ALA D 137 -4.83 6.88 29.89
CA ALA D 137 -6.26 6.56 30.20
C ALA D 137 -6.35 5.32 31.05
N GLY D 138 -7.57 5.03 31.48
CA GLY D 138 -7.90 3.78 32.16
C GLY D 138 -9.34 3.42 31.99
N VAL D 139 -9.64 2.15 32.21
CA VAL D 139 -11.03 1.66 32.11
C VAL D 139 -11.21 0.55 33.12
N GLU D 140 -12.41 0.44 33.67
CA GLU D 140 -12.81 -0.81 34.34
C GLU D 140 -14.30 -0.99 34.09
N SER D 141 -14.73 -2.16 33.61
CA SER D 141 -16.13 -2.60 33.73
C SER D 141 -16.20 -3.66 34.83
N MET D 142 -16.35 -3.24 36.08
CA MET D 142 -16.46 -4.15 37.24
C MET D 142 -17.78 -4.97 37.10
N THR D 143 -18.71 -4.51 36.25
CA THR D 143 -19.84 -5.36 35.80
C THR D 143 -19.32 -6.55 35.02
N ARG D 144 -18.50 -6.35 33.97
CA ARG D 144 -18.33 -7.38 32.91
C ARG D 144 -17.02 -8.16 33.08
N VAL D 145 -16.14 -7.70 33.95
CA VAL D 145 -14.98 -8.49 34.42
C VAL D 145 -14.96 -8.44 35.94
N PRO D 146 -15.13 -9.58 36.62
CA PRO D 146 -15.32 -9.57 38.06
C PRO D 146 -13.97 -9.33 38.72
N MET D 147 -13.96 -8.73 39.92
CA MET D 147 -12.74 -8.58 40.73
C MET D 147 -12.16 -9.98 40.98
N GLY D 148 -10.84 -10.12 40.74
CA GLY D 148 -10.06 -11.35 40.86
C GLY D 148 -9.87 -12.02 39.51
N GLY D 149 -10.61 -11.56 38.49
CA GLY D 149 -10.57 -12.17 37.17
C GLY D 149 -11.36 -13.46 37.16
N PHE D 150 -11.31 -14.16 36.04
CA PHE D 150 -12.05 -15.43 35.85
C PHE D 150 -11.23 -16.60 36.38
N ASN D 151 -9.92 -16.47 36.54
CA ASN D 151 -9.11 -17.64 36.95
C ASN D 151 -8.16 -17.24 38.08
N LEU D 152 -8.69 -16.62 39.12
CA LEU D 152 -7.90 -16.31 40.34
C LEU D 152 -7.06 -17.54 40.76
N SER D 153 -5.75 -17.42 40.74
CA SER D 153 -4.83 -18.52 41.10
C SER D 153 -3.77 -18.01 42.05
N PRO D 154 -4.03 -17.93 43.38
CA PRO D 154 -3.03 -17.42 44.32
C PRO D 154 -1.77 -18.29 44.41
N ASN D 155 -0.59 -17.67 44.46
CA ASN D 155 0.72 -18.37 44.55
C ASN D 155 0.71 -19.25 45.81
N PRO D 156 0.77 -20.59 45.66
CA PRO D 156 0.65 -21.48 46.82
C PRO D 156 1.70 -21.19 47.90
N ALA D 157 2.96 -20.92 47.51
CA ALA D 157 4.06 -20.59 48.46
C ALA D 157 3.72 -19.32 49.27
N LEU D 158 3.21 -18.27 48.63
CA LEU D 158 2.84 -17.01 49.31
C LEU D 158 1.61 -17.22 50.20
N LEU D 159 0.64 -18.06 49.81
CA LEU D 159 -0.52 -18.42 50.69
C LEU D 159 0.01 -18.94 52.05
N GLN D 160 1.07 -19.76 52.02
CA GLN D 160 1.79 -20.31 53.20
C GLN D 160 2.63 -19.24 53.89
N ASP D 161 3.60 -18.68 53.16
CA ASP D 161 4.68 -17.81 53.71
C ASP D 161 4.14 -16.42 54.04
N TYR D 162 3.22 -15.89 53.26
CA TYR D 162 2.90 -14.44 53.25
C TYR D 162 1.44 -14.22 52.79
N PRO D 163 0.44 -14.78 53.52
CA PRO D 163 -0.96 -14.70 53.11
C PRO D 163 -1.50 -13.27 52.95
N ALA D 164 -0.96 -12.30 53.70
CA ALA D 164 -1.37 -10.88 53.62
C ALA D 164 -1.36 -10.38 52.16
N VAL D 165 -0.51 -10.94 51.30
CA VAL D 165 -0.42 -10.57 49.86
C VAL D 165 -1.81 -10.67 49.22
N TYR D 166 -2.62 -11.66 49.62
CA TYR D 166 -3.95 -11.89 49.05
C TYR D 166 -5.04 -11.44 50.01
N MET D 167 -4.72 -10.58 50.98
CA MET D 167 -5.71 -10.05 51.94
C MET D 167 -6.79 -9.30 51.16
N SER D 168 -8.04 -9.45 51.59
CA SER D 168 -9.19 -8.71 51.03
C SER D 168 -9.00 -7.22 51.34
N MET D 169 -9.43 -6.34 50.44
CA MET D 169 -9.31 -4.87 50.62
C MET D 169 -10.09 -4.47 51.87
N GLY D 170 -11.27 -5.06 52.08
CA GLY D 170 -12.08 -4.74 53.27
C GLY D 170 -11.33 -5.03 54.56
N GLN D 171 -10.64 -6.19 54.65
CA GLN D 171 -9.85 -6.52 55.85
C GLN D 171 -8.74 -5.46 56.02
N THR D 172 -8.04 -5.04 54.94
CA THR D 172 -6.99 -3.97 55.06
C THR D 172 -7.67 -2.68 55.58
N ALA D 173 -8.91 -2.39 55.15
CA ALA D 173 -9.62 -1.16 55.58
C ALA D 173 -9.87 -1.20 57.09
N GLU D 174 -10.21 -2.37 57.61
CA GLU D 174 -10.46 -2.61 59.07
C GLU D 174 -9.14 -2.51 59.81
N ASN D 175 -8.09 -3.13 59.27
CA ASN D 175 -6.72 -3.02 59.85
C ASN D 175 -6.38 -1.56 60.06
N VAL D 176 -6.70 -0.70 59.09
CA VAL D 176 -6.28 0.72 59.13
C VAL D 176 -7.18 1.43 60.16
N ALA D 177 -8.47 1.12 60.17
CA ALA D 177 -9.44 1.73 61.12
C ALA D 177 -8.95 1.47 62.57
N GLU D 178 -8.49 0.24 62.83
CA GLU D 178 -7.99 -0.22 64.16
C GLU D 178 -6.68 0.49 64.50
N ARG D 179 -5.70 0.42 63.60
CA ARG D 179 -4.29 0.81 63.89
C ARG D 179 -4.16 2.34 63.87
N TYR D 180 -4.89 3.03 62.99
CA TYR D 180 -4.86 4.52 62.89
C TYR D 180 -6.04 5.15 63.63
N ALA D 181 -6.87 4.36 64.34
CA ALA D 181 -7.92 4.90 65.25
C ALA D 181 -8.86 5.81 64.46
N VAL D 182 -9.47 5.29 63.40
CA VAL D 182 -10.53 6.02 62.66
C VAL D 182 -11.86 5.39 63.04
N SER D 183 -12.65 6.06 63.87
CA SER D 183 -13.96 5.55 64.31
C SER D 183 -14.89 5.46 63.11
N ARG D 184 -15.87 4.57 63.23
CA ARG D 184 -17.00 4.44 62.30
C ARG D 184 -17.70 5.78 62.07
N VAL D 185 -17.83 6.65 63.09
CA VAL D 185 -18.52 7.97 62.97
C VAL D 185 -17.67 8.90 62.10
N GLU D 186 -16.37 8.98 62.39
CA GLU D 186 -15.38 9.75 61.60
C GLU D 186 -15.44 9.30 60.13
N GLN D 187 -15.56 8.01 59.86
CA GLN D 187 -15.67 7.45 58.49
C GLN D 187 -16.98 7.94 57.86
N GLU D 188 -18.09 7.88 58.62
CA GLU D 188 -19.43 8.33 58.17
C GLU D 188 -19.44 9.82 57.89
N GLU D 189 -18.72 10.63 58.68
CA GLU D 189 -18.61 12.09 58.45
C GLU D 189 -17.97 12.36 57.09
N MET D 190 -17.00 11.53 56.67
CA MET D 190 -16.32 11.67 55.34
C MET D 190 -17.31 11.26 54.24
N ALA D 191 -18.03 10.15 54.41
CA ALA D 191 -19.12 9.74 53.51
C ALA D 191 -20.10 10.90 53.31
N VAL D 192 -20.48 11.60 54.40
CA VAL D 192 -21.48 12.70 54.30
C VAL D 192 -20.87 13.80 53.43
N ARG D 193 -19.66 14.27 53.79
CA ARG D 193 -19.04 15.44 53.11
C ARG D 193 -18.76 15.02 51.65
N SER D 194 -18.45 13.75 51.37
CA SER D 194 -18.02 13.36 50.00
C SER D 194 -19.24 13.52 49.07
N HIS D 195 -20.34 12.90 49.43
CA HIS D 195 -21.64 12.99 48.71
C HIS D 195 -22.10 14.46 48.60
N ALA D 196 -22.06 15.26 49.67
CA ALA D 196 -22.50 16.67 49.71
C ALA D 196 -21.67 17.50 48.73
N LYS D 197 -20.34 17.28 48.74
CA LYS D 197 -19.39 17.98 47.84
C LYS D 197 -19.70 17.56 46.40
N ALA D 198 -20.04 16.29 46.14
CA ALA D 198 -20.33 15.78 44.77
C ALA D 198 -21.62 16.42 44.27
N VAL D 199 -22.60 16.57 45.17
CA VAL D 199 -23.92 17.16 44.81
C VAL D 199 -23.70 18.63 44.47
N ALA D 200 -22.95 19.38 45.28
CA ALA D 200 -22.68 20.81 45.01
C ALA D 200 -22.06 20.95 43.62
N ALA D 201 -20.99 20.19 43.34
CA ALA D 201 -20.31 20.22 42.02
C ALA D 201 -21.33 19.88 40.92
N ARG D 202 -22.01 18.75 41.03
CA ARG D 202 -22.92 18.28 39.97
C ARG D 202 -24.01 19.32 39.75
N GLU D 203 -24.53 19.92 40.81
CA GLU D 203 -25.68 20.87 40.74
C GLU D 203 -25.25 22.18 40.09
N ALA D 204 -23.98 22.56 40.20
CA ALA D 204 -23.45 23.81 39.63
C ALA D 204 -22.96 23.62 38.16
N GLY D 205 -23.13 22.42 37.58
CA GLY D 205 -22.66 22.04 36.24
C GLY D 205 -21.14 21.85 36.18
N LEU D 206 -20.48 21.75 37.35
CA LEU D 206 -19.00 21.67 37.47
C LEU D 206 -18.48 20.26 37.17
N LEU D 207 -19.32 19.25 36.99
CA LEU D 207 -18.85 17.92 36.49
C LEU D 207 -19.10 17.76 34.98
N ARG D 208 -19.83 18.67 34.33
CA ARG D 208 -20.33 18.42 32.95
C ARG D 208 -19.19 18.45 31.93
N GLU D 209 -18.24 19.37 32.06
CA GLU D 209 -17.18 19.62 31.05
C GLU D 209 -16.26 18.39 30.92
N GLU D 210 -15.93 17.73 32.03
CA GLU D 210 -15.04 16.54 32.04
C GLU D 210 -15.74 15.32 31.44
N ILE D 211 -17.07 15.29 31.41
CA ILE D 211 -17.84 14.08 31.03
C ILE D 211 -18.03 13.99 29.51
N VAL D 212 -17.79 12.79 28.98
CA VAL D 212 -18.21 12.35 27.62
C VAL D 212 -19.45 11.50 27.79
N ALA D 213 -20.59 11.94 27.22
CA ALA D 213 -21.86 11.18 27.30
C ALA D 213 -21.66 9.88 26.53
N ILE D 214 -22.26 8.79 26.96
CA ILE D 214 -22.10 7.46 26.31
C ILE D 214 -23.44 7.01 25.77
N ASP D 215 -23.48 6.48 24.55
CA ASP D 215 -24.75 5.90 24.02
C ASP D 215 -24.90 4.47 24.56
N THR D 216 -26.08 4.11 25.06
CA THR D 216 -26.38 2.75 25.56
C THR D 216 -27.65 2.25 24.88
N PRO D 217 -27.87 0.93 24.84
CA PRO D 217 -29.15 0.41 24.36
C PRO D 217 -30.32 1.18 24.99
N ALA D 218 -30.21 1.55 26.26
CA ALA D 218 -31.27 2.21 27.06
C ALA D 218 -31.38 3.70 26.76
N GLY D 219 -30.45 4.30 26.01
CA GLY D 219 -30.40 5.76 25.77
C GLY D 219 -29.07 6.38 26.16
N ARG D 220 -28.94 7.70 26.05
CA ARG D 220 -27.67 8.46 26.25
C ARG D 220 -27.44 8.68 27.75
N VAL D 221 -26.29 8.24 28.28
CA VAL D 221 -25.92 8.43 29.72
C VAL D 221 -24.95 9.61 29.82
N ALA D 222 -25.35 10.69 30.50
CA ALA D 222 -24.52 11.91 30.54
C ALA D 222 -24.21 12.28 31.99
N GLU D 223 -24.86 11.63 32.96
CA GLU D 223 -24.75 12.01 34.41
C GLU D 223 -24.16 10.85 35.22
N ASP D 224 -23.34 11.19 36.22
CA ASP D 224 -22.80 10.22 37.20
C ASP D 224 -23.95 9.52 37.92
N GLY D 225 -23.80 8.23 38.23
CA GLY D 225 -24.84 7.39 38.84
C GLY D 225 -24.61 7.10 40.32
N CYS D 226 -23.42 7.31 40.89
CA CYS D 226 -23.10 6.73 42.23
C CYS D 226 -23.39 7.75 43.35
N ILE D 227 -23.71 9.00 43.02
CA ILE D 227 -23.92 10.09 44.02
C ILE D 227 -25.25 9.79 44.76
N ARG D 228 -25.28 9.87 46.08
CA ARG D 228 -26.47 9.56 46.92
C ARG D 228 -26.76 10.81 47.75
N PRO D 229 -27.50 11.76 47.16
CA PRO D 229 -27.74 13.05 47.80
C PRO D 229 -28.54 12.91 49.11
N GLY D 230 -28.20 13.70 50.13
CA GLY D 230 -28.80 13.61 51.48
C GLY D 230 -28.32 12.36 52.22
N THR D 231 -27.18 11.78 51.84
CA THR D 231 -26.42 10.79 52.66
C THR D 231 -26.15 11.48 54.01
N ASN D 232 -26.50 10.87 55.14
CA ASN D 232 -26.47 11.60 56.45
C ASN D 232 -26.11 10.67 57.61
N LEU D 233 -25.56 11.26 58.69
CA LEU D 233 -24.94 10.55 59.86
C LEU D 233 -25.97 9.56 60.39
N GLU D 234 -27.21 10.02 60.61
CA GLU D 234 -28.29 9.23 61.27
C GLU D 234 -28.58 7.95 60.48
N SER D 235 -28.68 8.05 59.16
CA SER D 235 -29.04 6.91 58.27
C SER D 235 -27.83 5.97 58.06
N LEU D 236 -26.62 6.54 57.99
CA LEU D 236 -25.36 5.75 57.80
C LEU D 236 -25.18 4.85 59.02
N ALA D 237 -25.38 5.42 60.22
CA ALA D 237 -25.18 4.79 61.55
C ALA D 237 -26.10 3.58 61.71
N GLN D 238 -27.13 3.44 60.86
CA GLN D 238 -28.12 2.33 60.96
C GLN D 238 -27.68 1.17 60.06
N LEU D 239 -26.65 1.32 59.22
CA LEU D 239 -26.19 0.23 58.30
C LEU D 239 -25.35 -0.80 59.07
N LYS D 240 -25.33 -2.04 58.58
CA LYS D 240 -24.61 -3.19 59.21
C LYS D 240 -23.15 -3.22 58.75
N PRO D 241 -22.17 -3.44 59.67
CA PRO D 241 -20.76 -3.58 59.30
C PRO D 241 -20.61 -4.49 58.07
N ALA D 242 -19.65 -4.21 57.17
CA ALA D 242 -19.38 -5.08 56.00
C ALA D 242 -18.28 -6.10 56.33
N PHE D 243 -17.37 -5.81 57.27
CA PHE D 243 -16.13 -6.62 57.47
C PHE D 243 -15.92 -6.94 58.95
N GLY D 244 -17.03 -7.13 59.66
CA GLY D 244 -17.06 -7.45 61.09
C GLY D 244 -16.42 -6.37 61.93
N GLY D 245 -16.47 -5.11 61.48
CA GLY D 245 -15.82 -4.00 62.19
C GLY D 245 -16.56 -2.68 62.06
N SER D 246 -15.82 -1.60 61.81
CA SER D 246 -16.28 -0.19 61.73
C SER D 246 -16.71 0.17 60.30
N VAL D 247 -16.20 -0.54 59.28
CA VAL D 247 -16.42 -0.25 57.83
C VAL D 247 -17.79 -0.80 57.44
N THR D 248 -18.51 -0.04 56.61
CA THR D 248 -19.80 -0.39 55.98
C THR D 248 -19.69 -0.21 54.46
N ALA D 249 -20.57 -0.86 53.69
CA ALA D 249 -20.84 -0.52 52.27
C ALA D 249 -20.67 0.98 52.03
N ALA D 250 -21.25 1.86 52.86
CA ALA D 250 -21.32 3.31 52.60
C ALA D 250 -19.99 4.04 52.83
N THR D 251 -19.07 3.49 53.62
CA THR D 251 -17.73 4.08 53.88
C THR D 251 -16.68 3.34 53.02
N SER D 252 -17.11 2.52 52.07
CA SER D 252 -16.30 1.82 51.04
C SER D 252 -16.70 2.39 49.69
N SER D 253 -15.73 2.64 48.80
CA SER D 253 -16.05 2.98 47.39
C SER D 253 -16.94 1.88 46.81
N PRO D 254 -17.87 2.22 45.92
CA PRO D 254 -18.62 1.20 45.20
C PRO D 254 -17.90 0.48 44.06
N LEU D 255 -18.38 -0.71 43.72
CA LEU D 255 -18.07 -1.39 42.45
C LEU D 255 -18.62 -0.47 41.36
N THR D 256 -17.76 -0.04 40.44
CA THR D 256 -18.08 1.00 39.44
C THR D 256 -17.65 0.58 38.02
N ASP D 257 -18.39 1.07 37.03
CA ASP D 257 -18.06 1.03 35.58
C ASP D 257 -17.68 2.45 35.16
N GLY D 258 -16.63 2.64 34.35
CA GLY D 258 -16.14 4.00 34.04
C GLY D 258 -14.84 3.96 33.27
N SER D 259 -14.55 5.04 32.54
CA SER D 259 -13.25 5.19 31.85
C SER D 259 -12.89 6.66 31.91
N ALA D 260 -11.60 6.97 31.98
CA ALA D 260 -11.09 8.35 32.03
C ALA D 260 -9.84 8.43 31.14
N ALA D 261 -9.58 9.59 30.55
CA ALA D 261 -8.41 9.73 29.67
C ALA D 261 -7.85 11.14 29.83
N LEU D 262 -6.53 11.27 29.77
CA LEU D 262 -5.82 12.56 29.82
C LEU D 262 -4.98 12.71 28.58
N LEU D 263 -4.75 13.96 28.15
CA LEU D 263 -3.68 14.32 27.18
C LEU D 263 -2.47 14.75 27.98
N VAL D 264 -1.39 13.97 27.88
CA VAL D 264 -0.08 14.22 28.54
C VAL D 264 0.88 14.55 27.40
N CYS D 265 1.50 15.71 27.44
CA CYS D 265 2.23 16.21 26.25
C CYS D 265 3.24 17.25 26.71
N SER D 266 4.21 17.57 25.84
CA SER D 266 5.19 18.62 26.18
C SER D 266 4.43 19.96 26.23
N GLU D 267 4.88 20.89 27.06
CA GLU D 267 4.31 22.26 27.03
C GLU D 267 4.42 22.83 25.61
N ASP D 268 5.56 22.64 24.93
CA ASP D 268 5.75 23.16 23.54
C ASP D 268 4.64 22.62 22.64
N PHE D 269 4.25 21.36 22.75
CA PHE D 269 3.18 20.75 21.92
C PHE D 269 1.84 21.42 22.24
N ALA D 270 1.54 21.65 23.52
CA ALA D 270 0.26 22.29 23.96
C ALA D 270 0.19 23.71 23.36
N ARG D 271 1.25 24.52 23.51
CA ARG D 271 1.29 25.91 22.99
C ARG D 271 1.12 25.86 21.48
N ARG D 272 1.88 25.01 20.77
CA ARG D 272 1.90 24.95 19.28
C ARG D 272 0.49 24.68 18.76
N HIS D 273 -0.32 23.87 19.47
CA HIS D 273 -1.68 23.50 19.03
C HIS D 273 -2.79 24.33 19.71
N GLY D 274 -2.46 25.39 20.45
CA GLY D 274 -3.47 26.24 21.10
C GLY D 274 -4.37 25.43 22.03
N LEU D 275 -3.79 24.47 22.74
CA LEU D 275 -4.49 23.73 23.82
C LEU D 275 -4.34 24.45 25.16
N VAL D 276 -5.45 24.61 25.86
CA VAL D 276 -5.51 25.08 27.27
C VAL D 276 -4.80 24.06 28.15
N ILE D 277 -3.80 24.51 28.87
CA ILE D 277 -3.02 23.62 29.77
C ILE D 277 -3.73 23.64 31.13
N LEU D 278 -3.99 22.48 31.71
CA LEU D 278 -4.63 22.40 33.04
C LEU D 278 -3.54 22.57 34.09
N ALA D 279 -2.43 21.84 33.99
CA ALA D 279 -1.33 21.89 34.97
C ALA D 279 -0.06 21.26 34.39
N ARG D 280 1.07 21.61 34.98
CA ARG D 280 2.40 21.02 34.72
C ARG D 280 2.53 19.82 35.66
N ILE D 281 3.02 18.70 35.15
CA ILE D 281 3.48 17.60 36.04
C ILE D 281 4.84 17.97 36.59
N LYS D 282 4.95 18.25 37.88
CA LYS D 282 6.19 18.71 38.54
C LYS D 282 6.92 17.54 39.18
N ALA D 283 6.25 16.51 39.69
CA ALA D 283 6.96 15.35 40.28
C ALA D 283 6.01 14.16 40.30
N VAL D 284 6.58 12.98 40.31
CA VAL D 284 5.76 11.72 40.32
C VAL D 284 6.41 10.74 41.30
N ALA D 285 5.65 9.79 41.82
CA ALA D 285 6.19 8.76 42.71
C ALA D 285 5.28 7.52 42.74
N VAL D 286 5.95 6.41 42.99
CA VAL D 286 5.34 5.19 43.54
C VAL D 286 6.08 4.87 44.83
N ALA D 287 5.41 4.18 45.75
CA ALA D 287 5.99 3.70 47.02
C ALA D 287 5.27 2.43 47.44
N GLY D 288 6.04 1.41 47.77
CA GLY D 288 5.47 0.20 48.35
C GLY D 288 5.18 0.40 49.82
N CYS D 289 4.21 -0.33 50.36
CA CYS D 289 3.92 -0.45 51.81
C CYS D 289 3.43 -1.88 52.12
N ALA D 290 3.22 -2.19 53.39
CA ALA D 290 2.63 -3.47 53.86
C ALA D 290 1.26 -3.72 53.21
N PRO D 291 1.07 -4.86 52.52
CA PRO D 291 -0.21 -5.15 51.90
C PRO D 291 -1.36 -5.11 52.91
N GLU D 292 -1.10 -5.53 54.16
CA GLU D 292 -2.16 -5.67 55.20
C GLU D 292 -2.74 -4.29 55.55
N ILE D 293 -2.03 -3.20 55.29
CA ILE D 293 -2.58 -1.82 55.44
C ILE D 293 -2.36 -1.06 54.12
N MET D 294 -2.62 -1.68 52.97
CA MET D 294 -2.39 -1.09 51.62
C MET D 294 -2.98 0.34 51.56
N GLY D 295 -4.06 0.64 52.29
CA GLY D 295 -4.70 1.98 52.33
C GLY D 295 -3.76 3.12 52.73
N MET D 296 -2.61 2.85 53.33
CA MET D 296 -1.65 3.93 53.73
C MET D 296 -0.65 4.24 52.63
N GLY D 297 -0.73 3.57 51.47
CA GLY D 297 0.12 3.85 50.29
C GLY D 297 0.35 5.34 50.03
N PRO D 298 -0.69 6.21 50.05
CA PRO D 298 -0.50 7.62 49.76
C PRO D 298 0.49 8.36 50.64
N VAL D 299 0.78 7.86 51.85
CA VAL D 299 1.63 8.66 52.76
C VAL D 299 3.04 8.74 52.15
N GLN D 300 3.72 7.62 51.95
CA GLN D 300 5.10 7.60 51.40
C GLN D 300 5.12 8.16 49.96
N ALA D 301 4.10 7.90 49.15
CA ALA D 301 4.05 8.40 47.74
C ALA D 301 3.97 9.92 47.74
N THR D 302 3.18 10.49 48.65
CA THR D 302 3.01 11.95 48.75
C THR D 302 4.31 12.57 49.26
N ARG D 303 4.92 11.97 50.28
CA ARG D 303 6.19 12.46 50.87
C ARG D 303 7.26 12.43 49.79
N LYS D 304 7.25 11.42 48.90
CA LYS D 304 8.25 11.37 47.81
C LYS D 304 8.05 12.56 46.88
N VAL D 305 6.83 12.85 46.39
CA VAL D 305 6.66 13.92 45.35
C VAL D 305 6.97 15.28 46.01
N LEU D 306 6.62 15.45 47.29
CA LEU D 306 6.95 16.71 48.01
C LEU D 306 8.46 16.88 48.04
N GLN D 307 9.16 15.82 48.49
CA GLN D 307 10.65 15.88 48.60
C GLN D 307 11.22 16.16 47.20
N ARG D 308 10.71 15.49 46.17
CA ARG D 308 11.28 15.66 44.80
C ARG D 308 11.00 17.07 44.29
N ALA D 309 9.87 17.66 44.67
CA ALA D 309 9.44 19.00 44.18
C ALA D 309 10.08 20.09 45.05
N GLY D 310 10.72 19.73 46.16
CA GLY D 310 11.22 20.70 47.15
C GLY D 310 10.11 21.49 47.84
N LEU D 311 9.01 20.83 48.17
CA LEU D 311 7.79 21.50 48.69
C LEU D 311 7.39 20.80 49.98
N GLY D 312 6.60 21.48 50.80
CA GLY D 312 6.00 20.95 52.04
C GLY D 312 4.49 20.84 51.87
N ILE D 313 3.79 20.14 52.76
CA ILE D 313 2.31 20.04 52.71
C ILE D 313 1.71 21.47 52.78
N ALA D 314 2.37 22.38 53.50
CA ALA D 314 1.97 23.81 53.64
C ALA D 314 1.78 24.45 52.26
N ASP D 315 2.54 24.03 51.23
CA ASP D 315 2.57 24.61 49.87
C ASP D 315 1.38 24.17 49.01
N ILE D 316 0.65 23.11 49.40
CA ILE D 316 -0.31 22.41 48.50
C ILE D 316 -1.73 22.98 48.64
N ASP D 317 -2.28 23.51 47.54
CA ASP D 317 -3.60 24.20 47.54
C ASP D 317 -4.73 23.18 47.67
N LEU D 318 -4.66 22.06 46.94
CA LEU D 318 -5.75 21.04 47.02
C LEU D 318 -5.18 19.66 46.70
N VAL D 319 -5.87 18.64 47.19
CA VAL D 319 -5.45 17.22 47.03
C VAL D 319 -6.65 16.45 46.50
N GLU D 320 -6.41 15.62 45.50
CA GLU D 320 -7.35 14.53 45.18
C GLU D 320 -6.74 13.28 45.82
N ILE D 321 -7.31 12.78 46.90
CA ILE D 321 -6.87 11.47 47.48
C ILE D 321 -8.01 10.51 47.27
N ASN D 322 -7.75 9.39 46.59
CA ASN D 322 -8.84 8.45 46.27
C ASN D 322 -9.49 7.94 47.56
N GLU D 323 -10.82 7.91 47.57
CA GLU D 323 -11.57 7.41 48.75
C GLU D 323 -11.87 5.92 48.53
N ALA D 324 -10.86 5.05 48.47
CA ALA D 324 -11.10 3.59 48.40
C ALA D 324 -11.91 3.19 49.65
N PHE D 325 -11.49 3.70 50.80
CA PHE D 325 -12.17 3.51 52.12
C PHE D 325 -12.04 4.83 52.90
N ALA D 326 -13.12 5.26 53.54
CA ALA D 326 -13.10 6.41 54.46
C ALA D 326 -11.97 6.18 55.48
N SER D 327 -11.80 4.97 56.00
CA SER D 327 -10.75 4.72 57.03
C SER D 327 -9.35 5.12 56.51
N GLN D 328 -8.92 4.58 55.37
CA GLN D 328 -7.55 4.84 54.88
C GLN D 328 -7.43 6.29 54.43
N SER D 329 -8.44 6.85 53.73
CA SER D 329 -8.39 8.27 53.30
C SER D 329 -8.17 9.15 54.53
N ILE D 330 -8.99 9.00 55.59
CA ILE D 330 -8.86 9.84 56.80
C ILE D 330 -7.46 9.61 57.38
N ALA D 331 -7.05 8.34 57.53
CA ALA D 331 -5.76 7.98 58.19
C ALA D 331 -4.61 8.65 57.43
N CYS D 332 -4.60 8.62 56.09
CA CYS D 332 -3.56 9.28 55.26
C CYS D 332 -3.59 10.80 55.46
N ILE D 333 -4.76 11.40 55.37
CA ILE D 333 -4.95 12.88 55.51
C ILE D 333 -4.36 13.35 56.86
N ARG D 334 -4.65 12.63 57.94
CA ARG D 334 -4.09 12.96 59.29
C ARG D 334 -2.58 12.79 59.30
N GLU D 335 -2.10 11.66 58.76
CA GLU D 335 -0.65 11.31 58.77
C GLU D 335 0.13 12.40 58.04
N LEU D 336 -0.40 12.92 56.92
CA LEU D 336 0.22 13.99 56.11
C LEU D 336 -0.08 15.38 56.68
N GLY D 337 -1.03 15.51 57.60
CA GLY D 337 -1.29 16.82 58.25
C GLY D 337 -2.04 17.74 57.31
N LEU D 338 -2.90 17.18 56.47
CA LEU D 338 -3.63 17.95 55.43
C LEU D 338 -4.91 18.48 56.04
N ASP D 339 -5.29 19.70 55.66
CA ASP D 339 -6.61 20.27 56.01
C ASP D 339 -7.65 19.54 55.15
N MET D 340 -8.63 18.91 55.82
CA MET D 340 -9.73 18.19 55.14
C MET D 340 -10.45 19.14 54.16
N ASP D 341 -10.50 20.45 54.44
CA ASP D 341 -11.20 21.42 53.56
C ASP D 341 -10.53 21.47 52.17
N ARG D 342 -9.28 21.01 52.06
CA ARG D 342 -8.50 21.06 50.79
C ARG D 342 -8.55 19.75 50.01
N ILE D 343 -9.34 18.76 50.44
CA ILE D 343 -9.41 17.37 49.92
C ILE D 343 -10.66 17.21 49.06
N ASN D 344 -10.50 16.63 47.87
CA ASN D 344 -11.59 16.14 47.00
C ASN D 344 -12.68 17.22 46.85
N LEU D 345 -12.30 18.38 46.32
CA LEU D 345 -13.17 19.60 46.31
C LEU D 345 -14.55 19.28 45.75
N ASP D 346 -14.64 18.51 44.66
CA ASP D 346 -15.90 18.25 43.95
C ASP D 346 -16.38 16.85 44.28
N GLY D 347 -16.08 16.33 45.48
CA GLY D 347 -16.51 14.99 45.86
C GLY D 347 -15.38 14.00 45.71
N GLY D 348 -15.50 12.86 46.36
CA GLY D 348 -14.52 11.75 46.23
C GLY D 348 -15.17 10.47 45.81
N ALA D 349 -14.36 9.41 45.67
CA ALA D 349 -14.79 8.10 45.13
C ALA D 349 -16.00 7.53 45.88
N LEU D 350 -16.19 7.85 47.16
CA LEU D 350 -17.37 7.29 47.89
C LEU D 350 -18.62 7.64 47.08
N ALA D 351 -18.65 8.88 46.57
CA ALA D 351 -19.80 9.48 45.84
C ALA D 351 -19.65 9.27 44.33
N ILE D 352 -18.46 9.52 43.76
CA ILE D 352 -18.24 9.52 42.28
C ILE D 352 -18.08 8.08 41.76
N GLY D 353 -17.51 7.16 42.56
CA GLY D 353 -17.24 5.81 42.07
C GLY D 353 -15.76 5.56 41.90
N HIS D 354 -15.39 4.28 41.73
CA HIS D 354 -13.98 3.82 41.71
C HIS D 354 -13.85 2.64 40.76
N PRO D 355 -13.93 2.85 39.42
CA PRO D 355 -13.72 1.79 38.45
C PRO D 355 -12.20 1.67 38.40
N LEU D 356 -11.65 0.62 39.01
CA LEU D 356 -10.21 0.55 39.38
C LEU D 356 -9.28 1.15 38.31
N GLY D 357 -9.22 0.56 37.12
CA GLY D 357 -8.27 0.98 36.05
C GLY D 357 -8.38 2.45 35.68
N ALA D 358 -9.55 3.08 35.88
CA ALA D 358 -9.82 4.45 35.40
C ALA D 358 -9.57 5.50 36.48
N THR D 359 -9.42 5.12 37.75
CA THR D 359 -9.41 6.10 38.86
C THR D 359 -8.17 6.99 38.79
N GLY D 360 -6.99 6.45 38.52
CA GLY D 360 -5.77 7.27 38.53
C GLY D 360 -5.85 8.40 37.53
N ALA D 361 -6.34 8.14 36.33
CA ALA D 361 -6.51 9.19 35.29
C ALA D 361 -7.57 10.20 35.75
N ARG D 362 -8.70 9.76 36.31
CA ARG D 362 -9.74 10.71 36.84
C ARG D 362 -9.12 11.65 37.89
N ILE D 363 -8.46 11.12 38.91
CA ILE D 363 -8.08 11.98 40.07
C ILE D 363 -6.91 12.91 39.65
N THR D 364 -5.99 12.43 38.83
CA THR D 364 -4.92 13.26 38.26
C THR D 364 -5.54 14.36 37.38
N GLY D 365 -6.37 13.98 36.44
CA GLY D 365 -7.11 14.89 35.53
C GLY D 365 -7.92 15.88 36.33
N LYS D 366 -8.74 15.39 37.27
CA LYS D 366 -9.61 16.29 38.05
C LYS D 366 -8.74 17.24 38.88
N ALA D 367 -7.67 16.77 39.52
CA ALA D 367 -6.79 17.62 40.34
C ALA D 367 -6.21 18.75 39.47
N ALA D 368 -5.83 18.44 38.23
CA ALA D 368 -5.29 19.44 37.28
C ALA D 368 -6.39 20.46 36.93
N ALA D 369 -7.60 20.01 36.61
CA ALA D 369 -8.76 20.87 36.24
C ALA D 369 -9.12 21.77 37.42
N LEU D 370 -9.14 21.22 38.64
CA LEU D 370 -9.44 21.99 39.87
C LEU D 370 -8.34 23.01 40.11
N LEU D 371 -7.07 22.67 39.86
CA LEU D 371 -5.95 23.62 40.07
C LEU D 371 -6.15 24.85 39.18
N ARG D 372 -6.53 24.63 37.92
CA ARG D 372 -6.79 25.71 36.96
C ARG D 372 -8.05 26.48 37.38
N ARG D 373 -9.16 25.81 37.65
CA ARG D 373 -10.44 26.48 37.99
C ARG D 373 -10.26 27.34 39.26
N THR D 374 -9.52 26.89 40.28
CA THR D 374 -9.46 27.55 41.62
C THR D 374 -8.33 28.59 41.72
N GLY D 375 -7.41 28.63 40.75
CA GLY D 375 -6.30 29.61 40.71
C GLY D 375 -5.20 29.26 41.68
N GLY D 376 -5.09 28.01 42.12
CA GLY D 376 -4.01 27.58 43.03
C GLY D 376 -2.69 27.43 42.30
N ARG D 377 -1.61 27.29 43.08
CA ARG D 377 -0.22 27.08 42.58
C ARG D 377 0.07 25.58 42.41
N TYR D 378 -0.28 24.75 43.40
CA TYR D 378 0.16 23.33 43.49
C TYR D 378 -0.97 22.42 43.94
N ALA D 379 -1.04 21.24 43.34
CA ALA D 379 -2.01 20.21 43.73
C ALA D 379 -1.29 18.85 43.79
N ILE D 380 -1.90 17.91 44.52
CA ILE D 380 -1.47 16.49 44.56
C ILE D 380 -2.66 15.60 44.28
N ALA D 381 -2.44 14.64 43.39
CA ALA D 381 -3.31 13.46 43.21
C ALA D 381 -2.56 12.25 43.73
N THR D 382 -3.22 11.43 44.55
CA THR D 382 -2.59 10.29 45.25
C THR D 382 -3.64 9.23 45.57
N GLN D 383 -3.20 7.99 45.66
CA GLN D 383 -4.11 6.89 45.98
C GLN D 383 -3.36 5.64 46.45
N CYS D 384 -4.11 4.77 47.10
CA CYS D 384 -3.65 3.47 47.59
C CYS D 384 -3.88 2.44 46.48
N ILE D 385 -3.20 1.33 46.59
CA ILE D 385 -3.20 0.27 45.58
C ILE D 385 -3.18 -1.07 46.32
N ALA D 386 -4.12 -1.93 45.96
CA ALA D 386 -4.11 -3.36 46.34
C ALA D 386 -2.70 -3.96 46.18
N GLY D 387 -2.26 -4.77 47.16
CA GLY D 387 -0.92 -5.37 47.14
C GLY D 387 0.08 -4.51 47.90
N GLY D 388 -0.36 -3.40 48.49
CA GLY D 388 0.47 -2.46 49.27
C GLY D 388 1.34 -1.53 48.42
N GLN D 389 0.72 -0.61 47.69
CA GLN D 389 1.47 0.44 47.00
C GLN D 389 0.69 1.75 47.11
N GLY D 390 1.39 2.85 46.89
CA GLY D 390 0.80 4.18 46.70
C GLY D 390 1.33 4.78 45.42
N VAL D 391 0.59 5.72 44.85
CA VAL D 391 1.10 6.54 43.72
C VAL D 391 0.70 7.99 43.98
N ALA D 392 1.53 8.92 43.53
CA ALA D 392 1.27 10.38 43.67
C ALA D 392 1.81 11.11 42.46
N THR D 393 1.08 12.16 42.09
CA THR D 393 1.44 13.14 41.08
C THR D 393 1.34 14.52 41.71
N LEU D 394 2.38 15.32 41.59
CA LEU D 394 2.30 16.71 42.10
C LEU D 394 2.22 17.62 40.87
N LEU D 395 1.25 18.54 40.88
CA LEU D 395 0.90 19.39 39.72
C LEU D 395 1.23 20.82 40.06
N GLU D 396 1.63 21.61 39.08
CA GLU D 396 1.97 23.05 39.27
C GLU D 396 1.14 23.87 38.27
N ALA D 397 0.62 25.03 38.66
CA ALA D 397 -0.12 25.88 37.70
C ALA D 397 0.88 26.39 36.64
N VAL D 398 0.44 26.50 35.39
CA VAL D 398 1.27 27.09 34.29
C VAL D 398 1.05 28.61 34.29
N GLU D 399 2.11 29.40 34.52
CA GLU D 399 2.07 30.89 34.56
C GLU D 399 1.74 31.42 33.16
C1 GOL E . 5.07 -16.26 0.10
O1 GOL E . 4.52 -17.24 0.99
C2 GOL E . 6.37 -16.71 -0.52
O2 GOL E . 6.15 -17.96 -1.20
C3 GOL E . 6.96 -15.69 -1.45
O3 GOL E . 8.11 -16.20 -2.12
C1 GOL F . 25.58 -10.51 32.27
O1 GOL F . 24.49 -11.26 31.76
C2 GOL F . 25.80 -10.74 33.76
O2 GOL F . 26.17 -12.10 33.99
C3 GOL F . 24.59 -10.42 34.62
O3 GOL F . 24.20 -9.06 34.45
C1 GOL G . -17.43 25.71 -11.09
O1 GOL G . -16.03 25.45 -11.07
C2 GOL G . -18.05 25.73 -9.70
O2 GOL G . -17.22 26.42 -8.77
C3 GOL G . -18.38 24.36 -9.18
O3 GOL G . -19.54 24.38 -8.36
#